data_7JSF
#
_entry.id   7JSF
#
_cell.length_a   1.00
_cell.length_b   1.00
_cell.length_c   1.00
_cell.angle_alpha   90.00
_cell.angle_beta   90.00
_cell.angle_gamma   90.00
#
_symmetry.space_group_name_H-M   'P 1'
#
loop_
_entity.id
_entity.type
_entity.pdbx_description
1 polymer 'Protein Rep68'
2 polymer "DNA (5'-D(P*TP*TP*TP*T)-3')"
#
loop_
_entity_poly.entity_id
_entity_poly.type
_entity_poly.pdbx_seq_one_letter_code
_entity_poly.pdbx_strand_id
1 'polypeptide(L)'
;GPPGFYEIVIKVPSDLDEHLPGISDSFVNWVAEKEWELPPDSDMDLNLIEQAPLTVAEKLQRDFLTEWRRVSKAPEALFF
VQFEKGESYFHMHVLVETTGVKSMVLGRFLSQIREKLIQRIYRGIEPTLPNWFAVTKTRNGAGGGNKVVDESYIPNYLLP
KTQPELQWAWTNMEQYLSACLNLTERKRLVAQHLTHVSQTQEQNKENQNPNSDAPVIRSKTSARYMELVGWLVDKGITSE
KQWIQEDQASYISFNAASNSRSQIKAALDNAGKIMSLTKTAPDYLVGQQPVEDISSNRIYKILELNGYDPQYAASVFLGW
ATKKFGKRNTIWLFGPATTGKTNIAEAIAHTVPFYGCVNWTNENFPFNDCVDKMVIWWEEGKMTAKVVESAKAILGGSKV
RVDQKCKSSAQIDPTPVIVTSNTNMCAVIDGNSTTFEHQQPLQDRMFKFELTRRLDHDFGKVTKQEVKDFFRWAKDHVVE
VEHEFYVKKGGAKKRPAPSDADISEPKRVRESVAQPSTSDAEASINYADRLARGHSL
;
A,B,C,D,E,F,G
2 'polydeoxyribonucleotide' (DT)(DT)(DT)(DT) H
#
loop_
_chem_comp.id
_chem_comp.type
_chem_comp.name
_chem_comp.formula
DT DNA linking THYMIDINE-5'-MONOPHOSPHATE 'C10 H15 N2 O8 P'
#
# COMPACT_ATOMS: atom_id res chain seq x y z
N VAL A 216 14.16 35.88 5.07
CA VAL A 216 13.07 35.51 5.98
C VAL A 216 11.79 36.23 5.56
N ILE A 217 10.66 35.58 5.79
CA ILE A 217 9.36 36.16 5.44
C ILE A 217 8.67 36.76 6.66
N ARG A 218 8.68 36.04 7.78
CA ARG A 218 8.05 36.47 9.02
C ARG A 218 6.58 36.76 8.82
N SER A 219 5.74 35.73 8.83
CA SER A 219 4.31 35.90 8.63
C SER A 219 3.63 36.39 9.90
N LYS A 220 2.65 35.64 10.39
CA LYS A 220 1.92 36.01 11.60
C LYS A 220 1.62 34.80 12.46
N THR A 221 0.78 33.89 11.97
CA THR A 221 0.41 32.71 12.73
C THR A 221 1.64 31.86 13.06
N SER A 222 2.56 31.73 12.10
CA SER A 222 3.80 31.00 12.36
C SER A 222 4.60 31.64 13.49
N ALA A 223 4.51 32.97 13.62
CA ALA A 223 5.17 33.64 14.74
C ALA A 223 4.64 33.15 16.07
N ARG A 224 3.35 32.81 16.12
CA ARG A 224 2.78 32.22 17.34
C ARG A 224 3.49 30.92 17.71
N TYR A 225 3.94 30.16 16.71
CA TYR A 225 4.72 28.96 16.98
C TYR A 225 5.96 29.28 17.81
N MET A 226 6.57 30.44 17.57
CA MET A 226 7.72 30.86 18.37
C MET A 226 7.35 30.93 19.85
N GLU A 227 6.14 31.42 20.15
CA GLU A 227 5.66 31.41 21.53
C GLU A 227 5.62 29.99 22.08
N LEU A 228 5.14 29.05 21.27
CA LEU A 228 5.15 27.64 21.68
C LEU A 228 6.58 27.17 21.98
N VAL A 229 7.56 27.71 21.26
CA VAL A 229 8.96 27.37 21.54
C VAL A 229 9.29 27.68 23.00
N GLY A 230 8.79 28.81 23.51
CA GLY A 230 8.97 29.11 24.92
C GLY A 230 8.44 28.00 25.81
N TRP A 231 7.23 27.51 25.52
CA TRP A 231 6.71 26.36 26.25
C TRP A 231 7.62 25.15 26.09
N LEU A 232 8.18 24.97 24.88
CA LEU A 232 9.10 23.87 24.64
C LEU A 232 10.36 23.99 25.48
N VAL A 233 10.68 25.20 25.97
CA VAL A 233 11.79 25.40 26.87
C VAL A 233 11.32 25.82 28.25
N ASP A 234 10.01 25.69 28.53
CA ASP A 234 9.49 26.06 29.85
C ASP A 234 9.62 24.91 30.83
N LYS A 235 9.00 23.77 30.52
CA LYS A 235 9.05 22.60 31.37
C LYS A 235 9.63 21.37 30.68
N GLY A 236 9.97 21.46 29.40
CA GLY A 236 10.52 20.34 28.68
C GLY A 236 9.48 19.29 28.33
N ILE A 237 8.98 19.33 27.10
CA ILE A 237 7.95 18.41 26.62
C ILE A 237 8.49 17.70 25.39
N THR A 238 8.50 16.38 25.42
CA THR A 238 8.96 15.56 24.31
C THR A 238 7.82 14.84 23.61
N SER A 239 7.05 14.03 24.34
CA SER A 239 5.94 13.30 23.75
C SER A 239 4.66 14.11 23.84
N GLU A 240 3.58 13.50 24.32
CA GLU A 240 2.30 14.17 24.45
C GLU A 240 1.66 14.06 25.83
N LYS A 241 2.06 13.07 26.65
CA LYS A 241 1.47 12.95 27.97
C LYS A 241 1.79 14.15 28.85
N GLN A 242 3.04 14.62 28.81
CA GLN A 242 3.40 15.81 29.57
C GLN A 242 2.69 17.05 29.04
N TRP A 243 2.53 17.13 27.72
CA TRP A 243 1.82 18.27 27.14
C TRP A 243 0.36 18.28 27.56
N ILE A 244 -0.26 17.11 27.70
CA ILE A 244 -1.65 17.05 28.16
C ILE A 244 -1.72 17.38 29.65
N GLN A 245 -0.78 16.86 30.44
CA GLN A 245 -0.79 17.10 31.87
C GLN A 245 -0.43 18.54 32.23
N GLU A 246 0.20 19.28 31.31
CA GLU A 246 0.56 20.67 31.57
C GLU A 246 -0.68 21.54 31.66
N ASP A 247 -1.17 22.03 30.52
CA ASP A 247 -2.34 22.88 30.50
C ASP A 247 -3.09 22.67 29.19
N GLN A 248 -4.39 22.91 29.23
CA GLN A 248 -5.25 22.74 28.05
C GLN A 248 -5.38 24.02 27.24
N ALA A 249 -4.81 25.13 27.70
CA ALA A 249 -4.87 26.37 26.92
C ALA A 249 -4.09 26.24 25.62
N SER A 250 -2.98 25.51 25.62
CA SER A 250 -2.22 25.29 24.40
C SER A 250 -3.05 24.52 23.38
N TYR A 251 -3.75 23.47 23.83
CA TYR A 251 -4.62 22.72 22.93
C TYR A 251 -5.78 23.57 22.45
N ILE A 252 -6.32 24.43 23.31
CA ILE A 252 -7.41 25.32 22.89
C ILE A 252 -6.92 26.25 21.79
N SER A 253 -5.73 26.84 21.97
CA SER A 253 -5.17 27.72 20.96
C SER A 253 -4.87 26.98 19.66
N PHE A 254 -4.38 25.74 19.77
CA PHE A 254 -4.09 24.96 18.58
C PHE A 254 -5.37 24.61 17.81
N ASN A 255 -6.43 24.27 18.53
CA ASN A 255 -7.70 23.98 17.88
C ASN A 255 -8.33 25.23 17.28
N ALA A 256 -8.13 26.39 17.91
CA ALA A 256 -8.65 27.63 17.36
C ALA A 256 -7.86 28.08 16.13
N ALA A 257 -6.56 27.74 16.07
CA ALA A 257 -5.74 28.10 14.93
C ALA A 257 -6.02 27.17 13.75
N SER A 258 -5.14 26.19 13.54
CA SER A 258 -5.28 25.23 12.46
C SER A 258 -5.47 23.84 13.03
N ASN A 259 -6.37 23.08 12.43
CA ASN A 259 -6.67 21.72 12.89
C ASN A 259 -5.98 20.68 12.01
N SER A 260 -4.66 20.63 12.09
CA SER A 260 -3.88 19.68 11.31
C SER A 260 -3.04 18.79 12.20
N ARG A 261 -1.90 18.33 11.69
CA ARG A 261 -1.00 17.48 12.44
C ARG A 261 0.41 17.52 11.87
N SER A 262 0.59 18.31 10.82
CA SER A 262 1.90 18.44 10.18
C SER A 262 2.79 19.43 10.91
N GLN A 263 2.30 20.66 11.12
CA GLN A 263 3.15 21.69 11.71
C GLN A 263 3.47 21.39 13.17
N ILE A 264 2.50 20.87 13.92
CA ILE A 264 2.75 20.56 15.34
C ILE A 264 3.71 19.39 15.46
N LYS A 265 3.60 18.39 14.59
CA LYS A 265 4.54 17.28 14.62
C LYS A 265 5.94 17.75 14.23
N ALA A 266 6.04 18.64 13.24
CA ALA A 266 7.33 19.18 12.86
C ALA A 266 7.98 19.95 14.01
N ALA A 267 7.19 20.80 14.67
CA ALA A 267 7.71 21.53 15.82
C ALA A 267 8.13 20.59 16.93
N LEU A 268 7.36 19.52 17.16
CA LEU A 268 7.68 18.57 18.22
C LEU A 268 9.00 17.86 17.93
N ASP A 269 9.17 17.35 16.71
CA ASP A 269 10.42 16.65 16.39
C ASP A 269 11.61 17.61 16.36
N ASN A 270 11.39 18.86 15.92
CA ASN A 270 12.48 19.83 15.95
C ASN A 270 12.91 20.14 17.38
N ALA A 271 11.94 20.33 18.28
CA ALA A 271 12.28 20.58 19.68
C ALA A 271 12.96 19.37 20.31
N GLY A 272 12.51 18.17 19.95
CA GLY A 272 13.17 16.97 20.47
C GLY A 272 14.61 16.86 20.00
N LYS A 273 14.85 17.10 18.71
CA LYS A 273 16.21 17.06 18.19
C LYS A 273 17.07 18.13 18.82
N ILE A 274 16.51 19.33 19.04
CA ILE A 274 17.28 20.40 19.68
C ILE A 274 17.66 20.02 21.10
N MET A 275 16.70 19.50 21.86
CA MET A 275 16.97 19.10 23.24
C MET A 275 17.91 17.90 23.31
N SER A 276 17.95 17.06 22.29
CA SER A 276 18.85 15.91 22.30
C SER A 276 20.25 16.25 21.82
N LEU A 277 20.41 17.26 20.97
CA LEU A 277 21.71 17.61 20.42
C LEU A 277 22.36 18.81 21.08
N THR A 278 21.62 19.58 21.88
CA THR A 278 22.20 20.78 22.50
C THR A 278 21.86 20.85 23.99
N LYS A 279 20.57 20.85 24.31
CA LYS A 279 20.15 20.99 25.70
C LYS A 279 20.54 19.76 26.52
N THR A 280 20.66 19.97 27.83
CA THR A 280 21.03 18.90 28.75
C THR A 280 19.91 18.64 29.74
N ALA A 281 20.24 18.12 30.92
CA ALA A 281 19.27 17.81 31.94
C ALA A 281 19.21 18.89 33.03
N PRO A 282 20.34 19.27 33.65
CA PRO A 282 20.26 20.29 34.71
C PRO A 282 19.74 21.63 34.22
N ASP A 283 19.93 21.95 32.93
CA ASP A 283 19.39 23.18 32.38
C ASP A 283 17.87 23.21 32.45
N TYR A 284 17.22 22.06 32.53
CA TYR A 284 15.78 21.97 32.69
C TYR A 284 15.37 21.75 34.14
N LEU A 285 16.31 21.85 35.08
CA LEU A 285 16.02 21.66 36.50
C LEU A 285 16.20 22.92 37.33
N VAL A 286 16.71 24.00 36.74
CA VAL A 286 16.91 25.25 37.47
C VAL A 286 15.56 25.93 37.67
N GLY A 287 15.24 26.22 38.93
CA GLY A 287 13.97 26.86 39.22
C GLY A 287 13.96 28.32 38.79
N GLN A 288 12.75 28.82 38.51
CA GLN A 288 12.56 30.20 38.08
C GLN A 288 11.93 31.09 39.14
N GLN A 289 11.27 30.51 40.14
CA GLN A 289 10.64 31.29 41.20
C GLN A 289 11.50 31.26 42.44
N PRO A 290 12.02 32.40 42.90
CA PRO A 290 12.86 32.41 44.10
C PRO A 290 12.06 32.17 45.37
N VAL A 291 11.74 30.92 45.66
CA VAL A 291 10.98 30.59 46.86
C VAL A 291 11.89 30.55 48.08
N GLU A 292 12.88 29.65 48.07
CA GLU A 292 13.84 29.49 49.16
C GLU A 292 13.13 29.20 50.49
N ASP A 293 12.42 28.08 50.51
CA ASP A 293 11.66 27.65 51.69
C ASP A 293 12.01 26.19 51.96
N ILE A 294 12.76 25.95 53.04
CA ILE A 294 13.16 24.59 53.40
C ILE A 294 12.06 23.84 54.12
N SER A 295 11.01 24.52 54.59
CA SER A 295 9.93 23.84 55.30
C SER A 295 8.99 23.12 54.33
N SER A 296 8.73 23.73 53.18
CA SER A 296 7.85 23.11 52.19
C SER A 296 8.51 21.95 51.45
N ASN A 297 9.84 21.87 51.47
CA ASN A 297 10.58 20.80 50.81
C ASN A 297 10.40 19.52 51.62
N ARG A 298 9.49 18.65 51.17
CA ARG A 298 9.21 17.42 51.91
C ARG A 298 10.30 16.38 51.75
N ILE A 299 11.03 16.38 50.63
CA ILE A 299 12.08 15.40 50.43
C ILE A 299 13.31 15.70 51.28
N TYR A 300 13.39 16.90 51.85
CA TYR A 300 14.51 17.22 52.73
C TYR A 300 14.42 16.46 54.04
N LYS A 301 13.21 16.11 54.48
CA LYS A 301 13.07 15.33 55.70
C LYS A 301 13.68 13.94 55.55
N ILE A 302 13.56 13.35 54.36
CA ILE A 302 14.17 12.04 54.12
C ILE A 302 15.68 12.13 54.23
N LEU A 303 16.27 13.19 53.66
CA LEU A 303 17.71 13.36 53.71
C LEU A 303 18.20 13.63 55.13
N GLU A 304 17.42 14.41 55.90
CA GLU A 304 17.81 14.70 57.28
C GLU A 304 17.58 13.50 58.21
N LEU A 305 16.71 12.57 57.81
CA LEU A 305 16.49 11.38 58.63
C LEU A 305 17.50 10.28 58.30
N ASN A 306 17.90 10.19 57.03
CA ASN A 306 18.89 9.19 56.65
C ASN A 306 20.29 9.51 57.16
N GLY A 307 20.52 10.76 57.58
CA GLY A 307 21.82 11.15 58.09
C GLY A 307 22.68 11.84 57.05
N TYR A 308 22.05 12.68 56.22
CA TYR A 308 22.74 13.41 55.16
C TYR A 308 22.74 14.89 55.48
N ASP A 309 23.88 15.53 55.23
CA ASP A 309 23.99 16.96 55.47
C ASP A 309 23.20 17.74 54.41
N PRO A 310 22.48 18.79 54.80
CA PRO A 310 21.71 19.56 53.81
C PRO A 310 22.58 20.23 52.76
N GLN A 311 23.84 20.51 53.07
CA GLN A 311 24.76 21.14 52.13
C GLN A 311 25.82 20.17 51.65
N TYR A 312 25.41 18.92 51.38
CA TYR A 312 26.34 17.89 50.91
C TYR A 312 25.77 17.19 49.69
N ALA A 313 24.72 16.39 49.89
CA ALA A 313 24.11 15.67 48.77
C ALA A 313 23.55 16.61 47.72
N ALA A 314 23.14 17.82 48.13
CA ALA A 314 22.67 18.81 47.18
C ALA A 314 23.74 19.13 46.14
N SER A 315 24.91 19.58 46.62
CA SER A 315 26.02 19.86 45.71
C SER A 315 26.49 18.58 45.02
N VAL A 316 26.33 17.43 45.68
CA VAL A 316 26.72 16.16 45.05
C VAL A 316 25.93 15.93 43.77
N PHE A 317 24.60 15.97 43.85
CA PHE A 317 23.83 15.76 42.62
C PHE A 317 23.86 16.98 41.70
N LEU A 318 24.20 18.16 42.22
CA LEU A 318 24.43 19.30 41.34
C LEU A 318 25.64 19.06 40.43
N GLY A 319 26.75 18.61 41.02
CA GLY A 319 27.90 18.25 40.21
C GLY A 319 27.68 17.02 39.36
N TRP A 320 26.83 16.11 39.83
CA TRP A 320 26.51 14.92 39.04
C TRP A 320 25.70 15.27 37.80
N ALA A 321 24.78 16.23 37.92
CA ALA A 321 23.94 16.60 36.79
C ALA A 321 24.68 17.53 35.82
N THR A 322 25.41 18.50 36.35
CA THR A 322 26.14 19.46 35.52
C THR A 322 27.48 18.94 35.02
N LYS A 323 27.82 17.68 35.32
CA LYS A 323 29.08 17.07 34.88
C LYS A 323 30.28 17.89 35.37
N LYS A 324 30.30 18.17 36.67
CA LYS A 324 31.39 18.95 37.26
C LYS A 324 32.58 18.08 37.64
N PHE A 325 32.33 16.94 38.29
CA PHE A 325 33.43 16.07 38.69
C PHE A 325 34.06 15.38 37.49
N GLY A 326 33.26 15.01 36.51
CA GLY A 326 33.75 14.33 35.31
C GLY A 326 33.86 12.83 35.44
N LYS A 327 34.61 12.35 36.42
CA LYS A 327 34.79 10.93 36.66
C LYS A 327 33.72 10.34 37.57
N ARG A 328 33.43 11.02 38.68
CA ARG A 328 32.40 10.56 39.62
C ARG A 328 31.03 11.09 39.19
N ASN A 329 30.54 10.53 38.08
CA ASN A 329 29.27 10.91 37.50
C ASN A 329 28.21 9.84 37.73
N THR A 330 28.20 9.21 38.90
CA THR A 330 27.25 8.16 39.21
C THR A 330 26.89 8.23 40.69
N ILE A 331 25.60 8.12 40.99
CA ILE A 331 25.09 8.14 42.36
C ILE A 331 24.34 6.84 42.58
N TRP A 332 24.82 6.03 43.51
CA TRP A 332 24.21 4.74 43.83
C TRP A 332 23.51 4.84 45.17
N LEU A 333 22.25 4.40 45.21
CA LEU A 333 21.45 4.42 46.43
C LEU A 333 21.35 3.02 47.01
N PHE A 334 21.54 2.89 48.31
CA PHE A 334 21.48 1.61 49.00
C PHE A 334 20.52 1.71 50.19
N GLY A 335 19.80 0.62 50.46
CA GLY A 335 18.87 0.58 51.55
C GLY A 335 17.72 -0.38 51.29
N PRO A 336 16.74 -0.39 52.19
CA PRO A 336 15.60 -1.29 52.00
C PRO A 336 14.69 -0.81 50.88
N ALA A 337 13.94 -1.75 50.33
CA ALA A 337 13.02 -1.46 49.23
C ALA A 337 11.73 -0.79 49.70
N THR A 338 11.48 -0.74 51.00
CA THR A 338 10.27 -0.13 51.55
C THR A 338 10.47 1.35 51.89
N THR A 339 11.57 1.95 51.45
CA THR A 339 11.81 3.37 51.73
C THR A 339 10.95 4.26 50.85
N GLY A 340 11.33 4.39 49.58
CA GLY A 340 10.57 5.20 48.64
C GLY A 340 11.44 5.88 47.60
N LYS A 341 12.64 5.34 47.38
CA LYS A 341 13.54 5.92 46.38
C LYS A 341 13.03 5.71 44.97
N THR A 342 12.26 4.63 44.74
CA THR A 342 11.72 4.38 43.41
C THR A 342 10.74 5.46 43.00
N ASN A 343 9.92 5.94 43.94
CA ASN A 343 8.97 7.00 43.62
C ASN A 343 9.69 8.29 43.24
N ILE A 344 10.74 8.64 43.98
CA ILE A 344 11.51 9.84 43.66
C ILE A 344 12.20 9.69 42.31
N ALA A 345 12.72 8.50 42.03
CA ALA A 345 13.37 8.25 40.74
C ALA A 345 12.38 8.39 39.60
N GLU A 346 11.17 7.83 39.76
CA GLU A 346 10.15 7.95 38.73
C GLU A 346 9.72 9.40 38.55
N ALA A 347 9.62 10.15 39.65
CA ALA A 347 9.26 11.57 39.54
C ALA A 347 10.32 12.35 38.80
N ILE A 348 11.59 12.11 39.10
CA ILE A 348 12.67 12.81 38.41
C ILE A 348 12.71 12.42 36.93
N ALA A 349 12.43 11.15 36.63
CA ALA A 349 12.40 10.72 35.23
C ALA A 349 11.23 11.36 34.49
N HIS A 350 10.10 11.55 35.16
CA HIS A 350 8.96 12.18 34.52
C HIS A 350 9.20 13.68 34.32
N THR A 351 9.89 14.32 35.26
CA THR A 351 10.19 15.74 35.10
C THR A 351 11.23 15.97 34.00
N VAL A 352 12.09 15.00 33.76
CA VAL A 352 13.10 15.11 32.70
C VAL A 352 12.46 14.76 31.37
N PRO A 353 12.62 15.59 30.33
CA PRO A 353 11.98 15.28 29.05
C PRO A 353 12.57 14.06 28.35
N PHE A 354 13.86 13.81 28.52
CA PHE A 354 14.53 12.66 27.89
C PHE A 354 15.09 11.79 29.00
N TYR A 355 14.28 10.85 29.49
CA TYR A 355 14.67 9.94 30.54
C TYR A 355 14.87 8.53 29.97
N GLY A 356 15.77 7.78 30.59
CA GLY A 356 16.06 6.43 30.14
C GLY A 356 15.96 5.41 31.26
N CYS A 357 15.09 4.42 31.08
CA CYS A 357 14.87 3.36 32.06
C CYS A 357 15.40 2.05 31.49
N VAL A 358 16.33 1.41 32.22
CA VAL A 358 16.90 0.15 31.80
C VAL A 358 15.96 -0.96 32.25
N ASN A 359 15.19 -1.50 31.32
CA ASN A 359 14.24 -2.57 31.59
C ASN A 359 14.86 -3.90 31.20
N TRP A 360 15.08 -4.77 32.18
CA TRP A 360 15.69 -6.09 31.95
C TRP A 360 14.66 -6.99 31.26
N THR A 361 14.62 -6.89 29.93
CA THR A 361 13.71 -7.68 29.12
C THR A 361 14.44 -8.55 28.11
N ASN A 362 15.40 -7.99 27.38
CA ASN A 362 16.17 -8.73 26.38
C ASN A 362 17.50 -9.18 26.97
N GLU A 363 18.07 -10.23 26.38
CA GLU A 363 19.34 -10.75 26.86
C GLU A 363 20.52 -9.96 26.28
N ASN A 364 20.32 -9.32 25.12
CA ASN A 364 21.36 -8.54 24.48
C ASN A 364 20.96 -7.09 24.24
N PHE A 365 19.94 -6.61 24.95
CA PHE A 365 19.47 -5.22 24.80
C PHE A 365 18.77 -4.80 26.07
N PRO A 366 19.54 -4.47 27.13
CA PRO A 366 18.91 -4.05 28.39
C PRO A 366 18.45 -2.60 28.34
N PHE A 367 19.16 -1.76 27.58
CA PHE A 367 18.83 -0.35 27.45
C PHE A 367 17.82 -0.16 26.31
N ASN A 368 16.60 -0.63 26.56
CA ASN A 368 15.54 -0.52 25.56
C ASN A 368 15.03 0.92 25.46
N ASP A 369 14.83 1.57 26.60
CA ASP A 369 14.32 2.93 26.60
C ASP A 369 15.43 3.98 26.52
N CYS A 370 16.67 3.60 26.89
CA CYS A 370 17.80 4.53 26.88
C CYS A 370 18.24 4.72 25.43
N VAL A 371 17.52 5.58 24.72
CA VAL A 371 17.82 5.89 23.32
C VAL A 371 18.33 7.32 23.22
N ASP A 372 19.57 7.55 23.63
CA ASP A 372 20.22 8.87 23.60
C ASP A 372 19.40 9.89 24.38
N LYS A 373 19.18 9.57 25.66
CA LYS A 373 18.41 10.42 26.56
C LYS A 373 19.37 11.27 27.39
N MET A 374 18.88 11.81 28.51
CA MET A 374 19.68 12.65 29.38
C MET A 374 20.10 11.94 30.67
N VAL A 375 19.19 11.22 31.31
CA VAL A 375 19.48 10.51 32.55
C VAL A 375 19.08 9.04 32.37
N ILE A 376 20.02 8.14 32.62
CA ILE A 376 19.80 6.70 32.51
C ILE A 376 19.54 6.15 33.90
N TRP A 377 18.43 5.43 34.07
CA TRP A 377 18.05 4.84 35.34
C TRP A 377 18.27 3.33 35.27
N TRP A 378 19.12 2.82 36.16
CA TRP A 378 19.42 1.39 36.23
C TRP A 378 18.48 0.75 37.23
N GLU A 379 17.63 -0.16 36.76
CA GLU A 379 16.66 -0.83 37.60
C GLU A 379 17.32 -2.00 38.32
N GLU A 380 16.52 -2.80 39.01
CA GLU A 380 17.04 -3.95 39.75
C GLU A 380 17.44 -5.06 38.80
N GLY A 381 18.53 -5.74 39.12
CA GLY A 381 19.03 -6.83 38.29
C GLY A 381 20.52 -6.72 38.04
N LYS A 382 21.17 -7.86 37.92
CA LYS A 382 22.60 -7.93 37.66
C LYS A 382 22.88 -8.04 36.17
N MET A 383 24.03 -7.52 35.76
CA MET A 383 24.44 -7.52 34.36
C MET A 383 25.37 -8.70 34.08
N THR A 384 25.34 -9.16 32.83
CA THR A 384 26.18 -10.27 32.42
C THR A 384 27.56 -9.76 32.01
N ALA A 385 28.56 -10.64 32.15
CA ALA A 385 29.93 -10.31 31.81
C ALA A 385 30.15 -10.31 30.30
N LYS A 386 29.67 -9.26 29.63
CA LYS A 386 29.82 -9.14 28.19
C LYS A 386 30.11 -7.69 27.80
N VAL A 387 29.67 -6.76 28.64
CA VAL A 387 29.89 -5.34 28.39
C VAL A 387 30.07 -4.62 29.73
N VAL A 388 30.41 -5.39 30.75
CA VAL A 388 30.62 -4.84 32.10
C VAL A 388 31.61 -3.69 32.06
N GLU A 389 32.77 -3.93 31.44
CA GLU A 389 33.75 -2.85 31.28
C GLU A 389 33.17 -1.70 30.47
N SER A 390 32.33 -2.01 29.47
CA SER A 390 31.65 -0.96 28.74
C SER A 390 30.73 -0.16 29.66
N ALA A 391 30.10 -0.82 30.62
CA ALA A 391 29.29 -0.11 31.60
C ALA A 391 30.13 0.89 32.38
N LYS A 392 31.43 0.65 32.51
CA LYS A 392 32.31 1.63 33.14
C LYS A 392 32.25 2.96 32.40
N ALA A 393 32.25 2.91 31.06
CA ALA A 393 32.13 4.15 30.28
C ALA A 393 30.81 4.85 30.55
N ILE A 394 29.79 4.10 30.99
CA ILE A 394 28.52 4.70 31.38
C ILE A 394 28.48 5.02 32.88
N LEU A 395 29.39 4.45 33.67
CA LEU A 395 29.44 4.69 35.10
C LEU A 395 30.58 5.61 35.51
N GLY A 396 31.36 6.11 34.55
CA GLY A 396 32.47 6.99 34.86
C GLY A 396 32.47 8.26 34.03
N GLY A 397 31.45 8.43 33.19
CA GLY A 397 31.35 9.61 32.36
C GLY A 397 32.33 9.60 31.20
N SER A 398 32.27 8.58 30.36
CA SER A 398 33.15 8.44 29.21
C SER A 398 32.33 8.15 27.96
N LYS A 399 32.99 8.21 26.81
CA LYS A 399 32.36 7.96 25.53
C LYS A 399 32.92 6.67 24.92
N VAL A 400 32.04 5.77 24.52
CA VAL A 400 32.43 4.49 23.92
C VAL A 400 31.36 4.08 22.93
N ARG A 401 31.75 3.18 22.01
CA ARG A 401 30.84 2.68 20.98
C ARG A 401 30.35 1.30 21.39
N VAL A 402 29.03 1.16 21.52
CA VAL A 402 28.42 -0.10 21.91
C VAL A 402 27.64 -0.66 20.71
N ASP A 403 27.19 -1.90 20.86
CA ASP A 403 26.43 -2.59 19.82
C ASP A 403 24.96 -2.65 20.23
N GLN A 404 24.09 -2.18 19.34
CA GLN A 404 22.66 -2.18 19.61
C GLN A 404 22.03 -3.51 19.21
N LYS A 405 20.96 -3.46 18.42
CA LYS A 405 20.28 -4.67 17.98
C LYS A 405 21.01 -5.31 16.80
N CYS A 406 20.40 -5.28 15.62
CA CYS A 406 20.97 -5.84 14.42
C CYS A 406 21.32 -4.72 13.45
N LYS A 407 22.59 -4.66 13.05
CA LYS A 407 23.08 -3.64 12.12
C LYS A 407 22.80 -2.23 12.64
N SER A 408 23.26 -1.98 13.87
CA SER A 408 23.07 -0.68 14.51
C SER A 408 24.17 -0.49 15.53
N SER A 409 24.92 0.61 15.41
CA SER A 409 26.02 0.92 16.33
C SER A 409 25.97 2.42 16.63
N ALA A 410 25.59 2.76 17.86
CA ALA A 410 25.51 4.14 18.30
C ALA A 410 26.46 4.39 19.46
N GLN A 411 27.07 5.57 19.47
CA GLN A 411 28.00 5.95 20.52
C GLN A 411 27.24 6.49 21.73
N ILE A 412 27.60 6.02 22.92
CA ILE A 412 26.97 6.45 24.15
C ILE A 412 27.69 7.67 24.68
N ASP A 413 26.98 8.78 24.80
CA ASP A 413 27.56 10.02 25.31
C ASP A 413 27.67 9.96 26.83
N PRO A 414 28.66 10.64 27.41
CA PRO A 414 28.78 10.67 28.87
C PRO A 414 27.57 11.29 29.55
N THR A 415 26.56 10.48 29.83
CA THR A 415 25.32 10.92 30.44
C THR A 415 25.29 10.56 31.93
N PRO A 416 24.69 11.42 32.76
CA PRO A 416 24.57 11.10 34.18
C PRO A 416 23.67 9.90 34.40
N VAL A 417 24.17 8.93 35.18
CA VAL A 417 23.46 7.68 35.43
C VAL A 417 23.33 7.50 36.94
N ILE A 418 22.12 7.18 37.40
CA ILE A 418 21.84 6.90 38.80
C ILE A 418 21.31 5.49 38.90
N VAL A 419 21.90 4.70 39.79
CA VAL A 419 21.49 3.31 40.01
C VAL A 419 20.34 3.29 41.01
N THR A 420 19.19 2.78 40.58
CA THR A 420 18.01 2.70 41.43
C THR A 420 17.88 1.34 42.12
N SER A 421 18.88 0.47 41.99
CA SER A 421 18.83 -0.84 42.63
C SER A 421 19.07 -0.70 44.12
N ASN A 422 18.05 -1.00 44.93
CA ASN A 422 18.19 -0.90 46.38
C ASN A 422 18.99 -2.05 46.98
N THR A 423 19.17 -3.14 46.23
CA THR A 423 19.92 -4.29 46.72
C THR A 423 21.42 -4.02 46.61
N ASN A 424 22.21 -5.04 46.92
CA ASN A 424 23.67 -4.94 46.87
C ASN A 424 24.11 -4.94 45.42
N MET A 425 24.37 -3.75 44.87
CA MET A 425 24.79 -3.64 43.48
C MET A 425 26.26 -4.04 43.29
N CYS A 426 27.05 -4.04 44.36
CA CYS A 426 28.46 -4.41 44.23
C CYS A 426 28.62 -5.90 43.96
N ALA A 427 27.65 -6.72 44.36
CA ALA A 427 27.69 -8.16 44.13
C ALA A 427 27.13 -8.46 42.75
N VAL A 428 27.98 -8.27 41.74
CA VAL A 428 27.60 -8.50 40.35
C VAL A 428 27.56 -10.00 40.11
N ILE A 429 26.36 -10.54 39.85
CA ILE A 429 26.17 -11.96 39.61
C ILE A 429 26.28 -12.20 38.11
N ASP A 430 27.27 -12.99 37.70
CA ASP A 430 27.49 -13.31 36.29
C ASP A 430 26.65 -14.54 35.95
N GLY A 431 25.34 -14.32 35.84
CA GLY A 431 24.41 -15.39 35.51
C GLY A 431 24.15 -16.31 36.68
N ASN A 432 25.14 -17.12 37.04
CA ASN A 432 25.01 -18.05 38.15
C ASN A 432 26.17 -17.97 39.14
N SER A 433 27.08 -17.02 38.95
CA SER A 433 28.24 -16.86 39.83
C SER A 433 28.40 -15.38 40.17
N THR A 434 28.58 -15.08 41.45
CA THR A 434 28.74 -13.71 41.90
C THR A 434 30.21 -13.31 41.78
N THR A 435 30.47 -12.23 41.05
CA THR A 435 31.82 -11.73 40.84
C THR A 435 32.08 -10.51 41.74
N PHE A 436 33.37 -10.25 41.97
CA PHE A 436 33.77 -9.12 42.80
C PHE A 436 35.01 -8.41 42.28
N GLU A 437 35.46 -8.71 41.06
CA GLU A 437 36.64 -8.06 40.51
C GLU A 437 36.36 -6.66 39.99
N HIS A 438 35.09 -6.29 39.81
CA HIS A 438 34.72 -4.96 39.35
C HIS A 438 34.24 -4.06 40.48
N GLN A 439 34.23 -4.55 41.71
CA GLN A 439 33.75 -3.74 42.83
C GLN A 439 34.78 -2.68 43.23
N GLN A 440 36.07 -3.02 43.17
CA GLN A 440 37.11 -2.08 43.57
C GLN A 440 37.19 -0.86 42.66
N PRO A 441 37.22 -0.98 41.33
CA PRO A 441 37.28 0.24 40.51
C PRO A 441 35.99 1.05 40.55
N LEU A 442 34.83 0.39 40.66
CA LEU A 442 33.56 1.11 40.70
C LEU A 442 33.44 2.01 41.91
N GLN A 443 34.24 1.77 42.95
CA GLN A 443 34.24 2.66 44.11
C GLN A 443 34.88 4.00 43.81
N ASP A 444 35.61 4.12 42.71
CA ASP A 444 36.27 5.36 42.32
C ASP A 444 35.53 6.11 41.23
N ARG A 445 34.38 5.60 40.77
CA ARG A 445 33.61 6.25 39.73
C ARG A 445 32.16 6.54 40.12
N MET A 446 31.66 5.93 41.18
CA MET A 446 30.28 6.13 41.63
C MET A 446 30.28 6.76 43.02
N PHE A 447 29.08 6.85 43.60
CA PHE A 447 28.88 7.42 44.93
C PHE A 447 27.92 6.53 45.70
N LYS A 448 28.38 6.00 46.83
CA LYS A 448 27.56 5.12 47.65
C LYS A 448 26.73 5.95 48.61
N PHE A 449 25.40 5.85 48.50
CA PHE A 449 24.46 6.56 49.35
C PHE A 449 23.58 5.53 50.05
N GLU A 450 24.06 5.02 51.18
CA GLU A 450 23.33 4.03 51.95
C GLU A 450 22.48 4.70 53.02
N LEU A 451 21.43 4.00 53.44
CA LEU A 451 20.51 4.51 54.45
C LEU A 451 19.78 3.34 55.09
N THR A 452 19.52 3.46 56.39
CA THR A 452 18.81 2.44 57.15
C THR A 452 17.51 2.96 57.76
N ARG A 453 16.96 4.03 57.21
CA ARG A 453 15.72 4.62 57.71
C ARG A 453 14.56 4.17 56.84
N ARG A 454 13.52 3.64 57.48
CA ARG A 454 12.33 3.17 56.80
C ARG A 454 11.24 4.24 56.83
N LEU A 455 10.56 4.42 55.71
CA LEU A 455 9.50 5.40 55.59
C LEU A 455 8.14 4.73 55.62
N ASP A 456 7.13 5.49 56.04
CA ASP A 456 5.76 4.98 56.12
C ASP A 456 4.95 5.41 54.90
N HIS A 457 3.66 5.67 55.10
CA HIS A 457 2.79 6.07 54.02
C HIS A 457 2.65 7.60 53.99
N ASP A 458 2.14 8.09 52.85
CA ASP A 458 1.93 9.53 52.63
C ASP A 458 3.24 10.31 52.79
N PHE A 459 4.21 9.96 51.94
CA PHE A 459 5.51 10.60 51.97
C PHE A 459 6.15 10.52 50.60
N GLY A 460 5.40 10.91 49.56
CA GLY A 460 5.90 10.88 48.20
C GLY A 460 5.22 11.89 47.31
N LYS A 461 4.59 11.41 46.23
CA LYS A 461 3.90 12.23 45.22
C LYS A 461 4.69 13.51 44.90
N VAL A 462 6.01 13.35 44.75
CA VAL A 462 6.87 14.49 44.43
C VAL A 462 6.62 14.91 43.00
N THR A 463 6.49 16.22 42.79
CA THR A 463 6.23 16.76 41.45
C THR A 463 7.46 17.46 40.90
N LYS A 464 7.27 18.60 40.24
CA LYS A 464 8.36 19.35 39.64
C LYS A 464 8.71 20.62 40.40
N GLN A 465 7.73 21.28 41.04
CA GLN A 465 8.01 22.52 41.75
C GLN A 465 8.94 22.28 42.93
N GLU A 466 8.74 21.17 43.65
CA GLU A 466 9.57 20.88 44.82
C GLU A 466 11.02 20.65 44.42
N VAL A 467 11.25 19.80 43.42
CA VAL A 467 12.62 19.53 42.99
C VAL A 467 13.24 20.75 42.34
N LYS A 468 12.43 21.57 41.66
CA LYS A 468 12.96 22.80 41.07
C LYS A 468 13.41 23.77 42.15
N ASP A 469 12.62 23.94 43.21
CA ASP A 469 13.01 24.81 44.31
C ASP A 469 14.24 24.25 45.02
N PHE A 470 14.32 22.93 45.17
CA PHE A 470 15.49 22.33 45.79
C PHE A 470 16.74 22.58 44.96
N PHE A 471 16.64 22.43 43.63
CA PHE A 471 17.78 22.70 42.76
C PHE A 471 18.18 24.17 42.82
N ARG A 472 17.20 25.07 42.87
CA ARG A 472 17.51 26.49 42.96
C ARG A 472 18.21 26.82 44.27
N TRP A 473 17.73 26.26 45.38
CA TRP A 473 18.36 26.49 46.67
C TRP A 473 19.77 25.91 46.72
N ALA A 474 19.99 24.76 46.07
CA ALA A 474 21.32 24.17 46.05
C ALA A 474 22.27 24.96 45.17
N LYS A 475 21.76 25.55 44.08
CA LYS A 475 22.60 26.36 43.23
C LYS A 475 22.91 27.72 43.86
N ASP A 476 22.01 28.22 44.70
CA ASP A 476 22.24 29.49 45.37
C ASP A 476 23.36 29.42 46.40
N HIS A 477 23.68 28.21 46.89
CA HIS A 477 24.73 28.02 47.88
C HIS A 477 25.67 26.93 47.37
N VAL A 478 26.79 27.35 46.77
CA VAL A 478 27.76 26.41 46.22
C VAL A 478 28.64 25.90 47.36
N VAL A 479 28.71 24.58 47.52
CA VAL A 479 29.51 23.95 48.55
C VAL A 479 30.43 22.94 47.89
N GLU A 480 31.72 22.98 48.23
CA GLU A 480 32.68 22.05 47.66
C GLU A 480 32.44 20.65 48.19
N VAL A 481 32.66 19.65 47.33
CA VAL A 481 32.46 18.25 47.67
C VAL A 481 33.78 17.51 47.43
N GLU A 482 34.24 16.79 48.45
CA GLU A 482 35.46 16.00 48.34
C GLU A 482 35.17 14.65 47.74
N HIS A 483 36.24 14.01 47.23
CA HIS A 483 36.12 12.70 46.60
C HIS A 483 36.04 11.64 47.69
N GLU A 484 34.87 11.03 47.84
CA GLU A 484 34.65 9.99 48.84
C GLU A 484 33.49 9.11 48.40
N PHE A 485 33.73 7.80 48.40
CA PHE A 485 32.69 6.86 47.98
C PHE A 485 31.63 6.68 49.06
N TYR A 486 32.04 6.21 50.24
CA TYR A 486 31.12 5.98 51.35
C TYR A 486 30.76 7.33 51.96
N VAL A 487 29.48 7.70 51.86
CA VAL A 487 29.01 8.96 52.43
C VAL A 487 28.84 8.80 53.94
N LYS A 488 29.46 9.69 54.70
CA LYS A 488 29.37 9.62 56.15
C LYS A 488 27.97 9.99 56.63
N LYS A 489 27.61 9.48 57.80
CA LYS A 489 26.30 9.73 58.38
C LYS A 489 26.38 10.93 59.34
N GLY A 490 26.52 12.10 58.74
CA GLY A 490 26.62 13.34 59.49
C GLY A 490 25.81 14.45 58.85
N GLY A 491 25.08 15.19 59.69
CA GLY A 491 24.26 16.29 59.21
C GLY A 491 22.82 15.90 58.98
N VAL B 216 -2.79 33.14 19.89
CA VAL B 216 -4.06 32.50 19.59
C VAL B 216 -4.78 33.27 18.48
N ILE B 217 -5.54 32.54 17.67
CA ILE B 217 -6.27 33.18 16.57
C ILE B 217 -7.73 33.39 16.93
N ARG B 218 -8.36 32.36 17.53
CA ARG B 218 -9.76 32.41 17.92
C ARG B 218 -10.67 32.73 16.74
N SER B 219 -10.99 31.71 15.95
CA SER B 219 -11.84 31.90 14.78
C SER B 219 -13.31 31.99 15.19
N LYS B 220 -14.13 31.12 14.62
CA LYS B 220 -15.56 31.11 14.91
C LYS B 220 -16.08 29.67 15.02
N THR B 221 -16.05 28.95 13.91
CA THR B 221 -16.52 27.57 13.88
C THR B 221 -15.81 26.74 14.94
N SER B 222 -14.50 26.86 15.01
CA SER B 222 -13.70 26.12 15.99
C SER B 222 -14.14 26.43 17.41
N ALA B 223 -14.63 27.65 17.66
CA ALA B 223 -15.15 27.99 18.98
C ALA B 223 -16.32 27.09 19.34
N ARG B 224 -17.14 26.72 18.34
CA ARG B 224 -18.23 25.78 18.59
C ARG B 224 -17.72 24.46 19.13
N TYR B 225 -16.52 24.04 18.69
CA TYR B 225 -15.91 22.83 19.23
C TYR B 225 -15.76 22.93 20.74
N MET B 226 -15.44 24.13 21.25
CA MET B 226 -15.36 24.32 22.70
C MET B 226 -16.67 23.94 23.38
N GLU B 227 -17.80 24.30 22.76
CA GLU B 227 -19.09 23.88 23.30
C GLU B 227 -19.18 22.35 23.37
N LEU B 228 -18.69 21.67 22.33
CA LEU B 228 -18.64 20.21 22.37
C LEU B 228 -17.82 19.72 23.55
N VAL B 229 -16.77 20.47 23.91
CA VAL B 229 -15.96 20.11 25.07
C VAL B 229 -16.84 20.00 26.31
N GLY B 230 -17.81 20.91 26.45
CA GLY B 230 -18.76 20.80 27.55
C GLY B 230 -19.48 19.45 27.55
N TRP B 231 -19.96 19.04 26.37
CA TRP B 231 -20.55 17.71 26.27
C TRP B 231 -19.55 16.64 26.63
N LEU B 232 -18.29 16.82 26.23
CA LEU B 232 -17.24 15.86 26.59
C LEU B 232 -17.02 15.78 28.09
N VAL B 233 -17.44 16.79 28.84
CA VAL B 233 -17.40 16.76 30.30
C VAL B 233 -18.80 16.76 30.90
N ASP B 234 -19.83 16.51 30.09
CA ASP B 234 -21.19 16.47 30.60
C ASP B 234 -21.54 15.08 31.15
N LYS B 235 -21.48 14.06 30.31
CA LYS B 235 -21.78 12.70 30.71
C LYS B 235 -20.63 11.73 30.48
N GLY B 236 -19.50 12.20 29.95
CA GLY B 236 -18.36 11.33 29.71
C GLY B 236 -18.56 10.43 28.51
N ILE B 237 -18.09 10.85 27.35
CA ILE B 237 -18.21 10.09 26.11
C ILE B 237 -16.82 9.82 25.56
N THR B 238 -16.52 8.54 25.34
CA THR B 238 -15.22 8.12 24.82
C THR B 238 -15.32 7.55 23.41
N SER B 239 -16.19 6.56 23.19
CA SER B 239 -16.35 5.96 21.88
C SER B 239 -17.43 6.68 21.08
N GLU B 240 -18.33 5.92 20.46
CA GLU B 240 -19.41 6.49 19.67
C GLU B 240 -20.80 5.98 20.04
N LYS B 241 -20.90 4.80 20.66
CA LYS B 241 -22.21 4.28 21.04
C LYS B 241 -22.89 5.16 22.07
N GLN B 242 -22.12 5.65 23.06
CA GLN B 242 -22.70 6.56 24.05
C GLN B 242 -23.09 7.88 23.42
N TRP B 243 -22.29 8.38 22.47
CA TRP B 243 -22.64 9.61 21.79
C TRP B 243 -23.90 9.47 20.95
N ILE B 244 -24.12 8.29 20.36
CA ILE B 244 -25.35 8.06 19.60
C ILE B 244 -26.54 7.93 20.54
N GLN B 245 -26.35 7.21 21.67
CA GLN B 245 -27.44 7.03 22.62
C GLN B 245 -27.80 8.32 23.36
N GLU B 246 -26.88 9.29 23.41
CA GLU B 246 -27.15 10.55 24.08
C GLU B 246 -28.22 11.34 23.34
N ASP B 247 -27.83 12.08 22.30
CA ASP B 247 -28.77 12.87 21.53
C ASP B 247 -28.26 13.00 20.10
N GLN B 248 -29.20 13.14 19.16
CA GLN B 248 -28.87 13.26 17.75
C GLN B 248 -28.72 14.72 17.30
N ALA B 249 -29.01 15.68 18.18
CA ALA B 249 -28.84 17.08 17.81
C ALA B 249 -27.37 17.42 17.57
N SER B 250 -26.46 16.81 18.33
CA SER B 250 -25.04 17.03 18.11
C SER B 250 -24.62 16.54 16.73
N TYR B 251 -25.08 15.36 16.33
CA TYR B 251 -24.77 14.85 15.00
C TYR B 251 -25.42 15.69 13.92
N ILE B 252 -26.62 16.20 14.16
CA ILE B 252 -27.27 17.09 13.19
C ILE B 252 -26.45 18.36 12.99
N SER B 253 -25.98 18.95 14.09
CA SER B 253 -25.17 20.16 14.00
C SER B 253 -23.83 19.87 13.32
N PHE B 254 -23.24 18.70 13.59
CA PHE B 254 -21.97 18.35 12.96
C PHE B 254 -22.15 18.15 11.46
N ASN B 255 -23.24 17.51 11.04
CA ASN B 255 -23.50 17.33 9.61
C ASN B 255 -23.84 18.65 8.93
N ALA B 256 -24.49 19.57 9.65
CA ALA B 256 -24.77 20.88 9.07
C ALA B 256 -23.52 21.73 8.97
N ALA B 257 -22.57 21.55 9.87
CA ALA B 257 -21.31 22.30 9.84
C ALA B 257 -20.40 21.78 8.75
N SER B 258 -19.51 20.85 9.10
CA SER B 258 -18.57 20.28 8.16
C SER B 258 -18.73 18.76 8.15
N ASN B 259 -18.73 18.18 6.95
CA ASN B 259 -18.90 16.73 6.77
C ASN B 259 -17.53 16.12 6.54
N SER B 260 -16.90 15.65 7.63
CA SER B 260 -15.58 15.04 7.55
C SER B 260 -15.37 14.03 8.67
N ARG B 261 -14.12 13.83 9.07
CA ARG B 261 -13.80 12.89 10.13
C ARG B 261 -12.45 13.16 10.79
N SER B 262 -11.81 14.27 10.42
CA SER B 262 -10.51 14.60 11.00
C SER B 262 -10.65 15.36 12.31
N GLN B 263 -11.39 16.48 12.30
CA GLN B 263 -11.47 17.32 13.49
C GLN B 263 -12.24 16.63 14.61
N ILE B 264 -13.30 15.90 14.28
CA ILE B 264 -14.08 15.23 15.31
C ILE B 264 -13.27 14.09 15.93
N LYS B 265 -12.52 13.36 15.10
CA LYS B 265 -11.66 12.31 15.65
C LYS B 265 -10.55 12.89 16.51
N ALA B 266 -9.99 14.02 16.10
CA ALA B 266 -8.96 14.68 16.91
C ALA B 266 -9.52 15.11 18.25
N ALA B 267 -10.70 15.73 18.25
CA ALA B 267 -11.32 16.12 19.51
C ALA B 267 -11.64 14.92 20.37
N LEU B 268 -12.08 13.83 19.76
CA LEU B 268 -12.42 12.62 20.52
C LEU B 268 -11.17 12.04 21.20
N ASP B 269 -10.08 11.89 20.45
CA ASP B 269 -8.87 11.32 21.06
C ASP B 269 -8.27 12.28 22.09
N ASN B 270 -8.37 13.59 21.85
CA ASN B 270 -7.87 14.55 22.85
C ASN B 270 -8.67 14.46 24.14
N ALA B 271 -10.01 14.38 24.04
CA ALA B 271 -10.83 14.24 25.23
C ALA B 271 -10.56 12.93 25.94
N GLY B 272 -10.34 11.86 25.18
CA GLY B 272 -10.02 10.58 25.79
C GLY B 272 -8.71 10.61 26.55
N LYS B 273 -7.68 11.20 25.93
CA LYS B 273 -6.39 11.32 26.61
C LYS B 273 -6.49 12.21 27.84
N ILE B 274 -7.27 13.28 27.76
CA ILE B 274 -7.44 14.16 28.92
C ILE B 274 -8.13 13.43 30.06
N MET B 275 -9.20 12.68 29.74
CA MET B 275 -9.92 11.95 30.77
C MET B 275 -9.08 10.79 31.33
N SER B 276 -8.14 10.27 30.55
CA SER B 276 -7.31 9.18 31.03
C SER B 276 -6.12 9.67 31.85
N LEU B 277 -5.62 10.88 31.57
CA LEU B 277 -4.44 11.38 32.25
C LEU B 277 -4.74 12.38 33.37
N THR B 278 -5.98 12.88 33.46
CA THR B 278 -6.30 13.86 34.48
C THR B 278 -7.60 13.52 35.20
N LYS B 279 -8.69 13.38 34.45
CA LYS B 279 -9.99 13.12 35.05
C LYS B 279 -10.04 11.73 35.68
N THR B 280 -10.91 11.58 36.67
CA THR B 280 -11.08 10.31 37.36
C THR B 280 -12.48 9.76 37.13
N ALA B 281 -12.95 8.91 38.05
CA ALA B 281 -14.27 8.31 37.95
C ALA B 281 -15.30 9.04 38.79
N PRO B 282 -15.07 9.28 40.10
CA PRO B 282 -16.10 9.97 40.89
C PRO B 282 -16.40 11.38 40.40
N ASP B 283 -15.43 12.04 39.77
CA ASP B 283 -15.68 13.36 39.20
C ASP B 283 -16.75 13.33 38.12
N TYR B 284 -16.98 12.16 37.49
CA TYR B 284 -18.04 12.00 36.52
C TYR B 284 -19.28 11.35 37.11
N LEU B 285 -19.34 11.22 38.43
CA LEU B 285 -20.49 10.62 39.10
C LEU B 285 -21.27 11.59 39.97
N VAL B 286 -20.75 12.80 40.18
CA VAL B 286 -21.43 13.79 41.01
C VAL B 286 -22.63 14.34 40.24
N GLY B 287 -23.81 14.26 40.85
CA GLY B 287 -25.00 14.75 40.19
C GLY B 287 -25.06 16.26 40.16
N GLN B 288 -25.76 16.79 39.15
CA GLN B 288 -25.90 18.22 38.97
C GLN B 288 -27.28 18.75 39.33
N GLN B 289 -28.30 17.90 39.39
CA GLN B 289 -29.65 18.31 39.73
C GLN B 289 -29.95 17.96 41.17
N PRO B 290 -30.19 18.94 42.04
CA PRO B 290 -30.49 18.61 43.45
C PRO B 290 -31.87 18.01 43.64
N VAL B 291 -31.98 16.71 43.37
CA VAL B 291 -33.27 16.02 43.52
C VAL B 291 -33.51 15.66 44.99
N GLU B 292 -32.64 14.84 45.55
CA GLU B 292 -32.73 14.40 46.95
C GLU B 292 -34.08 13.73 47.22
N ASP B 293 -34.30 12.62 46.52
CA ASP B 293 -35.53 11.84 46.65
C ASP B 293 -35.15 10.38 46.84
N ILE B 294 -35.37 9.86 48.06
CA ILE B 294 -35.04 8.47 48.36
C ILE B 294 -36.10 7.50 47.88
N SER B 295 -37.29 7.99 47.52
CA SER B 295 -38.35 7.10 47.05
C SER B 295 -38.11 6.66 45.60
N SER B 296 -37.62 7.56 44.76
CA SER B 296 -37.35 7.22 43.36
C SER B 296 -36.12 6.35 43.20
N ASN B 297 -35.24 6.32 44.18
CA ASN B 297 -34.03 5.49 44.12
C ASN B 297 -34.42 4.04 44.30
N ARG B 298 -34.49 3.30 43.19
CA ARG B 298 -34.91 1.91 43.25
C ARG B 298 -33.82 0.98 43.79
N ILE B 299 -32.55 1.34 43.60
CA ILE B 299 -31.48 0.48 44.09
C ILE B 299 -31.34 0.57 45.60
N TYR B 300 -31.97 1.57 46.24
CA TYR B 300 -31.92 1.66 47.69
C TYR B 300 -32.73 0.53 48.35
N LYS B 301 -33.76 0.05 47.68
CA LYS B 301 -34.54 -1.06 48.22
C LYS B 301 -33.70 -2.32 48.35
N ILE B 302 -32.80 -2.55 47.39
CA ILE B 302 -31.91 -3.71 47.46
C ILE B 302 -31.01 -3.61 48.68
N LEU B 303 -30.46 -2.41 48.93
CA LEU B 303 -29.58 -2.22 50.07
C LEU B 303 -30.33 -2.35 51.39
N GLU B 304 -31.57 -1.86 51.44
CA GLU B 304 -32.35 -1.97 52.67
C GLU B 304 -32.88 -3.38 52.89
N LEU B 305 -32.97 -4.19 51.84
CA LEU B 305 -33.41 -5.57 52.00
C LEU B 305 -32.25 -6.49 52.34
N ASN B 306 -31.06 -6.21 51.82
CA ASN B 306 -29.89 -7.03 52.14
C ASN B 306 -29.40 -6.81 53.57
N GLY B 307 -29.84 -5.73 54.23
CA GLY B 307 -29.42 -5.45 55.59
C GLY B 307 -28.27 -4.47 55.67
N TYR B 308 -28.31 -3.45 54.81
CA TYR B 308 -27.27 -2.43 54.77
C TYR B 308 -27.84 -1.09 55.22
N ASP B 309 -27.06 -0.37 56.02
CA ASP B 309 -27.50 0.93 56.49
C ASP B 309 -27.45 1.94 55.36
N PRO B 310 -28.46 2.82 55.24
CA PRO B 310 -28.45 3.81 54.15
C PRO B 310 -27.30 4.79 54.24
N GLN B 311 -26.74 5.01 55.43
CA GLN B 311 -25.60 5.91 55.62
C GLN B 311 -24.32 5.15 55.93
N TYR B 312 -24.12 4.02 55.25
CA TYR B 312 -22.93 3.21 55.46
C TYR B 312 -22.27 2.86 54.12
N ALA B 313 -22.92 2.01 53.34
CA ALA B 313 -22.37 1.61 52.05
C ALA B 313 -22.21 2.80 51.10
N ALA B 314 -23.06 3.83 51.27
CA ALA B 314 -22.94 5.04 50.47
C ALA B 314 -21.58 5.68 50.66
N SER B 315 -21.23 6.02 51.91
CA SER B 315 -19.91 6.57 52.19
C SER B 315 -18.81 5.57 51.90
N VAL B 316 -19.12 4.27 51.99
CA VAL B 316 -18.12 3.25 51.68
C VAL B 316 -17.67 3.37 50.22
N PHE B 317 -18.62 3.34 49.29
CA PHE B 317 -18.22 3.47 47.89
C PHE B 317 -17.83 4.89 47.52
N LEU B 318 -18.25 5.89 48.30
CA LEU B 318 -17.74 7.23 48.10
C LEU B 318 -16.24 7.31 48.37
N GLY B 319 -15.81 6.75 49.50
CA GLY B 319 -14.39 6.69 49.79
C GLY B 319 -13.64 5.73 48.87
N TRP B 320 -14.33 4.70 48.37
CA TRP B 320 -13.70 3.78 47.43
C TRP B 320 -13.44 4.45 46.09
N ALA B 321 -14.38 5.29 45.64
CA ALA B 321 -14.21 5.95 44.35
C ALA B 321 -13.25 7.13 44.43
N THR B 322 -13.37 7.94 45.48
CA THR B 322 -12.52 9.12 45.64
C THR B 322 -11.16 8.81 46.23
N LYS B 323 -10.84 7.54 46.47
CA LYS B 323 -9.55 7.12 47.02
C LYS B 323 -9.28 7.80 48.37
N LYS B 324 -10.26 7.70 49.27
CA LYS B 324 -10.14 8.31 50.59
C LYS B 324 -9.41 7.41 51.59
N PHE B 325 -9.77 6.12 51.62
CA PHE B 325 -9.12 5.21 52.56
C PHE B 325 -7.68 4.90 52.13
N GLY B 326 -7.44 4.82 50.85
CA GLY B 326 -6.10 4.53 50.33
C GLY B 326 -5.76 3.06 50.24
N LYS B 327 -5.84 2.34 51.35
CA LYS B 327 -5.55 0.91 51.40
C LYS B 327 -6.78 0.06 51.09
N ARG B 328 -7.92 0.38 51.70
CA ARG B 328 -9.16 -0.37 51.47
C ARG B 328 -9.89 0.22 50.26
N ASN B 329 -9.30 -0.01 49.09
CA ASN B 329 -9.83 0.48 47.82
C ASN B 329 -10.45 -0.65 46.99
N THR B 330 -11.13 -1.59 47.64
CA THR B 330 -11.74 -2.72 46.96
C THR B 330 -13.04 -3.08 47.66
N ILE B 331 -14.09 -3.31 46.87
CA ILE B 331 -15.39 -3.71 47.38
C ILE B 331 -15.75 -5.04 46.74
N TRP B 332 -15.89 -6.08 47.56
CA TRP B 332 -16.22 -7.41 47.11
C TRP B 332 -17.67 -7.73 47.46
N LEU B 333 -18.43 -8.20 46.48
CA LEU B 333 -19.83 -8.56 46.66
C LEU B 333 -19.97 -10.07 46.72
N PHE B 334 -20.75 -10.56 47.69
CA PHE B 334 -20.97 -11.99 47.87
C PHE B 334 -22.47 -12.26 47.93
N GLY B 335 -22.87 -13.41 47.40
CA GLY B 335 -24.27 -13.79 47.39
C GLY B 335 -24.61 -14.67 46.21
N PRO B 336 -25.90 -14.98 46.06
CA PRO B 336 -26.33 -15.83 44.93
C PRO B 336 -26.24 -15.07 43.61
N ALA B 337 -26.13 -15.84 42.53
CA ALA B 337 -26.03 -15.28 41.19
C ALA B 337 -27.39 -14.81 40.65
N THR B 338 -28.49 -15.15 41.31
CA THR B 338 -29.81 -14.76 40.87
C THR B 338 -30.27 -13.45 41.48
N THR B 339 -29.38 -12.70 42.12
CA THR B 339 -29.75 -11.42 42.72
C THR B 339 -29.90 -10.33 41.66
N GLY B 340 -28.78 -9.83 41.14
CA GLY B 340 -28.81 -8.81 40.12
C GLY B 340 -27.66 -7.84 40.21
N LYS B 341 -26.57 -8.25 40.87
CA LYS B 341 -25.41 -7.37 40.99
C LYS B 341 -24.70 -7.19 39.66
N THR B 342 -24.80 -8.18 38.77
CA THR B 342 -24.14 -8.07 37.46
C THR B 342 -24.76 -6.95 36.63
N ASN B 343 -26.09 -6.78 36.72
CA ASN B 343 -26.75 -5.71 35.98
C ASN B 343 -26.30 -4.33 36.48
N ILE B 344 -26.21 -4.17 37.81
CA ILE B 344 -25.76 -2.90 38.37
C ILE B 344 -24.30 -2.65 38.00
N ALA B 345 -23.47 -3.69 38.00
CA ALA B 345 -22.07 -3.52 37.62
C ALA B 345 -21.96 -3.11 36.15
N GLU B 346 -22.74 -3.73 35.27
CA GLU B 346 -22.72 -3.35 33.86
C GLU B 346 -23.22 -1.92 33.67
N ALA B 347 -24.24 -1.52 34.43
CA ALA B 347 -24.74 -0.16 34.33
C ALA B 347 -23.69 0.85 34.77
N ILE B 348 -23.00 0.57 35.88
CA ILE B 348 -21.97 1.47 36.35
C ILE B 348 -20.80 1.53 35.36
N ALA B 349 -20.47 0.39 34.75
CA ALA B 349 -19.41 0.38 33.75
C ALA B 349 -19.80 1.17 32.51
N HIS B 350 -21.08 1.12 32.13
CA HIS B 350 -21.54 1.87 30.97
C HIS B 350 -21.58 3.36 31.26
N THR B 351 -21.94 3.74 32.48
CA THR B 351 -21.96 5.15 32.85
C THR B 351 -20.56 5.73 32.95
N VAL B 352 -19.57 4.89 33.25
CA VAL B 352 -18.18 5.35 33.34
C VAL B 352 -17.58 5.35 31.94
N PRO B 353 -16.95 6.46 31.51
CA PRO B 353 -16.40 6.49 30.15
C PRO B 353 -15.22 5.56 29.95
N PHE B 354 -14.44 5.29 30.99
CA PHE B 354 -13.26 4.42 30.92
C PHE B 354 -13.45 3.28 31.91
N TYR B 355 -14.12 2.21 31.46
CA TYR B 355 -14.38 1.05 32.30
C TYR B 355 -13.52 -0.12 31.84
N GLY B 356 -13.18 -0.99 32.78
CA GLY B 356 -12.36 -2.15 32.48
C GLY B 356 -12.96 -3.45 32.95
N CYS B 357 -13.19 -4.37 32.03
CA CYS B 357 -13.77 -5.67 32.32
C CYS B 357 -12.72 -6.74 32.12
N VAL B 358 -12.46 -7.53 33.17
CA VAL B 358 -11.48 -8.61 33.13
C VAL B 358 -12.18 -9.83 32.53
N ASN B 359 -11.90 -10.10 31.26
CA ASN B 359 -12.47 -11.24 30.54
C ASN B 359 -11.46 -12.37 30.53
N TRP B 360 -11.81 -13.49 31.18
CA TRP B 360 -10.93 -14.65 31.27
C TRP B 360 -10.91 -15.36 29.91
N THR B 361 -10.02 -14.88 29.04
CA THR B 361 -9.86 -15.44 27.70
C THR B 361 -8.46 -15.96 27.45
N ASN B 362 -7.43 -15.18 27.78
CA ASN B 362 -6.05 -15.57 27.59
C ASN B 362 -5.46 -16.12 28.89
N GLU B 363 -4.42 -16.93 28.76
CA GLU B 363 -3.79 -17.53 29.93
C GLU B 363 -2.78 -16.57 30.56
N ASN B 364 -2.25 -15.63 29.78
CA ASN B 364 -1.28 -14.66 30.28
C ASN B 364 -1.72 -13.22 30.06
N PHE B 365 -3.01 -13.00 29.84
CA PHE B 365 -3.55 -11.65 29.63
C PHE B 365 -5.02 -11.63 29.99
N PRO B 366 -5.33 -11.60 31.30
CA PRO B 366 -6.75 -11.57 31.71
C PRO B 366 -7.36 -10.19 31.59
N PHE B 367 -6.54 -9.15 31.76
CA PHE B 367 -7.00 -7.76 31.67
C PHE B 367 -6.91 -7.28 30.22
N ASN B 368 -7.79 -7.84 29.40
CA ASN B 368 -7.82 -7.50 27.98
C ASN B 368 -8.42 -6.11 27.77
N ASP B 369 -9.52 -5.82 28.46
CA ASP B 369 -10.18 -4.53 28.32
C ASP B 369 -9.63 -3.47 29.27
N CYS B 370 -8.99 -3.89 30.36
CA CYS B 370 -8.43 -2.96 31.35
C CYS B 370 -7.16 -2.34 30.79
N VAL B 371 -7.34 -1.34 29.93
CA VAL B 371 -6.22 -0.64 29.31
C VAL B 371 -6.15 0.78 29.86
N ASP B 372 -5.66 0.91 31.09
CA ASP B 372 -5.52 2.21 31.77
C ASP B 372 -6.87 2.93 31.83
N LYS B 373 -7.85 2.25 32.43
CA LYS B 373 -9.19 2.78 32.58
C LYS B 373 -9.35 3.39 33.98
N MET B 374 -10.59 3.57 34.42
CA MET B 374 -10.88 4.16 35.74
C MET B 374 -11.34 3.12 36.75
N VAL B 375 -12.23 2.21 36.37
CA VAL B 375 -12.76 1.17 37.26
C VAL B 375 -12.53 -0.18 36.60
N ILE B 376 -11.88 -1.09 37.32
CA ILE B 376 -11.62 -2.44 36.84
C ILE B 376 -12.64 -3.38 37.46
N TRP B 377 -13.32 -4.15 36.61
CA TRP B 377 -14.33 -5.10 37.04
C TRP B 377 -13.79 -6.51 36.91
N TRP B 378 -13.73 -7.22 38.04
CA TRP B 378 -13.25 -8.60 38.07
C TRP B 378 -14.43 -9.54 37.90
N GLU B 379 -14.44 -10.30 36.80
CA GLU B 379 -15.53 -11.22 36.51
C GLU B 379 -15.31 -12.53 37.27
N GLU B 380 -16.16 -13.52 36.99
CA GLU B 380 -16.06 -14.80 37.66
C GLU B 380 -14.85 -15.58 37.16
N GLY B 381 -14.18 -16.29 38.07
CA GLY B 381 -13.03 -17.08 37.73
C GLY B 381 -11.88 -16.85 38.69
N LYS B 382 -11.08 -17.89 38.90
CA LYS B 382 -9.94 -17.84 39.80
C LYS B 382 -8.67 -17.49 39.02
N MET B 383 -7.73 -16.84 39.71
CA MET B 383 -6.47 -16.42 39.11
C MET B 383 -5.38 -17.43 39.42
N THR B 384 -4.41 -17.52 38.53
CA THR B 384 -3.29 -18.44 38.69
C THR B 384 -2.20 -17.81 39.54
N ALA B 385 -1.44 -18.65 40.23
CA ALA B 385 -0.36 -18.19 41.10
C ALA B 385 0.86 -17.76 40.29
N LYS B 386 0.79 -16.56 39.70
CA LYS B 386 1.89 -16.03 38.91
C LYS B 386 2.01 -14.52 39.09
N VAL B 387 0.88 -13.90 39.45
CA VAL B 387 0.85 -12.46 39.67
C VAL B 387 -0.15 -12.14 40.79
N VAL B 388 -0.46 -13.15 41.59
CA VAL B 388 -1.40 -13.01 42.70
C VAL B 388 -0.97 -11.86 43.62
N GLU B 389 0.30 -11.87 44.04
CA GLU B 389 0.80 -10.77 44.85
C GLU B 389 0.71 -9.45 44.09
N SER B 390 0.94 -9.49 42.77
CA SER B 390 0.76 -8.30 41.95
C SER B 390 -0.69 -7.83 42.00
N ALA B 391 -1.64 -8.76 42.04
CA ALA B 391 -3.05 -8.38 42.19
C ALA B 391 -3.28 -7.62 43.48
N LYS B 392 -2.44 -7.84 44.49
CA LYS B 392 -2.53 -7.06 45.72
C LYS B 392 -2.35 -5.57 45.43
N ALA B 393 -1.40 -5.23 44.55
CA ALA B 393 -1.22 -3.84 44.17
C ALA B 393 -2.47 -3.29 43.48
N ILE B 394 -3.27 -4.16 42.87
CA ILE B 394 -4.53 -3.74 42.28
C ILE B 394 -5.69 -3.86 43.27
N LEU B 395 -5.51 -4.60 44.35
CA LEU B 395 -6.55 -4.78 45.36
C LEU B 395 -6.29 -3.98 46.63
N GLY B 396 -5.21 -3.20 46.67
CA GLY B 396 -4.91 -2.41 47.85
C GLY B 396 -4.62 -0.97 47.53
N GLY B 397 -4.73 -0.59 46.26
CA GLY B 397 -4.48 0.76 45.83
C GLY B 397 -3.02 1.13 45.83
N SER B 398 -2.21 0.38 45.06
CA SER B 398 -0.79 0.62 44.97
C SER B 398 -0.38 0.67 43.50
N LYS B 399 0.85 1.08 43.25
CA LYS B 399 1.41 1.18 41.91
C LYS B 399 2.51 0.15 41.74
N VAL B 400 2.42 -0.63 40.66
CA VAL B 400 3.40 -1.67 40.35
C VAL B 400 3.50 -1.81 38.84
N ARG B 401 4.61 -2.40 38.39
CA ARG B 401 4.86 -2.62 36.97
C ARG B 401 4.56 -4.06 36.63
N VAL B 402 3.64 -4.28 35.71
CA VAL B 402 3.24 -5.61 35.28
C VAL B 402 3.70 -5.83 33.84
N ASP B 403 3.60 -7.08 33.39
CA ASP B 403 3.99 -7.47 32.05
C ASP B 403 2.74 -7.69 31.20
N GLN B 404 2.67 -7.02 30.06
CA GLN B 404 1.53 -7.14 29.17
C GLN B 404 1.70 -8.32 28.22
N LYS B 405 1.55 -8.08 26.91
CA LYS B 405 1.68 -9.14 25.93
C LYS B 405 3.15 -9.38 25.61
N CYS B 406 3.58 -9.03 24.39
CA CYS B 406 4.95 -9.22 23.95
C CYS B 406 5.60 -7.85 23.77
N LYS B 407 6.71 -7.63 24.47
CA LYS B 407 7.46 -6.38 24.41
C LYS B 407 6.57 -5.19 24.77
N SER B 408 5.95 -5.28 25.95
CA SER B 408 5.07 -4.23 26.43
C SER B 408 5.02 -4.29 27.95
N SER B 409 5.35 -3.19 28.61
CA SER B 409 5.36 -3.12 30.07
C SER B 409 4.76 -1.78 30.48
N ALA B 410 3.56 -1.81 31.06
CA ALA B 410 2.86 -0.61 31.49
C ALA B 410 2.62 -0.68 33.00
N GLN B 411 2.73 0.46 33.66
CA GLN B 411 2.52 0.56 35.10
C GLN B 411 1.03 0.70 35.40
N ILE B 412 0.55 -0.07 36.36
CA ILE B 412 -0.86 -0.05 36.75
C ILE B 412 -1.04 1.00 37.85
N ASP B 413 -1.86 2.01 37.56
CA ASP B 413 -2.11 3.06 38.54
C ASP B 413 -3.11 2.58 39.59
N PRO B 414 -3.02 3.10 40.82
CA PRO B 414 -3.98 2.70 41.86
C PRO B 414 -5.42 3.07 41.50
N THR B 415 -6.10 2.17 40.79
CA THR B 415 -7.46 2.38 40.32
C THR B 415 -8.45 1.61 41.20
N PRO B 416 -9.64 2.17 41.43
CA PRO B 416 -10.65 1.45 42.21
C PRO B 416 -11.12 0.20 41.48
N VAL B 417 -11.11 -0.92 42.19
CA VAL B 417 -11.47 -2.22 41.62
C VAL B 417 -12.58 -2.83 42.46
N ILE B 418 -13.63 -3.31 41.80
CA ILE B 418 -14.75 -3.98 42.45
C ILE B 418 -14.84 -5.39 41.88
N VAL B 419 -14.90 -6.38 42.76
CA VAL B 419 -14.99 -7.78 42.36
C VAL B 419 -16.45 -8.12 42.15
N THR B 420 -16.80 -8.53 40.93
CA THR B 420 -18.17 -8.90 40.58
C THR B 420 -18.43 -10.40 40.71
N SER B 421 -17.47 -11.16 41.22
CA SER B 421 -17.64 -12.60 41.37
C SER B 421 -18.58 -12.88 42.55
N ASN B 422 -19.74 -13.44 42.26
CA ASN B 422 -20.70 -13.75 43.31
C ASN B 422 -20.33 -15.00 44.09
N THR B 423 -19.41 -15.82 43.57
CA THR B 423 -19.00 -17.04 44.25
C THR B 423 -17.98 -16.70 45.34
N ASN B 424 -17.44 -17.74 45.97
CA ASN B 424 -16.46 -17.58 47.04
C ASN B 424 -15.13 -17.15 46.43
N MET B 425 -14.86 -15.84 46.47
CA MET B 425 -13.61 -15.32 45.91
C MET B 425 -12.41 -15.60 46.80
N CYS B 426 -12.63 -15.88 48.09
CA CYS B 426 -11.52 -16.15 48.99
C CYS B 426 -10.87 -17.50 48.68
N ALA B 427 -11.61 -18.42 48.09
CA ALA B 427 -11.08 -19.75 47.73
C ALA B 427 -10.40 -19.64 46.37
N VAL B 428 -9.16 -19.14 46.39
CA VAL B 428 -8.38 -18.98 45.17
C VAL B 428 -7.89 -20.35 44.72
N ILE B 429 -8.38 -20.82 43.59
CA ILE B 429 -7.99 -22.12 43.05
C ILE B 429 -6.81 -21.92 42.12
N ASP B 430 -5.68 -22.53 42.46
CA ASP B 430 -4.46 -22.42 41.66
C ASP B 430 -4.49 -23.53 40.59
N GLY B 431 -5.33 -23.32 39.59
CA GLY B 431 -5.48 -24.28 38.52
C GLY B 431 -6.25 -25.52 38.91
N ASN B 432 -5.63 -26.37 39.72
CA ASN B 432 -6.27 -27.60 40.19
C ASN B 432 -6.24 -27.76 41.71
N SER B 433 -5.71 -26.78 42.45
CA SER B 433 -5.65 -26.85 43.89
C SER B 433 -6.12 -25.52 44.47
N THR B 434 -6.97 -25.59 45.50
CA THR B 434 -7.49 -24.39 46.14
C THR B 434 -6.53 -23.92 47.22
N THR B 435 -6.09 -22.66 47.13
CA THR B 435 -5.17 -22.08 48.09
C THR B 435 -5.91 -21.17 49.06
N PHE B 436 -5.28 -20.93 50.21
CA PHE B 436 -5.87 -20.09 51.23
C PHE B 436 -4.84 -19.21 51.95
N GLU B 437 -3.60 -19.13 51.45
CA GLU B 437 -2.59 -18.32 52.08
C GLU B 437 -2.73 -16.83 51.77
N HIS B 438 -3.53 -16.47 50.77
CA HIS B 438 -3.77 -15.07 50.43
C HIS B 438 -5.10 -14.55 50.94
N GLN B 439 -5.87 -15.38 51.64
CA GLN B 439 -7.17 -14.93 52.15
C GLN B 439 -7.02 -14.01 53.35
N GLN B 440 -6.04 -14.28 54.22
CA GLN B 440 -5.86 -13.46 55.40
C GLN B 440 -5.45 -12.02 55.09
N PRO B 441 -4.45 -11.75 54.24
CA PRO B 441 -4.12 -10.35 53.96
C PRO B 441 -5.18 -9.63 53.15
N LEU B 442 -5.87 -10.33 52.25
CA LEU B 442 -6.90 -9.70 51.44
C LEU B 442 -8.06 -9.18 52.28
N GLN B 443 -8.23 -9.69 53.51
CA GLN B 443 -9.26 -9.17 54.39
C GLN B 443 -8.95 -7.77 54.91
N ASP B 444 -7.70 -7.32 54.77
CA ASP B 444 -7.28 -6.00 55.22
C ASP B 444 -7.19 -4.98 54.08
N ARG B 445 -7.51 -5.38 52.85
CA ARG B 445 -7.43 -4.49 51.71
C ARG B 445 -8.74 -4.37 50.93
N MET B 446 -9.68 -5.29 51.14
CA MET B 446 -10.96 -5.27 50.43
C MET B 446 -12.10 -5.07 51.43
N PHE B 447 -13.33 -5.18 50.93
CA PHE B 447 -14.53 -5.02 51.74
C PHE B 447 -15.51 -6.12 51.38
N LYS B 448 -15.87 -6.94 52.36
CA LYS B 448 -16.80 -8.05 52.13
C LYS B 448 -18.23 -7.56 52.27
N PHE B 449 -19.00 -7.67 51.19
CA PHE B 449 -20.41 -7.25 51.15
C PHE B 449 -21.24 -8.47 50.77
N GLU B 450 -21.60 -9.27 51.78
CA GLU B 450 -22.39 -10.46 51.56
C GLU B 450 -23.88 -10.16 51.72
N LEU B 451 -24.71 -10.98 51.08
CA LEU B 451 -26.16 -10.82 51.16
C LEU B 451 -26.82 -12.14 50.82
N THR B 452 -27.95 -12.40 51.48
CA THR B 452 -28.71 -13.63 51.27
C THR B 452 -30.13 -13.35 50.80
N ARG B 453 -30.36 -12.18 50.20
CA ARG B 453 -31.67 -11.80 49.70
C ARG B 453 -31.73 -12.02 48.19
N ARG B 454 -32.75 -12.75 47.75
CA ARG B 454 -32.94 -13.05 46.33
C ARG B 454 -33.95 -12.07 45.73
N LEU B 455 -33.64 -11.59 44.52
CA LEU B 455 -34.49 -10.64 43.82
C LEU B 455 -35.27 -11.35 42.71
N ASP B 456 -36.41 -10.77 42.35
CA ASP B 456 -37.26 -11.33 41.31
C ASP B 456 -37.04 -10.60 39.99
N HIS B 457 -38.10 -10.45 39.20
CA HIS B 457 -38.02 -9.78 37.92
C HIS B 457 -38.44 -8.32 38.05
N ASP B 458 -38.10 -7.53 37.02
CA ASP B 458 -38.41 -6.10 36.96
C ASP B 458 -37.84 -5.37 38.17
N PHE B 459 -36.52 -5.41 38.29
CA PHE B 459 -35.81 -4.78 39.40
C PHE B 459 -34.39 -4.42 38.97
N GLY B 460 -34.26 -3.79 37.80
CA GLY B 460 -32.96 -3.41 37.29
C GLY B 460 -33.01 -2.20 36.39
N LYS B 461 -32.56 -2.38 35.14
CA LYS B 461 -32.48 -1.33 34.11
C LYS B 461 -32.05 0.02 34.70
N VAL B 462 -31.02 -0.05 35.56
CA VAL B 462 -30.50 1.16 36.19
C VAL B 462 -29.74 1.98 35.15
N THR B 463 -29.99 3.29 35.13
CA THR B 463 -29.34 4.17 34.18
C THR B 463 -28.29 5.04 34.85
N LYS B 464 -28.22 6.31 34.47
CA LYS B 464 -27.25 7.24 35.03
C LYS B 464 -27.85 8.26 35.99
N GLN B 465 -29.11 8.66 35.78
CA GLN B 465 -29.72 9.66 36.66
C GLN B 465 -29.88 9.12 38.07
N GLU B 466 -30.26 7.85 38.20
CA GLU B 466 -30.47 7.27 39.52
C GLU B 466 -29.16 7.20 40.31
N VAL B 467 -28.10 6.68 39.70
CA VAL B 467 -26.82 6.58 40.40
C VAL B 467 -26.24 7.97 40.64
N LYS B 468 -26.49 8.93 39.73
CA LYS B 468 -26.01 10.29 39.96
C LYS B 468 -26.70 10.92 41.16
N ASP B 469 -28.02 10.75 41.26
CA ASP B 469 -28.74 11.28 42.42
C ASP B 469 -28.31 10.58 43.70
N PHE B 470 -28.04 9.28 43.63
CA PHE B 470 -27.55 8.56 44.81
C PHE B 470 -26.20 9.09 45.25
N PHE B 471 -25.29 9.32 44.29
CA PHE B 471 -23.97 9.86 44.63
C PHE B 471 -24.10 11.27 45.21
N ARG B 472 -25.00 12.09 44.66
CA ARG B 472 -25.20 13.43 45.19
C ARG B 472 -25.72 13.39 46.62
N TRP B 473 -26.70 12.52 46.88
CA TRP B 473 -27.25 12.40 48.22
C TRP B 473 -26.22 11.87 49.21
N ALA B 474 -25.35 10.96 48.75
CA ALA B 474 -24.30 10.44 49.63
C ALA B 474 -23.24 11.49 49.91
N LYS B 475 -22.93 12.34 48.93
CA LYS B 475 -21.96 13.40 49.14
C LYS B 475 -22.52 14.52 50.00
N ASP B 476 -23.84 14.74 49.95
CA ASP B 476 -24.45 15.77 50.77
C ASP B 476 -24.42 15.43 52.26
N HIS B 477 -24.27 14.16 52.61
CA HIS B 477 -24.23 13.71 54.01
C HIS B 477 -22.99 12.86 54.19
N VAL B 478 -21.92 13.46 54.70
CA VAL B 478 -20.66 12.75 54.91
C VAL B 478 -20.76 11.97 56.22
N VAL B 479 -20.52 10.67 56.16
CA VAL B 479 -20.56 9.78 57.32
C VAL B 479 -19.25 9.03 57.41
N GLU B 480 -18.65 9.03 58.59
CA GLU B 480 -17.38 8.34 58.79
C GLU B 480 -17.59 6.83 58.72
N VAL B 481 -16.59 6.14 58.16
CA VAL B 481 -16.63 4.68 57.99
C VAL B 481 -15.42 4.09 58.70
N GLU B 482 -15.66 3.12 59.57
CA GLU B 482 -14.60 2.44 60.29
C GLU B 482 -14.03 1.31 59.45
N HIS B 483 -12.82 0.88 59.81
CA HIS B 483 -12.13 -0.20 59.10
C HIS B 483 -12.71 -1.53 59.57
N GLU B 484 -13.46 -2.19 58.68
CA GLU B 484 -14.06 -3.49 58.99
C GLU B 484 -14.31 -4.24 57.70
N PHE B 485 -13.84 -5.49 57.65
CA PHE B 485 -14.02 -6.30 56.45
C PHE B 485 -15.45 -6.82 56.33
N TYR B 486 -15.90 -7.60 57.31
CA TYR B 486 -17.24 -8.17 57.31
C TYR B 486 -18.24 -7.08 57.66
N VAL B 487 -19.10 -6.72 56.71
CA VAL B 487 -20.12 -5.70 56.93
C VAL B 487 -21.25 -6.30 57.74
N LYS B 488 -21.59 -5.64 58.85
CA LYS B 488 -22.66 -6.12 59.71
C LYS B 488 -24.01 -5.95 59.03
N LYS B 489 -24.97 -6.78 59.43
CA LYS B 489 -26.32 -6.75 58.88
C LYS B 489 -27.22 -5.87 59.74
N GLY B 490 -26.98 -4.57 59.64
CA GLY B 490 -27.74 -3.60 60.41
C GLY B 490 -28.10 -2.36 59.61
N GLY B 491 -29.36 -1.94 59.71
CA GLY B 491 -29.82 -0.76 58.99
C GLY B 491 -30.52 -1.10 57.70
N VAL C 216 -23.40 25.70 15.63
CA VAL C 216 -24.00 25.17 14.41
C VAL C 216 -23.90 26.20 13.28
N ILE C 217 -23.47 25.75 12.11
CA ILE C 217 -23.33 26.61 10.95
C ILE C 217 -24.61 26.67 10.12
N ARG C 218 -25.23 25.52 9.88
CA ARG C 218 -26.47 25.42 9.11
C ARG C 218 -26.30 26.02 7.72
N SER C 219 -25.71 25.26 6.80
CA SER C 219 -25.49 25.74 5.44
C SER C 219 -26.76 25.64 4.60
N LYS C 220 -26.66 25.02 3.43
CA LYS C 220 -27.81 24.88 2.54
C LYS C 220 -27.91 23.46 1.99
N THR C 221 -26.89 23.05 1.22
CA THR C 221 -26.91 21.72 0.63
C THR C 221 -26.96 20.63 1.71
N SER C 222 -26.19 20.82 2.79
CA SER C 222 -26.24 19.87 3.91
C SER C 222 -27.63 19.80 4.51
N ALA C 223 -28.38 20.91 4.48
CA ALA C 223 -29.76 20.89 4.95
C ALA C 223 -30.60 19.92 4.13
N ARG C 224 -30.30 19.79 2.83
CA ARG C 224 -30.99 18.81 2.01
C ARG C 224 -30.79 17.40 2.54
N TYR C 225 -29.62 17.13 3.13
CA TYR C 225 -29.39 15.83 3.74
C TYR C 225 -30.42 15.54 4.82
N MET C 226 -30.85 16.57 5.55
CA MET C 226 -31.91 16.40 6.54
C MET C 226 -33.17 15.84 5.90
N GLU C 227 -33.51 16.31 4.70
CA GLU C 227 -34.64 15.75 3.97
C GLU C 227 -34.43 14.26 3.72
N LEU C 228 -33.21 13.87 3.34
CA LEU C 228 -32.89 12.45 3.18
C LEU C 228 -33.12 11.69 4.47
N VAL C 229 -32.89 12.34 5.62
CA VAL C 229 -33.17 11.70 6.91
C VAL C 229 -34.62 11.26 6.98
N GLY C 230 -35.53 12.07 6.45
CA GLY C 230 -36.93 11.65 6.38
C GLY C 230 -37.09 10.35 5.63
N TRP C 231 -36.45 10.25 4.45
CA TRP C 231 -36.45 8.99 3.73
C TRP C 231 -35.85 7.88 4.57
N LEU C 232 -34.79 8.18 5.32
CA LEU C 232 -34.17 7.20 6.19
C LEU C 232 -35.12 6.73 7.28
N VAL C 233 -36.16 7.49 7.59
CA VAL C 233 -37.21 7.08 8.51
C VAL C 233 -38.53 6.88 7.81
N ASP C 234 -38.54 6.84 6.48
CA ASP C 234 -39.79 6.63 5.74
C ASP C 234 -40.10 5.14 5.60
N LYS C 235 -39.19 4.38 4.99
CA LYS C 235 -39.37 2.96 4.80
C LYS C 235 -38.25 2.12 5.43
N GLY C 236 -37.24 2.75 6.01
CA GLY C 236 -36.14 2.02 6.61
C GLY C 236 -35.21 1.39 5.60
N ILE C 237 -34.11 2.08 5.28
CA ILE C 237 -33.14 1.62 4.31
C ILE C 237 -31.79 1.52 5.00
N THR C 238 -31.17 0.34 4.93
CA THR C 238 -29.87 0.10 5.53
C THR C 238 -28.78 -0.04 4.48
N SER C 239 -28.93 -0.97 3.53
CA SER C 239 -27.94 -1.16 2.49
C SER C 239 -28.23 -0.27 1.29
N GLU C 240 -28.25 -0.85 0.09
CA GLU C 240 -28.52 -0.10 -1.13
C GLU C 240 -29.57 -0.72 -2.03
N LYS C 241 -29.85 -2.02 -1.90
CA LYS C 241 -30.85 -2.66 -2.75
C LYS C 241 -32.24 -2.06 -2.52
N GLN C 242 -32.60 -1.85 -1.26
CA GLN C 242 -33.89 -1.23 -0.96
C GLN C 242 -33.94 0.22 -1.45
N TRP C 243 -32.82 0.93 -1.34
CA TRP C 243 -32.77 2.30 -1.84
C TRP C 243 -32.93 2.36 -3.36
N ILE C 244 -32.39 1.37 -4.07
CA ILE C 244 -32.57 1.33 -5.52
C ILE C 244 -34.00 0.93 -5.87
N GLN C 245 -34.56 -0.04 -5.14
CA GLN C 245 -35.92 -0.48 -5.41
C GLN C 245 -36.97 0.55 -5.03
N GLU C 246 -36.62 1.51 -4.17
CA GLU C 246 -37.56 2.56 -3.77
C GLU C 246 -37.91 3.46 -4.95
N ASP C 247 -37.07 4.47 -5.20
CA ASP C 247 -37.31 5.40 -6.29
C ASP C 247 -35.97 5.94 -6.78
N GLN C 248 -35.94 6.30 -8.06
CA GLN C 248 -34.73 6.84 -8.68
C GLN C 248 -34.62 8.35 -8.57
N ALA C 249 -35.64 9.03 -8.04
CA ALA C 249 -35.57 10.47 -7.87
C ALA C 249 -34.51 10.85 -6.85
N SER C 250 -34.32 10.03 -5.81
CA SER C 250 -33.27 10.30 -4.83
C SER C 250 -31.89 10.22 -5.47
N TYR C 251 -31.67 9.20 -6.32
CA TYR C 251 -30.39 9.11 -7.02
C TYR C 251 -30.21 10.24 -8.01
N ILE C 252 -31.30 10.68 -8.67
CA ILE C 252 -31.21 11.82 -9.58
C ILE C 252 -30.78 13.07 -8.82
N SER C 253 -31.40 13.31 -7.67
CA SER C 253 -31.05 14.48 -6.86
C SER C 253 -29.62 14.38 -6.34
N PHE C 254 -29.18 13.18 -5.96
CA PHE C 254 -27.81 13.01 -5.48
C PHE C 254 -26.80 13.26 -6.59
N ASN C 255 -27.09 12.78 -7.80
CA ASN C 255 -26.19 13.03 -8.93
C ASN C 255 -26.19 14.49 -9.34
N ALA C 256 -27.33 15.18 -9.19
CA ALA C 256 -27.38 16.60 -9.50
C ALA C 256 -26.65 17.43 -8.45
N ALA C 257 -26.64 16.97 -7.20
CA ALA C 257 -25.94 17.68 -6.14
C ALA C 257 -24.44 17.47 -6.23
N SER C 258 -23.91 16.52 -5.46
CA SER C 258 -22.49 16.22 -5.44
C SER C 258 -22.27 14.77 -5.88
N ASN C 259 -21.26 14.56 -6.72
CA ASN C 259 -20.94 13.23 -7.25
C ASN C 259 -19.72 12.71 -6.50
N SER C 260 -19.96 12.02 -5.39
CA SER C 260 -18.90 11.46 -4.58
C SER C 260 -19.38 10.21 -3.84
N ARG C 261 -18.78 9.95 -2.68
CA ARG C 261 -19.14 8.78 -1.88
C ARG C 261 -18.72 8.94 -0.43
N SER C 262 -18.63 10.19 0.02
CA SER C 262 -18.22 10.48 1.39
C SER C 262 -19.41 10.89 2.25
N GLN C 263 -20.17 11.88 1.78
CA GLN C 263 -21.33 12.37 2.51
C GLN C 263 -22.45 11.34 2.54
N ILE C 264 -22.60 10.60 1.45
CA ILE C 264 -23.64 9.57 1.34
C ILE C 264 -23.35 8.40 2.27
N LYS C 265 -22.12 7.91 2.24
CA LYS C 265 -21.72 6.79 3.09
C LYS C 265 -21.78 7.15 4.56
N ALA C 266 -21.37 8.38 4.90
CA ALA C 266 -21.45 8.82 6.29
C ALA C 266 -22.90 8.86 6.76
N ALA C 267 -23.80 9.42 5.94
CA ALA C 267 -25.21 9.45 6.30
C ALA C 267 -25.78 8.04 6.44
N LEU C 268 -25.36 7.13 5.55
CA LEU C 268 -25.87 5.76 5.60
C LEU C 268 -25.43 5.06 6.89
N ASP C 269 -24.15 5.16 7.24
CA ASP C 269 -23.69 4.50 8.46
C ASP C 269 -24.27 5.16 9.71
N ASN C 270 -24.46 6.49 9.68
CA ASN C 270 -25.09 7.15 10.81
C ASN C 270 -26.53 6.70 11.00
N ALA C 271 -27.29 6.61 9.90
CA ALA C 271 -28.67 6.12 9.99
C ALA C 271 -28.72 4.67 10.45
N GLY C 272 -27.77 3.85 9.98
CA GLY C 272 -27.72 2.46 10.44
C GLY C 272 -27.45 2.35 11.92
N LYS C 273 -26.47 3.12 12.41
CA LYS C 273 -26.17 3.11 13.84
C LYS C 273 -27.35 3.62 14.66
N ILE C 274 -28.04 4.65 14.17
CA ILE C 274 -29.20 5.19 14.87
C ILE C 274 -30.30 4.13 14.96
N MET C 275 -30.59 3.47 13.82
CA MET C 275 -31.62 2.45 13.81
C MET C 275 -31.25 1.22 14.63
N SER C 276 -29.95 0.95 14.79
CA SER C 276 -29.52 -0.20 15.57
C SER C 276 -29.44 0.09 17.07
N LEU C 277 -29.20 1.34 17.45
CA LEU C 277 -29.05 1.69 18.86
C LEU C 277 -30.27 2.36 19.46
N THR C 278 -31.25 2.77 18.66
CA THR C 278 -32.43 3.45 19.21
C THR C 278 -33.71 2.89 18.61
N LYS C 279 -33.84 2.93 17.29
CA LYS C 279 -35.06 2.49 16.63
C LYS C 279 -35.24 0.98 16.77
N THR C 280 -36.49 0.54 16.67
CA THR C 280 -36.82 -0.88 16.77
C THR C 280 -37.40 -1.39 15.46
N ALA C 281 -38.20 -2.45 15.54
CA ALA C 281 -38.81 -3.04 14.35
C ALA C 281 -40.27 -2.60 14.19
N PRO C 282 -41.14 -2.74 15.20
CA PRO C 282 -42.54 -2.33 14.99
C PRO C 282 -42.71 -0.86 14.68
N ASP C 283 -41.78 -0.01 15.12
CA ASP C 283 -41.83 1.40 14.79
C ASP C 283 -41.72 1.64 13.28
N TYR C 284 -41.13 0.69 12.55
CA TYR C 284 -41.06 0.77 11.10
C TYR C 284 -42.15 -0.04 10.41
N LEU C 285 -43.13 -0.53 11.17
CA LEU C 285 -44.22 -1.31 10.61
C LEU C 285 -45.57 -0.63 10.71
N VAL C 286 -45.66 0.50 11.41
CA VAL C 286 -46.93 1.22 11.55
C VAL C 286 -47.25 1.91 10.24
N GLY C 287 -48.45 1.64 9.71
CA GLY C 287 -48.85 2.25 8.47
C GLY C 287 -49.18 3.72 8.63
N GLN C 288 -49.03 4.47 7.54
CA GLN C 288 -49.30 5.89 7.53
C GLN C 288 -50.57 6.27 6.78
N GLN C 289 -51.07 5.41 5.90
CA GLN C 289 -52.27 5.68 5.14
C GLN C 289 -53.45 4.96 5.76
N PRO C 290 -54.46 5.66 6.26
CA PRO C 290 -55.62 4.98 6.87
C PRO C 290 -56.50 4.30 5.84
N VAL C 291 -56.10 3.12 5.38
CA VAL C 291 -56.89 2.39 4.39
C VAL C 291 -58.04 1.65 5.07
N GLU C 292 -57.72 0.72 5.97
CA GLU C 292 -58.70 -0.06 6.70
C GLU C 292 -59.63 -0.82 5.74
N ASP C 293 -59.02 -1.71 4.96
CA ASP C 293 -59.72 -2.52 3.97
C ASP C 293 -59.30 -3.98 4.16
N ILE C 294 -60.21 -4.80 4.68
CA ILE C 294 -59.92 -6.21 4.91
C ILE C 294 -60.04 -7.05 3.65
N SER C 295 -60.65 -6.51 2.58
CA SER C 295 -60.79 -7.27 1.34
C SER C 295 -59.48 -7.31 0.56
N SER C 296 -58.74 -6.20 0.54
CA SER C 296 -57.48 -6.15 -0.19
C SER C 296 -56.36 -6.92 0.52
N ASN C 297 -56.51 -7.18 1.82
CA ASN C 297 -55.51 -7.93 2.57
C ASN C 297 -55.58 -9.39 2.16
N ARG C 298 -54.64 -9.81 1.30
CA ARG C 298 -54.65 -11.18 0.80
C ARG C 298 -54.15 -12.18 1.82
N ILE C 299 -53.27 -11.76 2.75
CA ILE C 299 -52.75 -12.69 3.74
C ILE C 299 -53.79 -13.00 4.81
N TYR C 300 -54.88 -12.24 4.87
CA TYR C 300 -55.94 -12.52 5.83
C TYR C 300 -56.70 -13.80 5.45
N LYS C 301 -56.76 -14.12 4.16
CA LYS C 301 -57.42 -15.35 3.73
C LYS C 301 -56.69 -16.58 4.27
N ILE C 302 -55.36 -16.53 4.32
CA ILE C 302 -54.60 -17.64 4.87
C ILE C 302 -54.92 -17.84 6.34
N LEU C 303 -55.01 -16.74 7.10
CA LEU C 303 -55.33 -16.84 8.52
C LEU C 303 -56.75 -17.34 8.75
N GLU C 304 -57.70 -16.90 7.90
CA GLU C 304 -59.07 -17.35 8.06
C GLU C 304 -59.26 -18.78 7.57
N LEU C 305 -58.38 -19.29 6.72
CA LEU C 305 -58.47 -20.67 6.27
C LEU C 305 -57.78 -21.63 7.24
N ASN C 306 -56.69 -21.18 7.87
CA ASN C 306 -56.00 -22.03 8.84
C ASN C 306 -56.78 -22.19 10.14
N GLY C 307 -57.77 -21.33 10.38
CA GLY C 307 -58.57 -21.42 11.59
C GLY C 307 -58.11 -20.47 12.67
N TYR C 308 -57.72 -19.25 12.26
CA TYR C 308 -57.24 -18.23 13.19
C TYR C 308 -58.23 -17.08 13.24
N ASP C 309 -58.48 -16.57 14.44
CA ASP C 309 -59.40 -15.46 14.60
C ASP C 309 -58.75 -14.17 14.08
N PRO C 310 -59.51 -13.33 13.37
CA PRO C 310 -58.92 -12.08 12.85
C PRO C 310 -58.46 -11.13 13.95
N GLN C 311 -59.02 -11.22 15.15
CA GLN C 311 -58.62 -10.37 16.28
C GLN C 311 -57.86 -11.16 17.33
N TYR C 312 -56.98 -12.07 16.89
CA TYR C 312 -56.19 -12.87 17.80
C TYR C 312 -54.72 -12.84 17.42
N ALA C 313 -54.37 -13.46 16.30
CA ALA C 313 -52.98 -13.49 15.86
C ALA C 313 -52.46 -12.09 15.57
N ALA C 314 -53.34 -11.17 15.18
CA ALA C 314 -52.93 -9.78 14.95
C ALA C 314 -52.34 -9.18 16.22
N SER C 315 -53.11 -9.18 17.31
CA SER C 315 -52.60 -8.69 18.58
C SER C 315 -51.44 -9.55 19.09
N VAL C 316 -51.43 -10.83 18.72
CA VAL C 316 -50.33 -11.72 19.13
C VAL C 316 -49.01 -11.20 18.58
N PHE C 317 -48.92 -11.01 17.27
CA PHE C 317 -47.66 -10.50 16.72
C PHE C 317 -47.46 -9.02 17.00
N LEU C 318 -48.52 -8.28 17.32
CA LEU C 318 -48.34 -6.91 17.79
C LEU C 318 -47.59 -6.88 19.12
N GLY C 319 -48.02 -7.71 20.08
CA GLY C 319 -47.30 -7.81 21.33
C GLY C 319 -45.94 -8.46 21.19
N TRP C 320 -45.79 -9.34 20.19
CA TRP C 320 -44.50 -9.96 19.94
C TRP C 320 -43.49 -8.96 19.40
N ALA C 321 -43.94 -8.05 18.54
CA ALA C 321 -43.03 -7.06 17.96
C ALA C 321 -42.74 -5.92 18.93
N THR C 322 -43.76 -5.42 19.61
CA THR C 322 -43.59 -4.31 20.54
C THR C 322 -43.08 -4.73 21.91
N LYS C 323 -42.78 -6.02 22.10
CA LYS C 323 -42.26 -6.53 23.37
C LYS C 323 -43.23 -6.23 24.52
N LYS C 324 -44.49 -6.60 24.33
CA LYS C 324 -45.52 -6.36 25.33
C LYS C 324 -45.58 -7.46 26.37
N PHE C 325 -45.56 -8.73 25.93
CA PHE C 325 -45.63 -9.84 26.87
C PHE C 325 -44.33 -9.98 27.66
N GLY C 326 -43.20 -9.72 27.02
CA GLY C 326 -41.90 -9.83 27.68
C GLY C 326 -41.29 -11.21 27.66
N LYS C 327 -42.01 -12.20 28.18
CA LYS C 327 -41.54 -13.58 28.21
C LYS C 327 -41.92 -14.36 26.95
N ARG C 328 -43.17 -14.24 26.51
CA ARG C 328 -43.64 -14.93 25.30
C ARG C 328 -43.34 -14.06 24.08
N ASN C 329 -42.05 -13.96 23.76
CA ASN C 329 -41.57 -13.16 22.64
C ASN C 329 -41.11 -14.04 21.48
N THR C 330 -41.82 -15.14 21.23
CA THR C 330 -41.46 -16.05 20.15
C THR C 330 -42.74 -16.63 19.54
N ILE C 331 -42.78 -16.66 18.21
CA ILE C 331 -43.90 -17.21 17.46
C ILE C 331 -43.38 -18.33 16.58
N TRP C 332 -43.84 -19.56 16.84
CA TRP C 332 -43.43 -20.73 16.09
C TRP C 332 -44.55 -21.16 15.16
N LEU C 333 -44.21 -21.37 13.89
CA LEU C 333 -45.17 -21.80 12.88
C LEU C 333 -44.96 -23.28 12.58
N PHE C 334 -46.07 -24.02 12.51
CA PHE C 334 -46.04 -25.45 12.23
C PHE C 334 -46.99 -25.76 11.09
N GLY C 335 -46.61 -26.74 10.26
CA GLY C 335 -47.41 -27.15 9.14
C GLY C 335 -46.58 -27.69 7.99
N PRO C 336 -47.22 -27.98 6.86
CA PRO C 336 -46.49 -28.50 5.71
C PRO C 336 -45.63 -27.42 5.06
N ALA C 337 -44.59 -27.87 4.36
CA ALA C 337 -43.67 -26.97 3.68
C ALA C 337 -44.24 -26.41 2.38
N THR C 338 -45.36 -26.94 1.90
CA THR C 338 -45.98 -26.49 0.66
C THR C 338 -47.01 -25.39 0.89
N THR C 339 -47.06 -24.81 2.09
CA THR C 339 -48.03 -23.75 2.38
C THR C 339 -47.58 -22.43 1.76
N GLY C 340 -46.59 -21.79 2.37
CA GLY C 340 -46.09 -20.52 1.86
C GLY C 340 -45.63 -19.57 2.96
N LYS C 341 -45.32 -20.13 4.14
CA LYS C 341 -44.85 -19.29 5.24
C LYS C 341 -43.45 -18.73 4.98
N THR C 342 -42.64 -19.45 4.20
CA THR C 342 -41.30 -18.98 3.89
C THR C 342 -41.34 -17.69 3.07
N ASN C 343 -42.28 -17.59 2.14
CA ASN C 343 -42.40 -16.37 1.34
C ASN C 343 -42.79 -15.17 2.21
N ILE C 344 -43.73 -15.37 3.13
CA ILE C 344 -44.13 -14.29 4.02
C ILE C 344 -42.98 -13.90 4.94
N ALA C 345 -42.22 -14.89 5.42
CA ALA C 345 -41.08 -14.59 6.27
C ALA C 345 -40.03 -13.80 5.52
N GLU C 346 -39.75 -14.18 4.27
CA GLU C 346 -38.78 -13.44 3.46
C GLU C 346 -39.27 -12.03 3.17
N ALA C 347 -40.57 -11.87 2.93
CA ALA C 347 -41.11 -10.53 2.70
C ALA C 347 -41.00 -9.65 3.93
N ILE C 348 -41.30 -10.21 5.11
CA ILE C 348 -41.18 -9.43 6.34
C ILE C 348 -39.72 -9.10 6.62
N ALA C 349 -38.80 -10.02 6.31
CA ALA C 349 -37.38 -9.73 6.50
C ALA C 349 -36.90 -8.65 5.55
N HIS C 350 -37.43 -8.63 4.32
CA HIS C 350 -37.04 -7.60 3.36
C HIS C 350 -37.61 -6.25 3.74
N THR C 351 -38.84 -6.23 4.30
CA THR C 351 -39.41 -4.95 4.73
C THR C 351 -38.71 -4.41 5.97
N VAL C 352 -38.15 -5.28 6.79
CA VAL C 352 -37.42 -4.84 7.99
C VAL C 352 -36.01 -4.43 7.58
N PRO C 353 -35.54 -3.25 7.99
CA PRO C 353 -34.20 -2.82 7.57
C PRO C 353 -33.09 -3.65 8.19
N PHE C 354 -33.25 -4.14 9.41
CA PHE C 354 -32.24 -4.95 10.09
C PHE C 354 -32.85 -6.32 10.38
N TYR C 355 -32.71 -7.23 9.42
CA TYR C 355 -33.23 -8.58 9.54
C TYR C 355 -32.07 -9.56 9.73
N GLY C 356 -32.35 -10.65 10.45
CA GLY C 356 -31.34 -11.65 10.71
C GLY C 356 -31.80 -13.05 10.34
N CYS C 357 -31.07 -13.70 9.44
CA CYS C 357 -31.39 -15.05 8.98
C CYS C 357 -30.32 -16.01 9.51
N VAL C 358 -30.75 -17.03 10.24
CA VAL C 358 -29.85 -18.03 10.80
C VAL C 358 -29.59 -19.06 9.72
N ASN C 359 -28.42 -18.98 9.08
CA ASN C 359 -28.02 -19.91 8.03
C ASN C 359 -27.12 -20.97 8.62
N TRP C 360 -27.57 -22.22 8.59
CA TRP C 360 -26.82 -23.36 9.14
C TRP C 360 -25.65 -23.66 8.19
N THR C 361 -24.55 -22.96 8.40
CA THR C 361 -23.33 -23.13 7.60
C THR C 361 -22.13 -23.53 8.44
N ASN C 362 -21.89 -22.84 9.56
CA ASN C 362 -20.78 -23.14 10.43
C ASN C 362 -21.23 -24.00 11.61
N GLU C 363 -20.28 -24.72 12.20
CA GLU C 363 -20.61 -25.60 13.32
C GLU C 363 -20.64 -24.82 14.63
N ASN C 364 -19.93 -23.69 14.70
CA ASN C 364 -19.87 -22.87 15.90
C ASN C 364 -20.32 -21.43 15.64
N PHE C 365 -21.04 -21.18 14.55
CA PHE C 365 -21.52 -19.83 14.22
C PHE C 365 -22.74 -19.96 13.33
N PRO C 366 -23.90 -20.28 13.90
CA PRO C 366 -25.13 -20.40 13.08
C PRO C 366 -25.73 -19.05 12.76
N PHE C 367 -25.55 -18.07 13.65
CA PHE C 367 -26.10 -16.72 13.45
C PHE C 367 -25.07 -15.87 12.68
N ASN C 368 -24.90 -16.22 11.40
CA ASN C 368 -23.96 -15.50 10.56
C ASN C 368 -24.50 -14.13 10.17
N ASP C 369 -25.77 -14.05 9.81
CA ASP C 369 -26.38 -12.79 9.41
C ASP C 369 -26.95 -12.01 10.59
N CYS C 370 -27.25 -12.69 11.71
CA CYS C 370 -27.81 -12.04 12.88
C CYS C 370 -26.72 -11.27 13.60
N VAL C 371 -26.42 -10.08 13.08
CA VAL C 371 -25.40 -9.21 13.66
C VAL C 371 -26.07 -7.99 14.28
N ASP C 372 -26.68 -8.18 15.45
CA ASP C 372 -27.38 -7.11 16.17
C ASP C 372 -28.46 -6.47 15.30
N LYS C 373 -29.39 -7.30 14.85
CA LYS C 373 -30.49 -6.86 14.01
C LYS C 373 -31.75 -6.65 14.85
N MET C 374 -32.91 -6.62 14.20
CA MET C 374 -34.18 -6.42 14.87
C MET C 374 -35.00 -7.69 14.99
N VAL C 375 -35.08 -8.49 13.92
CA VAL C 375 -35.85 -9.73 13.92
C VAL C 375 -34.93 -10.85 13.46
N ILE C 376 -34.84 -11.91 14.28
CA ILE C 376 -34.02 -13.07 13.96
C ILE C 376 -34.92 -14.17 13.43
N TRP C 377 -34.56 -14.71 12.27
CA TRP C 377 -35.33 -15.76 11.60
C TRP C 377 -34.58 -17.07 11.73
N TRP C 378 -35.21 -18.06 12.36
CA TRP C 378 -34.62 -19.39 12.55
C TRP C 378 -35.05 -20.28 11.39
N GLU C 379 -34.08 -20.71 10.59
CA GLU C 379 -34.37 -21.55 9.43
C GLU C 379 -34.51 -23.01 9.86
N GLU C 380 -34.63 -23.91 8.89
CA GLU C 380 -34.78 -25.32 9.19
C GLU C 380 -33.45 -25.91 9.67
N GLY C 381 -33.54 -26.82 10.64
CA GLY C 381 -32.37 -27.46 11.20
C GLY C 381 -32.40 -27.47 12.72
N LYS C 382 -31.81 -28.51 13.30
CA LYS C 382 -31.74 -28.66 14.74
C LYS C 382 -30.44 -28.10 15.28
N MET C 383 -30.47 -27.62 16.52
CA MET C 383 -29.31 -27.04 17.17
C MET C 383 -28.62 -28.07 18.05
N THR C 384 -27.31 -27.90 18.22
CA THR C 384 -26.51 -28.79 19.04
C THR C 384 -26.59 -28.38 20.51
N ALA C 385 -26.41 -29.36 21.39
CA ALA C 385 -26.45 -29.11 22.83
C ALA C 385 -25.18 -28.45 23.32
N LYS C 386 -25.05 -27.15 23.08
CA LYS C 386 -23.87 -26.40 23.50
C LYS C 386 -24.27 -25.00 23.95
N VAL C 387 -25.39 -24.51 23.41
CA VAL C 387 -25.90 -23.19 23.75
C VAL C 387 -27.42 -23.20 23.73
N VAL C 388 -27.98 -24.40 23.84
CA VAL C 388 -29.43 -24.58 23.83
C VAL C 388 -30.08 -23.71 24.90
N GLU C 389 -29.58 -23.80 26.13
CA GLU C 389 -30.09 -22.94 27.20
C GLU C 389 -29.87 -21.47 26.86
N SER C 390 -28.75 -21.15 26.21
CA SER C 390 -28.53 -19.78 25.74
C SER C 390 -29.59 -19.37 24.73
N ALA C 391 -30.03 -20.32 23.88
CA ALA C 391 -31.13 -20.03 22.96
C ALA C 391 -32.40 -19.64 23.71
N LYS C 392 -32.55 -20.10 24.95
CA LYS C 392 -33.68 -19.68 25.76
C LYS C 392 -33.68 -18.16 25.94
N ALA C 393 -32.50 -17.57 26.18
CA ALA C 393 -32.40 -16.12 26.29
C ALA C 393 -32.82 -15.45 24.99
N ILE C 394 -32.69 -16.14 23.86
CA ILE C 394 -33.17 -15.61 22.59
C ILE C 394 -34.61 -16.02 22.30
N LEU C 395 -35.14 -17.02 23.00
CA LEU C 395 -36.50 -17.49 22.80
C LEU C 395 -37.44 -17.05 23.92
N GLY C 396 -36.95 -16.29 24.90
CA GLY C 396 -37.79 -15.83 25.98
C GLY C 396 -37.69 -14.34 26.22
N GLY C 397 -36.91 -13.65 25.40
CA GLY C 397 -36.75 -12.22 25.54
C GLY C 397 -35.87 -11.83 26.71
N SER C 398 -34.64 -12.32 26.73
CA SER C 398 -33.69 -12.03 27.79
C SER C 398 -32.37 -11.58 27.18
N LYS C 399 -31.48 -11.10 28.05
CA LYS C 399 -30.16 -10.62 27.65
C LYS C 399 -29.09 -11.55 28.23
N VAL C 400 -28.19 -12.01 27.37
CA VAL C 400 -27.11 -12.90 27.77
C VAL C 400 -25.91 -12.64 26.88
N ARG C 401 -24.73 -13.06 27.36
CA ARG C 401 -23.49 -12.89 26.63
C ARG C 401 -23.11 -14.20 25.97
N VAL C 402 -22.98 -14.19 24.64
CA VAL C 402 -22.63 -15.37 23.87
C VAL C 402 -21.23 -15.19 23.29
N ASP C 403 -20.69 -16.27 22.74
CA ASP C 403 -19.37 -16.28 22.14
C ASP C 403 -19.51 -16.29 20.62
N GLN C 404 -18.85 -15.35 19.96
CA GLN C 404 -18.91 -15.25 18.50
C GLN C 404 -17.84 -16.13 17.87
N LYS C 405 -17.04 -15.55 16.97
CA LYS C 405 -15.99 -16.30 16.29
C LYS C 405 -14.75 -16.42 17.19
N CYS C 406 -13.67 -15.75 16.81
CA CYS C 406 -12.42 -15.77 17.55
C CYS C 406 -12.17 -14.40 18.14
N LYS C 407 -12.02 -14.34 19.46
CA LYS C 407 -11.77 -13.10 20.20
C LYS C 407 -12.87 -12.07 19.91
N SER C 408 -14.10 -12.49 20.16
CA SER C 408 -15.27 -11.63 19.96
C SER C 408 -16.39 -12.10 20.85
N SER C 409 -16.91 -11.21 21.69
CA SER C 409 -17.99 -11.52 22.62
C SER C 409 -18.97 -10.35 22.62
N ALA C 410 -20.15 -10.57 22.06
CA ALA C 410 -21.19 -9.55 21.99
C ALA C 410 -22.43 -10.02 22.73
N GLN C 411 -23.09 -9.09 23.41
CA GLN C 411 -24.30 -9.40 24.16
C GLN C 411 -25.52 -9.36 23.23
N ILE C 412 -26.36 -10.38 23.34
CA ILE C 412 -27.56 -10.49 22.51
C ILE C 412 -28.70 -9.78 23.22
N ASP C 413 -29.24 -8.75 22.58
CA ASP C 413 -30.36 -8.01 23.14
C ASP C 413 -31.67 -8.78 22.97
N PRO C 414 -32.62 -8.60 23.88
CA PRO C 414 -33.92 -9.29 23.74
C PRO C 414 -34.66 -8.87 22.48
N THR C 415 -34.38 -9.56 21.36
CA THR C 415 -34.96 -9.27 20.07
C THR C 415 -36.07 -10.27 19.74
N PRO C 416 -37.13 -9.82 19.07
CA PRO C 416 -38.20 -10.74 18.67
C PRO C 416 -37.68 -11.76 17.65
N VAL C 417 -37.95 -13.04 17.93
CA VAL C 417 -37.48 -14.14 17.10
C VAL C 417 -38.68 -14.98 16.68
N ILE C 418 -38.77 -15.29 15.39
CA ILE C 418 -39.81 -16.14 14.83
C ILE C 418 -39.15 -17.35 14.19
N VAL C 419 -39.61 -18.54 14.55
CA VAL C 419 -39.07 -19.78 14.01
C VAL C 419 -39.79 -20.09 12.71
N THR C 420 -39.02 -20.17 11.62
CA THR C 420 -39.56 -20.47 10.30
C THR C 420 -39.50 -21.95 9.95
N SER C 421 -39.09 -22.80 10.89
CA SER C 421 -39.00 -24.24 10.64
C SER C 421 -40.39 -24.84 10.61
N ASN C 422 -40.81 -25.33 9.44
CA ASN C 422 -42.14 -25.93 9.32
C ASN C 422 -42.19 -27.34 9.91
N THR C 423 -41.05 -27.97 10.15
CA THR C 423 -41.00 -29.30 10.71
C THR C 423 -41.23 -29.25 12.22
N ASN C 424 -41.11 -30.41 12.86
CA ASN C 424 -41.29 -30.51 14.31
C ASN C 424 -40.10 -29.90 15.01
N MET C 425 -40.23 -28.64 15.44
CA MET C 425 -39.14 -27.96 16.13
C MET C 425 -38.96 -28.44 17.57
N CYS C 426 -39.99 -29.06 18.16
CA CYS C 426 -39.88 -29.53 19.52
C CYS C 426 -38.93 -30.73 19.63
N ALA C 427 -38.77 -31.49 18.54
CA ALA C 427 -37.88 -32.65 18.53
C ALA C 427 -36.46 -32.17 18.22
N VAL C 428 -35.79 -31.66 19.25
CA VAL C 428 -34.43 -31.16 19.11
C VAL C 428 -33.49 -32.36 19.01
N ILE C 429 -32.86 -32.51 17.84
CA ILE C 429 -31.94 -33.61 17.60
C ILE C 429 -30.53 -33.14 17.96
N ASP C 430 -29.92 -33.79 18.94
CA ASP C 430 -28.57 -33.45 19.39
C ASP C 430 -27.56 -34.22 18.53
N GLY C 431 -27.42 -33.78 17.29
CA GLY C 431 -26.51 -34.42 16.37
C GLY C 431 -27.03 -35.74 15.84
N ASN C 432 -27.05 -36.77 16.69
CA ASN C 432 -27.53 -38.09 16.31
C ASN C 432 -28.59 -38.65 17.24
N SER C 433 -29.00 -37.89 18.26
CA SER C 433 -30.02 -38.34 19.20
C SER C 433 -31.03 -37.22 19.40
N THR C 434 -32.31 -37.58 19.39
CA THR C 434 -33.38 -36.61 19.58
C THR C 434 -33.65 -36.42 21.06
N THR C 435 -33.58 -35.18 21.52
CA THR C 435 -33.82 -34.85 22.92
C THR C 435 -35.21 -34.25 23.10
N PHE C 436 -35.70 -34.31 24.35
CA PHE C 436 -37.02 -33.78 24.66
C PHE C 436 -37.07 -33.10 26.02
N GLU C 437 -35.93 -32.86 26.66
CA GLU C 437 -35.91 -32.21 27.97
C GLU C 437 -36.11 -30.70 27.89
N HIS C 438 -35.97 -30.10 26.71
CA HIS C 438 -36.17 -28.68 26.53
C HIS C 438 -37.52 -28.34 25.91
N GLN C 439 -38.36 -29.34 25.63
CA GLN C 439 -39.65 -29.09 25.02
C GLN C 439 -40.65 -28.51 26.03
N GLN C 440 -40.59 -28.98 27.28
CA GLN C 440 -41.52 -28.50 28.30
C GLN C 440 -41.35 -27.02 28.62
N PRO C 441 -40.13 -26.51 28.90
CA PRO C 441 -40.02 -25.06 29.18
C PRO C 441 -40.28 -24.19 27.98
N LEU C 442 -39.91 -24.64 26.77
CA LEU C 442 -40.12 -23.85 25.57
C LEU C 442 -41.61 -23.60 25.29
N GLN C 443 -42.49 -24.41 25.86
CA GLN C 443 -43.92 -24.18 25.71
C GLN C 443 -44.39 -22.97 26.50
N ASP C 444 -43.58 -22.47 27.43
CA ASP C 444 -43.94 -21.30 28.23
C ASP C 444 -43.27 -20.02 27.75
N ARG C 445 -42.48 -20.08 26.68
CA ARG C 445 -41.78 -18.91 26.16
C ARG C 445 -42.08 -18.63 24.69
N MET C 446 -42.65 -19.57 23.96
CA MET C 446 -42.96 -19.41 22.54
C MET C 446 -44.46 -19.50 22.33
N PHE C 447 -44.86 -19.51 21.05
CA PHE C 447 -46.26 -19.61 20.67
C PHE C 447 -46.38 -20.60 19.52
N LYS C 448 -47.16 -21.65 19.72
CA LYS C 448 -47.34 -22.69 18.70
C LYS C 448 -48.47 -22.27 17.76
N PHE C 449 -48.14 -22.12 16.48
CA PHE C 449 -49.11 -21.74 15.45
C PHE C 449 -49.11 -22.84 14.38
N GLU C 450 -49.90 -23.88 14.61
CA GLU C 450 -49.99 -25.00 13.68
C GLU C 450 -51.14 -24.78 12.70
N LEU C 451 -51.02 -25.43 11.54
CA LEU C 451 -52.03 -25.32 10.50
C LEU C 451 -51.92 -26.53 9.58
N THR C 452 -53.07 -26.99 9.09
CA THR C 452 -53.15 -28.13 8.19
C THR C 452 -53.76 -27.76 6.85
N ARG C 453 -53.75 -26.49 6.47
CA ARG C 453 -54.30 -26.02 5.21
C ARG C 453 -53.19 -25.83 4.20
N ARG C 454 -53.36 -26.44 3.02
CA ARG C 454 -52.38 -26.36 1.95
C ARG C 454 -52.79 -25.27 0.96
N LEU C 455 -51.82 -24.49 0.51
CA LEU C 455 -52.06 -23.42 -0.44
C LEU C 455 -51.59 -23.82 -1.84
N ASP C 456 -52.19 -23.19 -2.85
CA ASP C 456 -51.84 -23.47 -4.23
C ASP C 456 -50.89 -22.41 -4.78
N HIS C 457 -51.03 -22.09 -6.06
CA HIS C 457 -50.17 -21.09 -6.69
C HIS C 457 -50.87 -19.73 -6.71
N ASP C 458 -50.06 -18.70 -6.97
CA ASP C 458 -50.54 -17.31 -7.03
C ASP C 458 -51.22 -16.90 -5.72
N PHE C 459 -50.44 -16.95 -4.64
CA PHE C 459 -50.94 -16.61 -3.32
C PHE C 459 -49.79 -16.13 -2.45
N GLY C 460 -48.99 -15.19 -2.98
CA GLY C 460 -47.86 -14.67 -2.24
C GLY C 460 -47.49 -13.25 -2.66
N LYS C 461 -46.25 -13.09 -3.12
CA LYS C 461 -45.68 -11.79 -3.55
C LYS C 461 -46.12 -10.65 -2.64
N VAL C 462 -46.09 -10.91 -1.33
CA VAL C 462 -46.47 -9.91 -0.35
C VAL C 462 -45.40 -8.82 -0.28
N THR C 463 -45.83 -7.57 -0.29
CA THR C 463 -44.91 -6.44 -0.26
C THR C 463 -44.92 -5.76 1.11
N LYS C 464 -44.87 -4.43 1.11
CA LYS C 464 -44.86 -3.65 2.34
C LYS C 464 -46.18 -2.94 2.64
N GLN C 465 -46.92 -2.54 1.61
CA GLN C 465 -48.17 -1.83 1.85
C GLN C 465 -49.20 -2.72 2.53
N GLU C 466 -49.26 -3.99 2.12
CA GLU C 466 -50.24 -4.91 2.70
C GLU C 466 -49.96 -5.15 4.18
N VAL C 467 -48.72 -5.46 4.52
CA VAL C 467 -48.38 -5.71 5.93
C VAL C 467 -48.48 -4.42 6.75
N LYS C 468 -48.20 -3.27 6.13
CA LYS C 468 -48.35 -2.00 6.84
C LYS C 468 -49.81 -1.73 7.16
N ASP C 469 -50.70 -1.96 6.20
CA ASP C 469 -52.13 -1.77 6.45
C ASP C 469 -52.64 -2.77 7.48
N PHE C 470 -52.14 -4.01 7.44
CA PHE C 470 -52.53 -4.99 8.43
C PHE C 470 -52.09 -4.57 9.83
N PHE C 471 -50.85 -4.07 9.96
CA PHE C 471 -50.38 -3.60 11.25
C PHE C 471 -51.19 -2.41 11.74
N ARG C 472 -51.55 -1.50 10.84
CA ARG C 472 -52.35 -0.35 11.22
C ARG C 472 -53.74 -0.78 11.69
N TRP C 473 -54.36 -1.71 10.98
CA TRP C 473 -55.68 -2.20 11.38
C TRP C 473 -55.61 -2.95 12.71
N ALA C 474 -54.52 -3.68 12.95
CA ALA C 474 -54.39 -4.39 14.22
C ALA C 474 -54.14 -3.42 15.37
N LYS C 475 -53.40 -2.34 15.11
CA LYS C 475 -53.16 -1.35 16.16
C LYS C 475 -54.41 -0.51 16.44
N ASP C 476 -55.26 -0.33 15.43
CA ASP C 476 -56.49 0.44 15.64
C ASP C 476 -57.49 -0.28 16.53
N HIS C 477 -57.36 -1.60 16.68
CA HIS C 477 -58.27 -2.39 17.51
C HIS C 477 -57.42 -3.25 18.45
N VAL C 478 -57.23 -2.77 19.68
CA VAL C 478 -56.43 -3.48 20.66
C VAL C 478 -57.28 -4.58 21.29
N VAL C 479 -56.79 -5.81 21.23
CA VAL C 479 -57.48 -6.97 21.78
C VAL C 479 -56.53 -7.69 22.73
N GLU C 480 -57.01 -8.00 23.94
CA GLU C 480 -56.19 -8.69 24.92
C GLU C 480 -55.95 -10.13 24.49
N VAL C 481 -54.74 -10.63 24.79
CA VAL C 481 -54.33 -11.97 24.43
C VAL C 481 -53.93 -12.71 25.71
N GLU C 482 -54.52 -13.87 25.93
CA GLU C 482 -54.21 -14.69 27.09
C GLU C 482 -52.99 -15.56 26.82
N HIS C 483 -52.37 -16.03 27.91
CA HIS C 483 -51.18 -16.86 27.82
C HIS C 483 -51.59 -18.29 27.46
N GLU C 484 -51.29 -18.71 26.24
CA GLU C 484 -51.62 -20.05 25.78
C GLU C 484 -50.67 -20.44 24.67
N PHE C 485 -50.05 -21.62 24.79
CA PHE C 485 -49.11 -22.08 23.78
C PHE C 485 -49.83 -22.58 22.54
N TYR C 486 -50.66 -23.61 22.69
CA TYR C 486 -51.40 -24.18 21.57
C TYR C 486 -52.55 -23.25 21.20
N VAL C 487 -52.48 -22.68 19.99
CA VAL C 487 -53.51 -21.78 19.51
C VAL C 487 -54.72 -22.60 19.07
N LYS C 488 -55.89 -22.27 19.60
CA LYS C 488 -57.11 -22.98 19.24
C LYS C 488 -57.51 -22.68 17.81
N LYS C 489 -58.24 -23.62 17.19
CA LYS C 489 -58.70 -23.46 15.82
C LYS C 489 -60.12 -22.88 15.82
N GLY C 490 -60.18 -21.60 16.14
CA GLY C 490 -61.45 -20.89 16.18
C GLY C 490 -61.32 -19.50 15.60
N GLY C 491 -62.31 -19.14 14.78
CA GLY C 491 -62.34 -17.83 14.15
C GLY C 491 -61.76 -17.85 12.74
N VAL D 216 -32.92 19.24 -3.74
CA VAL D 216 -32.21 19.06 -4.99
C VAL D 216 -31.54 20.37 -5.39
N ILE D 217 -30.38 20.27 -6.05
CA ILE D 217 -29.65 21.47 -6.47
C ILE D 217 -29.87 21.75 -7.95
N ARG D 218 -29.77 20.71 -8.80
CA ARG D 218 -29.95 20.84 -10.24
C ARG D 218 -28.99 21.86 -10.83
N SER D 219 -27.74 21.44 -11.08
CA SER D 219 -26.73 22.34 -11.62
C SER D 219 -26.91 22.51 -13.12
N LYS D 220 -25.86 22.22 -13.89
CA LYS D 220 -25.90 22.37 -15.34
C LYS D 220 -25.28 21.16 -16.04
N THR D 221 -23.98 20.98 -15.88
CA THR D 221 -23.29 19.87 -16.52
C THR D 221 -23.86 18.53 -16.04
N SER D 222 -24.18 18.43 -14.76
CA SER D 222 -24.79 17.21 -14.24
C SER D 222 -26.12 16.93 -14.92
N ALA D 223 -26.84 17.98 -15.33
CA ALA D 223 -28.08 17.78 -16.08
C ALA D 223 -27.82 17.04 -17.39
N ARG D 224 -26.67 17.28 -18.00
CA ARG D 224 -26.29 16.53 -19.19
C ARG D 224 -26.23 15.04 -18.92
N TYR D 225 -25.83 14.66 -17.70
CA TYR D 225 -25.84 13.25 -17.33
C TYR D 225 -27.23 12.64 -17.48
N MET D 226 -28.27 13.43 -17.19
CA MET D 226 -29.63 12.95 -17.41
C MET D 226 -29.85 12.53 -18.85
N GLU D 227 -29.30 13.30 -19.80
CA GLU D 227 -29.38 12.90 -21.20
C GLU D 227 -28.71 11.55 -21.41
N LEU D 228 -27.55 11.33 -20.78
CA LEU D 228 -26.92 10.03 -20.84
C LEU D 228 -27.82 8.93 -20.30
N VAL D 229 -28.65 9.25 -19.31
CA VAL D 229 -29.62 8.28 -18.80
C VAL D 229 -30.50 7.77 -19.92
N GLY D 230 -30.90 8.66 -20.82
CA GLY D 230 -31.66 8.22 -21.99
C GLY D 230 -30.91 7.15 -22.78
N TRP D 231 -29.62 7.39 -23.05
CA TRP D 231 -28.82 6.37 -23.69
C TRP D 231 -28.77 5.11 -22.86
N LEU D 232 -28.70 5.26 -21.52
CA LEU D 232 -28.72 4.09 -20.64
C LEU D 232 -30.01 3.30 -20.74
N VAL D 233 -31.08 3.93 -21.24
CA VAL D 233 -32.33 3.22 -21.49
C VAL D 233 -32.65 3.18 -22.99
N ASP D 234 -31.67 3.47 -23.84
CA ASP D 234 -31.89 3.42 -25.28
C ASP D 234 -31.65 2.01 -25.82
N LYS D 235 -30.44 1.50 -25.65
CA LYS D 235 -30.10 0.17 -26.12
C LYS D 235 -29.61 -0.76 -25.01
N GLY D 236 -29.51 -0.28 -23.77
CA GLY D 236 -29.05 -1.10 -22.67
C GLY D 236 -27.57 -1.35 -22.71
N ILE D 237 -26.80 -0.55 -21.96
CA ILE D 237 -25.35 -0.66 -21.90
C ILE D 237 -24.96 -0.91 -20.46
N THR D 238 -24.20 -1.98 -20.23
CA THR D 238 -23.73 -2.34 -18.90
C THR D 238 -22.22 -2.14 -18.75
N SER D 239 -21.43 -2.77 -19.61
CA SER D 239 -19.98 -2.64 -19.55
C SER D 239 -19.51 -1.46 -20.40
N GLU D 240 -18.49 -1.70 -21.23
CA GLU D 240 -17.95 -0.66 -22.10
C GLU D 240 -17.84 -1.06 -23.57
N LYS D 241 -17.82 -2.35 -23.89
CA LYS D 241 -17.72 -2.77 -25.28
C LYS D 241 -18.92 -2.30 -26.10
N GLN D 242 -20.13 -2.47 -25.54
CA GLN D 242 -21.32 -1.99 -26.22
C GLN D 242 -21.35 -0.47 -26.33
N TRP D 243 -20.84 0.23 -25.30
CA TRP D 243 -20.78 1.68 -25.35
C TRP D 243 -19.82 2.16 -26.44
N ILE D 244 -18.72 1.44 -26.66
CA ILE D 244 -17.81 1.81 -27.72
C ILE D 244 -18.41 1.47 -29.09
N GLN D 245 -19.07 0.31 -29.19
CA GLN D 245 -19.67 -0.10 -30.45
C GLN D 245 -20.87 0.76 -30.84
N GLU D 246 -21.49 1.44 -29.88
CA GLU D 246 -22.63 2.29 -30.17
C GLU D 246 -22.21 3.50 -31.01
N ASP D 247 -21.74 4.56 -30.35
CA ASP D 247 -21.33 5.77 -31.05
C ASP D 247 -20.23 6.44 -30.25
N GLN D 248 -19.37 7.17 -30.96
CA GLN D 248 -18.25 7.89 -30.33
C GLN D 248 -18.61 9.32 -29.95
N ALA D 249 -19.82 9.78 -30.27
CA ALA D 249 -20.22 11.13 -29.88
C ALA D 249 -20.32 11.26 -28.37
N SER D 250 -20.75 10.20 -27.67
CA SER D 250 -20.80 10.24 -26.21
C SER D 250 -19.40 10.38 -25.63
N TYR D 251 -18.43 9.64 -26.17
CA TYR D 251 -17.06 9.77 -25.69
C TYR D 251 -16.49 11.14 -26.03
N ILE D 252 -16.84 11.70 -27.19
CA ILE D 252 -16.38 13.05 -27.53
C ILE D 252 -16.92 14.06 -26.54
N SER D 253 -18.21 13.96 -26.20
CA SER D 253 -18.80 14.88 -25.24
C SER D 253 -18.20 14.70 -23.85
N PHE D 254 -17.91 13.46 -23.47
CA PHE D 254 -17.30 13.22 -22.16
C PHE D 254 -15.89 13.79 -22.09
N ASN D 255 -15.12 13.64 -23.17
CA ASN D 255 -13.77 14.21 -23.19
C ASN D 255 -13.81 15.73 -23.25
N ALA D 256 -14.82 16.31 -23.88
CA ALA D 256 -14.94 17.77 -23.91
C ALA D 256 -15.39 18.32 -22.57
N ALA D 257 -16.18 17.55 -21.81
CA ALA D 257 -16.65 17.98 -20.50
C ALA D 257 -15.53 17.87 -19.47
N SER D 258 -15.56 16.80 -18.68
CA SER D 258 -14.55 16.57 -17.65
C SER D 258 -13.81 15.28 -17.96
N ASN D 259 -12.51 15.27 -17.69
CA ASN D 259 -11.65 14.12 -17.96
C ASN D 259 -11.29 13.47 -16.63
N SER D 260 -12.05 12.43 -16.27
CA SER D 260 -11.82 11.71 -15.02
C SER D 260 -12.42 10.32 -15.09
N ARG D 261 -12.67 9.73 -13.92
CA ARG D 261 -13.24 8.39 -13.86
C ARG D 261 -13.88 8.15 -12.49
N SER D 262 -14.59 9.15 -11.99
CA SER D 262 -15.26 9.05 -10.69
C SER D 262 -16.77 9.21 -10.82
N GLN D 263 -17.19 10.05 -11.75
CA GLN D 263 -18.62 10.29 -11.96
C GLN D 263 -19.19 9.35 -13.03
N ILE D 264 -18.43 9.08 -14.09
CA ILE D 264 -18.94 8.21 -15.14
C ILE D 264 -19.05 6.78 -14.62
N LYS D 265 -18.07 6.33 -13.82
CA LYS D 265 -18.16 4.99 -13.23
C LYS D 265 -19.32 4.90 -12.25
N ALA D 266 -19.55 5.96 -11.47
CA ALA D 266 -20.69 5.96 -10.55
C ALA D 266 -22.00 5.87 -11.30
N ALA D 267 -22.16 6.67 -12.36
CA ALA D 267 -23.37 6.60 -13.18
C ALA D 267 -23.54 5.22 -13.81
N LEU D 268 -22.43 4.63 -14.27
CA LEU D 268 -22.51 3.31 -14.90
C LEU D 268 -22.97 2.25 -13.91
N ASP D 269 -22.38 2.22 -12.71
CA ASP D 269 -22.77 1.20 -11.74
C ASP D 269 -24.19 1.46 -11.22
N ASN D 270 -24.59 2.73 -11.09
CA ASN D 270 -25.96 3.02 -10.68
C ASN D 270 -26.97 2.55 -11.73
N ALA D 271 -26.69 2.82 -13.01
CA ALA D 271 -27.58 2.35 -14.07
C ALA D 271 -27.61 0.83 -14.13
N GLY D 272 -26.46 0.18 -13.91
CA GLY D 272 -26.44 -1.28 -13.89
C GLY D 272 -27.28 -1.85 -12.77
N LYS D 273 -27.13 -1.30 -11.57
CA LYS D 273 -27.92 -1.76 -10.43
C LYS D 273 -29.41 -1.51 -10.66
N ILE D 274 -29.75 -0.38 -11.25
CA ILE D 274 -31.15 -0.07 -11.53
C ILE D 274 -31.73 -1.07 -12.54
N MET D 275 -30.98 -1.35 -13.60
CA MET D 275 -31.46 -2.30 -14.62
C MET D 275 -31.51 -3.71 -14.06
N SER D 276 -30.68 -4.03 -13.08
CA SER D 276 -30.70 -5.38 -12.52
C SER D 276 -31.79 -5.56 -11.47
N LEU D 277 -32.17 -4.49 -10.77
CA LEU D 277 -33.15 -4.59 -9.70
C LEU D 277 -34.55 -4.16 -10.12
N THR D 278 -34.72 -3.53 -11.28
CA THR D 278 -36.03 -3.08 -11.70
C THR D 278 -36.33 -3.47 -13.14
N LYS D 279 -35.45 -3.07 -14.07
CA LYS D 279 -35.69 -3.35 -15.48
C LYS D 279 -35.56 -4.85 -15.77
N THR D 280 -36.20 -5.27 -16.86
CA THR D 280 -36.17 -6.67 -17.27
C THR D 280 -35.48 -6.82 -18.62
N ALA D 281 -35.86 -7.85 -19.38
CA ALA D 281 -35.28 -8.10 -20.69
C ALA D 281 -36.20 -7.67 -21.82
N PRO D 282 -37.47 -8.09 -21.85
CA PRO D 282 -38.33 -7.68 -22.98
C PRO D 282 -38.54 -6.17 -23.06
N ASP D 283 -38.45 -5.47 -21.94
CA ASP D 283 -38.55 -4.01 -21.96
C ASP D 283 -37.43 -3.38 -22.77
N TYR D 284 -36.30 -4.06 -22.95
CA TYR D 284 -35.21 -3.60 -23.78
C TYR D 284 -35.23 -4.24 -25.17
N LEU D 285 -36.30 -4.95 -25.52
CA LEU D 285 -36.41 -5.59 -26.82
C LEU D 285 -37.52 -5.01 -27.69
N VAL D 286 -38.36 -4.13 -27.14
CA VAL D 286 -39.44 -3.53 -27.91
C VAL D 286 -38.87 -2.50 -28.87
N GLY D 287 -39.18 -2.66 -30.16
CA GLY D 287 -38.67 -1.73 -31.15
C GLY D 287 -39.36 -0.37 -31.06
N GLN D 288 -38.63 0.66 -31.49
CA GLN D 288 -39.14 2.02 -31.47
C GLN D 288 -39.50 2.55 -32.85
N GLN D 289 -38.98 1.95 -33.91
CA GLN D 289 -39.26 2.39 -35.28
C GLN D 289 -40.30 1.47 -35.89
N PRO D 290 -41.48 1.98 -36.24
CA PRO D 290 -42.51 1.12 -36.85
C PRO D 290 -42.17 0.73 -38.27
N VAL D 291 -41.31 -0.26 -38.44
CA VAL D 291 -40.92 -0.72 -39.78
C VAL D 291 -41.99 -1.64 -40.35
N GLU D 292 -42.22 -2.77 -39.69
CA GLU D 292 -43.20 -3.77 -40.11
C GLU D 292 -42.92 -4.26 -41.53
N ASP D 293 -41.75 -4.87 -41.69
CA ASP D 293 -41.30 -5.41 -42.97
C ASP D 293 -40.83 -6.83 -42.76
N ILE D 294 -41.61 -7.80 -43.26
CA ILE D 294 -41.26 -9.21 -43.11
C ILE D 294 -40.22 -9.67 -44.12
N SER D 295 -39.96 -8.87 -45.17
CA SER D 295 -38.98 -9.27 -46.17
C SER D 295 -37.55 -9.04 -45.67
N SER D 296 -37.32 -7.95 -44.94
CA SER D 296 -35.99 -7.66 -44.42
C SER D 296 -35.61 -8.56 -43.25
N ASN D 297 -36.58 -9.18 -42.59
CA ASN D 297 -36.32 -10.07 -41.46
C ASN D 297 -35.72 -11.36 -42.00
N ARG D 298 -34.41 -11.50 -41.90
CA ARG D 298 -33.73 -12.68 -42.44
C ARG D 298 -33.92 -13.91 -41.57
N ILE D 299 -34.11 -13.74 -40.27
CA ILE D 299 -34.29 -14.89 -39.38
C ILE D 299 -35.67 -15.51 -39.56
N TYR D 300 -36.60 -14.83 -40.23
CA TYR D 300 -37.91 -15.40 -40.49
C TYR D 300 -37.84 -16.54 -41.49
N LYS D 301 -36.86 -16.50 -42.40
CA LYS D 301 -36.69 -17.59 -43.36
C LYS D 301 -36.33 -18.89 -42.67
N ILE D 302 -35.52 -18.82 -41.60
CA ILE D 302 -35.17 -20.03 -40.85
C ILE D 302 -36.42 -20.63 -40.21
N LEU D 303 -37.28 -19.78 -39.64
CA LEU D 303 -38.49 -20.28 -38.99
C LEU D 303 -39.46 -20.85 -40.02
N GLU D 304 -39.55 -20.23 -41.20
CA GLU D 304 -40.45 -20.75 -42.23
C GLU D 304 -39.90 -21.99 -42.91
N LEU D 305 -38.58 -22.22 -42.84
CA LEU D 305 -38.01 -23.44 -43.41
C LEU D 305 -38.05 -24.59 -42.43
N ASN D 306 -37.91 -24.30 -41.12
CA ASN D 306 -37.98 -25.37 -40.13
C ASN D 306 -39.39 -25.90 -39.93
N GLY D 307 -40.40 -25.18 -40.42
CA GLY D 307 -41.78 -25.60 -40.27
C GLY D 307 -42.48 -24.97 -39.09
N TYR D 308 -42.21 -23.70 -38.85
CA TYR D 308 -42.81 -22.95 -37.75
C TYR D 308 -43.75 -21.88 -38.28
N ASP D 309 -44.90 -21.75 -37.63
CA ASP D 309 -45.85 -20.73 -38.04
C ASP D 309 -45.35 -19.35 -37.66
N PRO D 310 -45.50 -18.35 -38.54
CA PRO D 310 -45.03 -17.00 -38.21
C PRO D 310 -45.73 -16.37 -37.03
N GLN D 311 -46.96 -16.80 -36.71
CA GLN D 311 -47.72 -16.27 -35.59
C GLN D 311 -47.78 -17.26 -34.42
N TYR D 312 -46.76 -18.11 -34.29
CA TYR D 312 -46.71 -19.10 -33.21
C TYR D 312 -45.48 -18.91 -32.35
N ALA D 313 -44.27 -19.17 -32.88
CA ALA D 313 -43.06 -19.00 -32.09
C ALA D 313 -42.86 -17.55 -31.66
N ALA D 314 -43.37 -16.60 -32.45
CA ALA D 314 -43.29 -15.19 -32.07
C ALA D 314 -43.97 -14.95 -30.72
N SER D 315 -45.26 -15.30 -30.64
CA SER D 315 -45.97 -15.16 -29.37
C SER D 315 -45.39 -16.08 -28.30
N VAL D 316 -44.79 -17.20 -28.72
CA VAL D 316 -44.17 -18.11 -27.75
C VAL D 316 -43.04 -17.40 -27.00
N PHE D 317 -42.08 -16.83 -27.74
CA PHE D 317 -41.01 -16.14 -27.04
C PHE D 317 -41.45 -14.79 -26.48
N LEU D 318 -42.54 -14.22 -26.98
CA LEU D 318 -43.11 -13.04 -26.33
C LEU D 318 -43.60 -13.36 -24.93
N GLY D 319 -44.37 -14.44 -24.78
CA GLY D 319 -44.79 -14.87 -23.46
C GLY D 319 -43.65 -15.40 -22.62
N TRP D 320 -42.60 -15.94 -23.27
CA TRP D 320 -41.44 -16.41 -22.53
C TRP D 320 -40.64 -15.27 -21.93
N ALA D 321 -40.51 -14.17 -22.68
CA ALA D 321 -39.74 -13.03 -22.19
C ALA D 321 -40.52 -12.21 -21.17
N THR D 322 -41.80 -11.97 -21.43
CA THR D 322 -42.63 -11.17 -20.54
C THR D 322 -43.18 -11.95 -19.36
N LYS D 323 -42.79 -13.23 -19.21
CA LYS D 323 -43.24 -14.07 -18.10
C LYS D 323 -44.77 -14.16 -18.05
N LYS D 324 -45.37 -14.45 -19.20
CA LYS D 324 -46.82 -14.55 -19.31
C LYS D 324 -47.34 -15.91 -18.89
N PHE D 325 -46.70 -16.99 -19.35
CA PHE D 325 -47.16 -18.34 -18.99
C PHE D 325 -46.85 -18.65 -17.54
N GLY D 326 -45.73 -18.18 -17.04
CA GLY D 326 -45.33 -18.44 -15.66
C GLY D 326 -44.57 -19.72 -15.43
N LYS D 327 -45.17 -20.86 -15.80
CA LYS D 327 -44.55 -22.16 -15.65
C LYS D 327 -43.70 -22.53 -16.86
N ARG D 328 -44.22 -22.36 -18.07
CA ARG D 328 -43.48 -22.66 -19.30
C ARG D 328 -42.61 -21.46 -19.67
N ASN D 329 -41.55 -21.28 -18.90
CA ASN D 329 -40.61 -20.16 -19.08
C ASN D 329 -39.27 -20.66 -19.59
N THR D 330 -39.28 -21.68 -20.46
CA THR D 330 -38.05 -22.25 -21.01
C THR D 330 -38.32 -22.69 -22.44
N ILE D 331 -37.39 -22.35 -23.33
CA ILE D 331 -37.45 -22.73 -24.74
C ILE D 331 -36.22 -23.56 -25.07
N TRP D 332 -36.45 -24.82 -25.44
CA TRP D 332 -35.37 -25.74 -25.77
C TRP D 332 -35.31 -25.92 -27.29
N LEU D 333 -34.11 -25.82 -27.84
CA LEU D 333 -33.88 -25.98 -29.28
C LEU D 333 -33.21 -27.31 -29.54
N PHE D 334 -33.71 -28.03 -30.56
CA PHE D 334 -33.18 -29.33 -30.94
C PHE D 334 -32.89 -29.35 -32.42
N GLY D 335 -31.82 -30.05 -32.81
CA GLY D 335 -31.43 -30.16 -34.19
C GLY D 335 -29.93 -30.32 -34.36
N PRO D 336 -29.46 -30.31 -35.59
CA PRO D 336 -28.03 -30.46 -35.84
C PRO D 336 -27.25 -29.22 -35.43
N ALA D 337 -25.97 -29.42 -35.14
CA ALA D 337 -25.09 -28.33 -34.73
C ALA D 337 -24.63 -27.46 -35.89
N THR D 338 -24.87 -27.88 -37.14
CA THR D 338 -24.46 -27.13 -38.31
C THR D 338 -25.55 -26.17 -38.80
N THR D 339 -26.59 -25.94 -38.00
CA THR D 339 -27.66 -25.03 -38.41
C THR D 339 -27.23 -23.58 -38.26
N GLY D 340 -27.19 -23.08 -37.03
CA GLY D 340 -26.80 -21.71 -36.78
C GLY D 340 -27.51 -21.08 -35.61
N LYS D 341 -28.04 -21.92 -34.70
CA LYS D 341 -28.74 -21.39 -33.54
C LYS D 341 -27.79 -20.73 -32.56
N THR D 342 -26.52 -21.16 -32.56
CA THR D 342 -25.54 -20.57 -31.65
C THR D 342 -25.29 -19.09 -31.97
N ASN D 343 -25.26 -18.76 -33.27
CA ASN D 343 -25.06 -17.36 -33.66
C ASN D 343 -26.23 -16.49 -33.22
N ILE D 344 -27.46 -16.99 -33.39
CA ILE D 344 -28.63 -16.23 -32.96
C ILE D 344 -28.64 -16.09 -31.44
N ALA D 345 -28.24 -17.14 -30.72
CA ALA D 345 -28.18 -17.07 -29.26
C ALA D 345 -27.16 -16.04 -28.81
N GLU D 346 -25.98 -16.03 -29.46
CA GLU D 346 -24.95 -15.04 -29.10
C GLU D 346 -25.42 -13.63 -29.43
N ALA D 347 -26.14 -13.46 -30.54
CA ALA D 347 -26.65 -12.13 -30.89
C ALA D 347 -27.68 -11.66 -29.87
N ILE D 348 -28.59 -12.54 -29.45
CA ILE D 348 -29.59 -12.17 -28.45
C ILE D 348 -28.91 -11.86 -27.12
N ALA D 349 -27.87 -12.61 -26.78
CA ALA D 349 -27.14 -12.34 -25.54
C ALA D 349 -26.42 -10.99 -25.60
N HIS D 350 -25.87 -10.64 -26.77
CA HIS D 350 -25.20 -9.37 -26.91
C HIS D 350 -26.18 -8.21 -26.87
N THR D 351 -27.38 -8.39 -27.44
CA THR D 351 -28.39 -7.35 -27.39
C THR D 351 -28.99 -7.17 -26.00
N VAL D 352 -28.83 -8.16 -25.13
CA VAL D 352 -29.33 -8.08 -23.75
C VAL D 352 -28.22 -7.52 -22.87
N PRO D 353 -28.50 -6.49 -22.06
CA PRO D 353 -27.45 -5.90 -21.22
C PRO D 353 -26.98 -6.85 -20.13
N PHE D 354 -27.92 -7.45 -19.40
CA PHE D 354 -27.61 -8.36 -18.30
C PHE D 354 -27.96 -9.77 -18.75
N TYR D 355 -26.98 -10.50 -19.25
CA TYR D 355 -27.15 -11.88 -19.71
C TYR D 355 -26.18 -12.78 -18.99
N GLY D 356 -26.60 -14.03 -18.76
CA GLY D 356 -25.76 -15.01 -18.11
C GLY D 356 -25.66 -16.27 -18.96
N CYS D 357 -24.52 -16.97 -18.83
CA CYS D 357 -24.26 -18.18 -19.56
C CYS D 357 -23.72 -19.25 -18.63
N VAL D 358 -24.13 -20.49 -18.85
CA VAL D 358 -23.69 -21.63 -18.04
C VAL D 358 -22.53 -22.28 -18.79
N ASN D 359 -21.30 -21.94 -18.42
CA ASN D 359 -20.10 -22.50 -19.01
C ASN D 359 -19.58 -23.62 -18.12
N TRP D 360 -19.53 -24.83 -18.68
CA TRP D 360 -19.08 -25.99 -17.93
C TRP D 360 -17.57 -25.94 -17.70
N THR D 361 -17.16 -25.27 -16.62
CA THR D 361 -15.75 -25.15 -16.26
C THR D 361 -15.45 -25.73 -14.89
N ASN D 362 -16.25 -25.39 -13.89
CA ASN D 362 -16.08 -25.90 -12.53
C ASN D 362 -17.01 -27.07 -12.27
N GLU D 363 -16.64 -27.90 -11.29
CA GLU D 363 -17.46 -29.07 -10.96
C GLU D 363 -18.61 -28.69 -10.03
N ASN D 364 -18.46 -27.60 -9.27
CA ASN D 364 -19.49 -27.15 -8.34
C ASN D 364 -19.93 -25.72 -8.62
N PHE D 365 -19.67 -25.21 -9.82
CA PHE D 365 -20.05 -23.85 -10.19
C PHE D 365 -20.22 -23.77 -11.70
N PRO D 366 -21.33 -24.28 -12.23
CA PRO D 366 -21.55 -24.22 -13.68
C PRO D 366 -22.02 -22.85 -14.14
N PHE D 367 -22.76 -22.14 -13.29
CA PHE D 367 -23.27 -20.81 -13.61
C PHE D 367 -22.23 -19.76 -13.19
N ASN D 368 -21.13 -19.73 -13.93
CA ASN D 368 -20.06 -18.79 -13.65
C ASN D 368 -20.44 -17.38 -14.10
N ASP D 369 -21.18 -17.28 -15.20
CA ASP D 369 -21.58 -15.97 -15.72
C ASP D 369 -22.98 -15.57 -15.28
N CYS D 370 -23.81 -16.53 -14.87
CA CYS D 370 -25.19 -16.25 -14.45
C CYS D 370 -25.15 -15.67 -13.04
N VAL D 371 -24.84 -14.37 -12.96
CA VAL D 371 -24.76 -13.67 -11.68
C VAL D 371 -25.89 -12.67 -11.60
N ASP D 372 -27.11 -13.16 -11.39
CA ASP D 372 -28.32 -12.34 -11.27
C ASP D 372 -28.50 -11.45 -12.51
N LYS D 373 -28.76 -12.13 -13.63
CA LYS D 373 -28.96 -11.49 -14.92
C LYS D 373 -30.42 -11.63 -15.34
N MET D 374 -30.69 -11.33 -16.61
CA MET D 374 -32.04 -11.41 -17.16
C MET D 374 -32.25 -12.69 -17.95
N VAL D 375 -31.52 -12.87 -19.04
CA VAL D 375 -31.64 -14.04 -19.91
C VAL D 375 -30.48 -14.98 -19.61
N ILE D 376 -30.81 -16.23 -19.30
CA ILE D 376 -29.82 -17.25 -18.99
C ILE D 376 -29.73 -18.21 -20.18
N TRP D 377 -28.50 -18.59 -20.53
CA TRP D 377 -28.24 -19.53 -21.61
C TRP D 377 -27.58 -20.78 -21.04
N TRP D 378 -28.00 -21.93 -21.55
CA TRP D 378 -27.48 -23.22 -21.12
C TRP D 378 -26.71 -23.84 -22.29
N GLU D 379 -25.39 -23.93 -22.14
CA GLU D 379 -24.54 -24.47 -23.20
C GLU D 379 -24.59 -25.99 -23.18
N GLU D 380 -23.77 -26.63 -24.01
CA GLU D 380 -23.74 -28.08 -24.08
C GLU D 380 -23.11 -28.68 -22.84
N GLY D 381 -23.69 -29.77 -22.35
CA GLY D 381 -23.17 -30.44 -21.17
C GLY D 381 -24.27 -30.92 -20.24
N LYS D 382 -24.19 -32.18 -19.83
CA LYS D 382 -25.17 -32.76 -18.93
C LYS D 382 -24.88 -32.37 -17.49
N MET D 383 -25.93 -32.11 -16.72
CA MET D 383 -25.80 -31.72 -15.33
C MET D 383 -25.70 -32.95 -14.43
N THR D 384 -25.04 -32.77 -13.30
CA THR D 384 -24.87 -33.85 -12.33
C THR D 384 -26.03 -33.87 -11.34
N ALA D 385 -26.28 -35.05 -10.77
CA ALA D 385 -27.36 -35.22 -9.81
C ALA D 385 -27.03 -34.58 -8.46
N LYS D 386 -27.12 -33.26 -8.40
CA LYS D 386 -26.84 -32.52 -7.18
C LYS D 386 -27.92 -31.48 -6.92
N VAL D 387 -28.35 -30.80 -7.98
CA VAL D 387 -29.38 -29.78 -7.88
C VAL D 387 -30.35 -29.90 -9.05
N VAL D 388 -30.33 -31.06 -9.70
CA VAL D 388 -31.19 -31.33 -10.85
C VAL D 388 -32.61 -30.81 -10.58
N GLU D 389 -33.18 -31.21 -9.44
CA GLU D 389 -34.50 -30.68 -9.08
C GLU D 389 -34.47 -29.17 -8.94
N SER D 390 -33.36 -28.64 -8.41
CA SER D 390 -33.20 -27.19 -8.36
C SER D 390 -33.20 -26.58 -9.76
N ALA D 391 -32.60 -27.28 -10.73
CA ALA D 391 -32.66 -26.83 -12.12
C ALA D 391 -34.10 -26.72 -12.60
N LYS D 392 -35.00 -27.54 -12.04
CA LYS D 392 -36.42 -27.41 -12.38
C LYS D 392 -36.92 -26.01 -12.05
N ALA D 393 -36.55 -25.48 -10.89
CA ALA D 393 -36.92 -24.11 -10.55
C ALA D 393 -36.31 -23.10 -11.51
N ILE D 394 -35.19 -23.46 -12.14
CA ILE D 394 -34.62 -22.61 -13.18
C ILE D 394 -35.25 -22.91 -14.53
N LEU D 395 -35.78 -24.12 -14.72
CA LEU D 395 -36.42 -24.51 -15.96
C LEU D 395 -37.94 -24.32 -15.93
N GLY D 396 -38.46 -23.72 -14.87
CA GLY D 396 -39.89 -23.48 -14.76
C GLY D 396 -40.22 -22.11 -14.21
N GLY D 397 -39.19 -21.35 -13.84
CA GLY D 397 -39.38 -20.02 -13.30
C GLY D 397 -39.89 -20.03 -11.87
N SER D 398 -38.98 -20.04 -10.91
CA SER D 398 -39.35 -20.05 -9.50
C SER D 398 -38.19 -19.52 -8.68
N LYS D 399 -38.51 -18.69 -7.68
CA LYS D 399 -37.50 -18.15 -6.77
C LYS D 399 -36.95 -19.28 -5.91
N VAL D 400 -35.66 -19.57 -6.05
CA VAL D 400 -35.01 -20.66 -5.33
C VAL D 400 -33.72 -20.14 -4.71
N ARG D 401 -33.52 -20.42 -3.43
CA ARG D 401 -32.34 -19.98 -2.71
C ARG D 401 -31.29 -21.10 -2.77
N VAL D 402 -30.18 -20.84 -3.47
CA VAL D 402 -29.11 -21.82 -3.60
C VAL D 402 -27.81 -21.21 -3.08
N ASP D 403 -26.75 -21.99 -3.11
CA ASP D 403 -25.44 -21.53 -2.65
C ASP D 403 -24.50 -21.31 -3.83
N GLN D 404 -23.37 -20.65 -3.57
CA GLN D 404 -22.39 -20.37 -4.60
C GLN D 404 -21.08 -21.10 -4.33
N LYS D 405 -19.99 -20.35 -4.23
CA LYS D 405 -18.68 -20.92 -3.97
C LYS D 405 -18.49 -21.21 -2.48
N CYS D 406 -17.78 -20.31 -1.80
CA CYS D 406 -17.51 -20.46 -0.37
C CYS D 406 -18.30 -19.45 0.44
N LYS D 407 -19.19 -19.94 1.31
CA LYS D 407 -20.02 -19.10 2.16
C LYS D 407 -20.71 -17.99 1.39
N SER D 408 -21.50 -18.37 0.39
CA SER D 408 -22.23 -17.41 -0.44
C SER D 408 -23.55 -18.00 -0.92
N SER D 409 -24.64 -17.26 -0.69
CA SER D 409 -25.95 -17.72 -1.11
C SER D 409 -26.58 -16.69 -2.05
N ALA D 410 -27.54 -17.15 -2.84
CA ALA D 410 -28.23 -16.29 -3.80
C ALA D 410 -29.62 -16.84 -4.07
N GLN D 411 -30.59 -15.94 -4.15
CA GLN D 411 -31.99 -16.30 -4.41
C GLN D 411 -32.28 -16.00 -5.88
N ILE D 412 -32.23 -17.03 -6.71
CA ILE D 412 -32.51 -16.87 -8.13
C ILE D 412 -33.99 -16.65 -8.34
N ASP D 413 -34.33 -15.60 -9.08
CA ASP D 413 -35.70 -15.23 -9.43
C ASP D 413 -36.15 -15.95 -10.68
N PRO D 414 -37.47 -16.06 -10.90
CA PRO D 414 -37.96 -16.65 -12.16
C PRO D 414 -37.46 -15.91 -13.39
N THR D 415 -36.30 -16.34 -13.92
CA THR D 415 -35.65 -15.70 -15.05
C THR D 415 -35.81 -16.53 -16.32
N PRO D 416 -35.95 -15.88 -17.47
CA PRO D 416 -36.05 -16.62 -18.73
C PRO D 416 -34.74 -17.34 -19.05
N VAL D 417 -34.84 -18.65 -19.28
CA VAL D 417 -33.70 -19.51 -19.55
C VAL D 417 -33.93 -20.22 -20.88
N ILE D 418 -32.89 -20.28 -21.71
CA ILE D 418 -32.92 -20.98 -22.99
C ILE D 418 -31.81 -22.02 -22.98
N VAL D 419 -32.17 -23.26 -23.27
CA VAL D 419 -31.22 -24.36 -23.35
C VAL D 419 -30.68 -24.41 -24.78
N THR D 420 -29.43 -23.99 -24.95
CA THR D 420 -28.79 -23.96 -26.26
C THR D 420 -28.15 -25.29 -26.63
N SER D 421 -28.42 -26.36 -25.89
CA SER D 421 -27.86 -27.67 -26.18
C SER D 421 -28.56 -28.26 -27.40
N ASN D 422 -27.85 -28.33 -28.53
CA ASN D 422 -28.43 -28.87 -29.74
C ASN D 422 -28.57 -30.39 -29.69
N THR D 423 -27.89 -31.05 -28.76
CA THR D 423 -27.97 -32.50 -28.64
C THR D 423 -29.23 -32.89 -27.87
N ASN D 424 -29.36 -34.18 -27.56
CA ASN D 424 -30.51 -34.70 -26.84
C ASN D 424 -30.39 -34.29 -25.37
N MET D 425 -31.08 -33.21 -25.00
CA MET D 425 -31.04 -32.73 -23.63
C MET D 425 -31.88 -33.58 -22.68
N CYS D 426 -32.82 -34.36 -23.21
CA CYS D 426 -33.65 -35.20 -22.35
C CYS D 426 -32.85 -36.35 -21.74
N ALA D 427 -31.76 -36.76 -22.40
CA ALA D 427 -30.92 -37.85 -21.90
C ALA D 427 -29.87 -37.25 -20.96
N VAL D 428 -30.30 -37.00 -19.72
CA VAL D 428 -29.43 -36.42 -18.72
C VAL D 428 -28.45 -37.50 -18.25
N ILE D 429 -27.17 -37.30 -18.51
CA ILE D 429 -26.13 -38.25 -18.13
C ILE D 429 -25.60 -37.84 -16.76
N ASP D 430 -25.79 -38.71 -15.77
CA ASP D 430 -25.34 -38.45 -14.40
C ASP D 430 -23.89 -38.94 -14.26
N GLY D 431 -22.98 -38.18 -14.87
CA GLY D 431 -21.57 -38.51 -14.83
C GLY D 431 -21.21 -39.66 -15.76
N ASN D 432 -21.62 -40.87 -15.39
CA ASN D 432 -21.34 -42.05 -16.19
C ASN D 432 -22.58 -42.87 -16.52
N SER D 433 -23.77 -42.46 -16.06
CA SER D 433 -25.00 -43.17 -16.32
C SER D 433 -26.05 -42.19 -16.81
N THR D 434 -26.81 -42.59 -17.83
CA THR D 434 -27.85 -41.75 -18.40
C THR D 434 -29.16 -41.99 -17.66
N THR D 435 -29.75 -40.91 -17.14
CA THR D 435 -31.00 -40.99 -16.40
C THR D 435 -32.16 -40.50 -17.26
N PHE D 436 -33.37 -40.88 -16.86
CA PHE D 436 -34.57 -40.50 -17.59
C PHE D 436 -35.76 -40.24 -16.67
N GLU D 437 -35.56 -40.13 -15.36
CA GLU D 437 -36.64 -39.88 -14.43
C GLU D 437 -37.08 -38.42 -14.40
N HIS D 438 -36.27 -37.51 -14.95
CA HIS D 438 -36.61 -36.10 -14.98
C HIS D 438 -37.11 -35.64 -16.35
N GLN D 439 -37.19 -36.56 -17.32
CA GLN D 439 -37.64 -36.19 -18.67
C GLN D 439 -39.15 -35.94 -18.70
N GLN D 440 -39.91 -36.73 -17.94
CA GLN D 440 -41.37 -36.58 -17.96
C GLN D 440 -41.83 -35.24 -17.38
N PRO D 441 -41.38 -34.80 -16.20
CA PRO D 441 -41.86 -33.49 -15.71
C PRO D 441 -41.33 -32.32 -16.53
N LEU D 442 -40.11 -32.42 -17.06
CA LEU D 442 -39.55 -31.31 -17.84
C LEU D 442 -40.34 -31.03 -19.10
N GLN D 443 -41.17 -31.98 -19.56
CA GLN D 443 -42.03 -31.74 -20.71
C GLN D 443 -43.16 -30.78 -20.39
N ASP D 444 -43.43 -30.53 -19.11
CA ASP D 444 -44.48 -29.62 -18.69
C ASP D 444 -43.97 -28.25 -18.28
N ARG D 445 -42.66 -28.01 -18.35
CA ARG D 445 -42.07 -26.75 -17.97
C ARG D 445 -41.25 -26.08 -19.06
N MET D 446 -40.85 -26.81 -20.09
CA MET D 446 -40.04 -26.26 -21.18
C MET D 446 -40.84 -26.32 -22.48
N PHE D 447 -40.17 -25.98 -23.59
CA PHE D 447 -40.77 -26.00 -24.91
C PHE D 447 -39.79 -26.62 -25.89
N LYS D 448 -40.20 -27.74 -26.49
CA LYS D 448 -39.35 -28.47 -27.43
C LYS D 448 -39.51 -27.85 -28.82
N PHE D 449 -38.41 -27.34 -29.37
CA PHE D 449 -38.38 -26.72 -30.69
C PHE D 449 -37.35 -27.46 -31.54
N GLU D 450 -37.77 -28.57 -32.14
CA GLU D 450 -36.90 -29.38 -32.98
C GLU D 450 -36.97 -28.93 -34.43
N LEU D 451 -35.91 -29.23 -35.17
CA LEU D 451 -35.84 -28.87 -36.58
C LEU D 451 -34.82 -29.77 -37.26
N THR D 452 -35.11 -30.11 -38.53
CA THR D 452 -34.24 -30.96 -39.33
C THR D 452 -33.75 -30.27 -40.58
N ARG D 453 -33.76 -28.94 -40.59
CA ARG D 453 -33.31 -28.15 -41.74
C ARG D 453 -31.89 -27.65 -41.50
N ARG D 454 -31.00 -27.92 -42.45
CA ARG D 454 -29.61 -27.51 -42.36
C ARG D 454 -29.40 -26.22 -43.14
N LEU D 455 -28.63 -25.31 -42.56
CA LEU D 455 -28.34 -24.02 -43.16
C LEU D 455 -26.93 -24.00 -43.73
N ASP D 456 -26.72 -23.14 -44.73
CA ASP D 456 -25.41 -23.01 -45.37
C ASP D 456 -24.65 -21.81 -44.81
N HIS D 457 -23.88 -21.15 -45.66
CA HIS D 457 -23.10 -19.99 -45.25
C HIS D 457 -23.84 -18.69 -45.58
N ASP D 458 -23.38 -17.61 -44.96
CA ASP D 458 -23.95 -16.27 -45.15
C ASP D 458 -25.44 -16.27 -44.78
N PHE D 459 -25.72 -16.58 -43.53
CA PHE D 459 -27.09 -16.62 -43.03
C PHE D 459 -27.10 -16.36 -41.53
N GLY D 460 -26.39 -15.32 -41.11
CA GLY D 460 -26.32 -14.97 -39.70
C GLY D 460 -26.10 -13.49 -39.47
N LYS D 461 -25.00 -13.15 -38.79
CA LYS D 461 -24.63 -11.79 -38.43
C LYS D 461 -25.84 -10.95 -38.01
N VAL D 462 -26.71 -11.56 -37.20
CA VAL D 462 -27.89 -10.87 -36.72
C VAL D 462 -27.50 -9.81 -35.71
N THR D 463 -28.08 -8.62 -35.84
CA THR D 463 -27.77 -7.51 -34.95
C THR D 463 -28.92 -7.23 -34.00
N LYS D 464 -29.21 -5.95 -33.75
CA LYS D 464 -30.28 -5.55 -32.84
C LYS D 464 -31.50 -5.00 -33.55
N GLN D 465 -31.33 -4.34 -34.70
CA GLN D 465 -32.48 -3.77 -35.39
C GLN D 465 -33.43 -4.85 -35.89
N GLU D 466 -32.88 -5.96 -36.40
CA GLU D 466 -33.71 -7.04 -36.92
C GLU D 466 -34.56 -7.66 -35.82
N VAL D 467 -33.93 -8.02 -34.70
CA VAL D 467 -34.69 -8.64 -33.61
C VAL D 467 -35.64 -7.63 -32.97
N LYS D 468 -35.28 -6.34 -32.96
CA LYS D 468 -36.19 -5.34 -32.43
C LYS D 468 -37.43 -5.21 -33.29
N ASP D 469 -37.24 -5.18 -34.62
CA ASP D 469 -38.39 -5.12 -35.52
C ASP D 469 -39.24 -6.37 -35.42
N PHE D 470 -38.59 -7.54 -35.26
CA PHE D 470 -39.34 -8.78 -35.09
C PHE D 470 -40.18 -8.75 -33.81
N PHE D 471 -39.59 -8.27 -32.72
CA PHE D 471 -40.33 -8.17 -31.46
C PHE D 471 -41.49 -7.19 -31.58
N ARG D 472 -41.26 -6.07 -32.28
CA ARG D 472 -42.33 -5.08 -32.47
C ARG D 472 -43.48 -5.68 -33.30
N TRP D 473 -43.14 -6.39 -34.38
CA TRP D 473 -44.17 -7.01 -35.20
C TRP D 473 -44.92 -8.10 -34.45
N ALA D 474 -44.23 -8.84 -33.58
CA ALA D 474 -44.90 -9.87 -32.79
C ALA D 474 -45.80 -9.25 -31.72
N LYS D 475 -45.39 -8.11 -31.16
CA LYS D 475 -46.22 -7.44 -30.16
C LYS D 475 -47.43 -6.76 -30.81
N ASP D 476 -47.29 -6.33 -32.06
CA ASP D 476 -48.41 -5.70 -32.76
C ASP D 476 -49.54 -6.67 -33.07
N HIS D 477 -49.28 -7.98 -33.07
CA HIS D 477 -50.29 -8.99 -33.36
C HIS D 477 -50.23 -10.04 -32.25
N VAL D 478 -51.15 -9.94 -31.29
CA VAL D 478 -51.18 -10.89 -30.18
C VAL D 478 -51.94 -12.14 -30.60
N VAL D 479 -51.28 -13.29 -30.46
CA VAL D 479 -51.87 -14.58 -30.82
C VAL D 479 -51.75 -15.50 -29.62
N GLU D 480 -52.86 -16.15 -29.25
CA GLU D 480 -52.87 -17.06 -28.12
C GLU D 480 -52.07 -18.32 -28.44
N VAL D 481 -51.38 -18.83 -27.42
CA VAL D 481 -50.54 -20.02 -27.54
C VAL D 481 -51.05 -21.06 -26.54
N GLU D 482 -51.34 -22.26 -27.04
CA GLU D 482 -51.80 -23.35 -26.20
C GLU D 482 -50.62 -24.07 -25.57
N HIS D 483 -50.90 -24.79 -24.48
CA HIS D 483 -49.88 -25.53 -23.76
C HIS D 483 -49.55 -26.81 -24.52
N GLU D 484 -48.36 -26.86 -25.12
CA GLU D 484 -47.93 -28.03 -25.87
C GLU D 484 -46.41 -28.06 -25.91
N PHE D 485 -45.85 -29.21 -25.55
CA PHE D 485 -44.39 -29.35 -25.53
C PHE D 485 -43.84 -29.51 -26.93
N TYR D 486 -44.26 -30.57 -27.64
CA TYR D 486 -43.78 -30.83 -28.99
C TYR D 486 -44.46 -29.87 -29.96
N VAL D 487 -43.68 -28.98 -30.55
CA VAL D 487 -44.20 -28.01 -31.51
C VAL D 487 -44.45 -28.71 -32.84
N LYS D 488 -45.67 -28.58 -33.35
CA LYS D 488 -46.02 -29.20 -34.62
C LYS D 488 -45.31 -28.52 -35.78
N LYS D 489 -45.12 -29.28 -36.86
CA LYS D 489 -44.44 -28.76 -38.06
C LYS D 489 -45.49 -28.23 -39.04
N GLY D 490 -46.05 -27.08 -38.68
CA GLY D 490 -47.05 -26.44 -39.51
C GLY D 490 -46.90 -24.94 -39.58
N GLY D 491 -46.99 -24.38 -40.79
CA GLY D 491 -46.85 -22.94 -40.97
C GLY D 491 -45.48 -22.53 -41.46
N VAL E 216 -23.62 18.32 -24.52
CA VAL E 216 -22.20 18.52 -24.78
C VAL E 216 -21.81 19.94 -24.37
N ILE E 217 -20.58 20.08 -23.85
CA ILE E 217 -20.06 21.38 -23.42
C ILE E 217 -19.23 22.04 -24.51
N ARG E 218 -18.25 21.30 -25.05
CA ARG E 218 -17.37 21.80 -26.11
C ARG E 218 -16.67 23.08 -25.69
N SER E 219 -15.59 22.96 -24.92
CA SER E 219 -14.84 24.11 -24.44
C SER E 219 -13.91 24.65 -25.53
N LYS E 220 -12.64 24.87 -25.16
CA LYS E 220 -11.66 25.39 -26.10
C LYS E 220 -10.44 24.47 -26.22
N THR E 221 -9.66 24.34 -25.15
CA THR E 221 -8.47 23.47 -25.22
C THR E 221 -8.84 22.03 -25.52
N SER E 222 -9.97 21.57 -24.95
CA SER E 222 -10.44 20.22 -25.26
C SER E 222 -10.73 20.05 -26.75
N ALA E 223 -11.15 21.13 -27.42
CA ALA E 223 -11.34 21.06 -28.86
C ALA E 223 -10.05 20.72 -29.58
N ARG E 224 -8.91 21.21 -29.06
CA ARG E 224 -7.62 20.84 -29.63
C ARG E 224 -7.40 19.33 -29.55
N TYR E 225 -7.93 18.67 -28.52
CA TYR E 225 -7.86 17.22 -28.45
C TYR E 225 -8.48 16.57 -29.67
N MET E 226 -9.56 17.16 -30.19
CA MET E 226 -10.16 16.65 -31.42
C MET E 226 -9.15 16.63 -32.56
N GLU E 227 -8.32 17.67 -32.65
CA GLU E 227 -7.25 17.66 -33.65
C GLU E 227 -6.32 16.47 -33.45
N LEU E 228 -5.99 16.16 -32.18
CA LEU E 228 -5.19 14.98 -31.89
C LEU E 228 -5.87 13.73 -32.41
N VAL E 229 -7.20 13.70 -32.37
CA VAL E 229 -7.95 12.57 -32.90
C VAL E 229 -7.58 12.33 -34.35
N GLY E 230 -7.42 13.41 -35.13
CA GLY E 230 -6.95 13.27 -36.50
C GLY E 230 -5.62 12.54 -36.57
N TRP E 231 -4.68 12.91 -35.71
CA TRP E 231 -3.41 12.18 -35.65
C TRP E 231 -3.66 10.72 -35.27
N LEU E 232 -4.61 10.48 -34.37
CA LEU E 232 -4.94 9.11 -33.99
C LEU E 232 -5.51 8.31 -35.17
N VAL E 233 -6.00 8.98 -36.20
CA VAL E 233 -6.43 8.32 -37.42
C VAL E 233 -5.56 8.69 -38.60
N ASP E 234 -4.38 9.30 -38.35
CA ASP E 234 -3.48 9.65 -39.44
C ASP E 234 -2.58 8.48 -39.82
N LYS E 235 -1.80 7.98 -38.87
CA LYS E 235 -0.90 6.87 -39.11
C LYS E 235 -1.17 5.68 -38.20
N GLY E 236 -2.13 5.77 -37.29
CA GLY E 236 -2.44 4.68 -36.39
C GLY E 236 -1.40 4.51 -35.30
N ILE E 237 -1.65 5.10 -34.14
CA ILE E 237 -0.73 5.04 -33.01
C ILE E 237 -1.48 4.44 -31.82
N THR E 238 -0.92 3.37 -31.25
CA THR E 238 -1.52 2.69 -30.12
C THR E 238 -0.72 2.91 -28.84
N SER E 239 0.57 2.59 -28.85
CA SER E 239 1.41 2.77 -27.66
C SER E 239 2.07 4.14 -27.67
N GLU E 240 3.38 4.19 -27.42
CA GLU E 240 4.12 5.45 -27.40
C GLU E 240 5.35 5.45 -28.28
N LYS E 241 5.90 4.29 -28.65
CA LYS E 241 7.09 4.28 -29.50
C LYS E 241 6.81 4.89 -30.87
N GLN E 242 5.67 4.53 -31.47
CA GLN E 242 5.30 5.12 -32.75
C GLN E 242 5.01 6.61 -32.62
N TRP E 243 4.40 7.02 -31.50
CA TRP E 243 4.15 8.44 -31.29
C TRP E 243 5.44 9.24 -31.15
N ILE E 244 6.47 8.65 -30.54
CA ILE E 244 7.75 9.32 -30.44
C ILE E 244 8.46 9.34 -31.79
N GLN E 245 8.39 8.22 -32.53
CA GLN E 245 9.05 8.15 -33.84
C GLN E 245 8.36 9.02 -34.88
N GLU E 246 7.10 9.39 -34.67
CA GLU E 246 6.39 10.24 -35.61
C GLU E 246 6.98 11.64 -35.66
N ASP E 247 6.57 12.51 -34.73
CA ASP E 247 7.07 13.87 -34.69
C ASP E 247 7.03 14.36 -33.25
N GLN E 248 7.96 15.25 -32.93
CA GLN E 248 8.05 15.83 -31.59
C GLN E 248 7.20 17.08 -31.42
N ALA E 249 6.56 17.58 -32.48
CA ALA E 249 5.71 18.75 -32.36
C ALA E 249 4.49 18.47 -31.49
N SER E 250 3.96 17.24 -31.56
CA SER E 250 2.84 16.88 -30.69
C SER E 250 3.23 16.93 -29.22
N TYR E 251 4.41 16.39 -28.90
CA TYR E 251 4.90 16.45 -27.52
C TYR E 251 5.19 17.88 -27.10
N ILE E 252 5.71 18.70 -28.01
CA ILE E 252 5.95 20.11 -27.68
C ILE E 252 4.63 20.80 -27.35
N SER E 253 3.60 20.57 -28.16
CA SER E 253 2.29 21.18 -27.91
C SER E 253 1.68 20.66 -26.61
N PHE E 254 1.86 19.37 -26.32
CA PHE E 254 1.32 18.82 -25.08
C PHE E 254 2.03 19.41 -23.86
N ASN E 255 3.35 19.60 -23.94
CA ASN E 255 4.08 20.20 -22.83
C ASN E 255 3.75 21.67 -22.67
N ALA E 256 3.47 22.37 -23.79
CA ALA E 256 3.10 23.77 -23.69
C ALA E 256 1.68 23.95 -23.16
N ALA E 257 0.80 22.99 -23.42
CA ALA E 257 -0.58 23.07 -22.94
C ALA E 257 -0.65 22.75 -21.45
N SER E 258 -0.92 21.49 -21.12
CA SER E 258 -1.01 21.07 -19.73
C SER E 258 -0.07 19.90 -19.45
N ASN E 259 0.65 19.98 -18.33
CA ASN E 259 1.59 18.94 -17.94
C ASN E 259 0.92 17.92 -17.02
N SER E 260 0.46 16.82 -17.61
CA SER E 260 -0.20 15.76 -16.85
C SER E 260 -0.12 14.43 -17.59
N ARG E 261 -0.92 13.47 -17.14
CA ARG E 261 -0.96 12.14 -17.75
C ARG E 261 -2.25 11.40 -17.41
N SER E 262 -3.33 12.16 -17.24
CA SER E 262 -4.62 11.58 -16.92
C SER E 262 -5.61 11.76 -18.07
N GLN E 263 -5.38 12.79 -18.88
CA GLN E 263 -6.25 13.08 -20.02
C GLN E 263 -5.72 12.44 -21.30
N ILE E 264 -4.39 12.48 -21.45
CA ILE E 264 -3.76 11.91 -22.64
C ILE E 264 -3.83 10.38 -22.60
N LYS E 265 -3.67 9.79 -21.41
CA LYS E 265 -3.80 8.34 -21.29
C LYS E 265 -5.24 7.91 -21.58
N ALA E 266 -6.22 8.68 -21.12
CA ALA E 266 -7.62 8.36 -21.40
C ALA E 266 -7.90 8.42 -22.89
N ALA E 267 -7.43 9.48 -23.56
CA ALA E 267 -7.61 9.59 -25.01
C ALA E 267 -6.92 8.45 -25.73
N LEU E 268 -5.72 8.06 -25.26
CA LEU E 268 -4.98 6.98 -25.91
C LEU E 268 -5.74 5.66 -25.80
N ASP E 269 -6.21 5.31 -24.60
CA ASP E 269 -6.92 4.05 -24.45
C ASP E 269 -8.26 4.07 -25.17
N ASN E 270 -8.94 5.23 -25.21
CA ASN E 270 -10.18 5.33 -25.96
C ASN E 270 -9.95 5.12 -27.45
N ALA E 271 -8.91 5.75 -28.00
CA ALA E 271 -8.60 5.57 -29.41
C ALA E 271 -8.19 4.13 -29.70
N GLY E 272 -7.46 3.50 -28.78
CA GLY E 272 -7.09 2.11 -28.98
C GLY E 272 -8.29 1.19 -29.00
N LYS E 273 -9.21 1.39 -28.04
CA LYS E 273 -10.43 0.58 -28.02
C LYS E 273 -11.28 0.81 -29.25
N ILE E 274 -11.34 2.06 -29.73
CA ILE E 274 -12.12 2.36 -30.93
C ILE E 274 -11.51 1.66 -32.14
N MET E 275 -10.18 1.74 -32.28
CA MET E 275 -9.52 1.11 -33.42
C MET E 275 -9.60 -0.41 -33.34
N SER E 276 -9.70 -0.96 -32.12
CA SER E 276 -9.78 -2.41 -31.98
C SER E 276 -11.20 -2.94 -32.18
N LEU E 277 -12.21 -2.14 -31.88
CA LEU E 277 -13.59 -2.60 -31.98
C LEU E 277 -14.31 -2.12 -33.24
N THR E 278 -13.73 -1.20 -34.00
CA THR E 278 -14.38 -0.70 -35.20
C THR E 278 -13.43 -0.68 -36.39
N LYS E 279 -12.30 0.00 -36.24
CA LYS E 279 -11.36 0.13 -37.35
C LYS E 279 -10.70 -1.21 -37.66
N THR E 280 -10.22 -1.33 -38.90
CA THR E 280 -9.56 -2.55 -39.34
C THR E 280 -8.10 -2.27 -39.70
N ALA E 281 -7.52 -3.10 -40.56
CA ALA E 281 -6.13 -2.94 -40.97
C ALA E 281 -6.01 -2.26 -42.33
N PRO E 282 -6.70 -2.73 -43.39
CA PRO E 282 -6.53 -2.07 -44.70
C PRO E 282 -6.98 -0.62 -44.70
N ASP E 283 -7.92 -0.26 -43.82
CA ASP E 283 -8.33 1.14 -43.71
C ASP E 283 -7.19 2.05 -43.29
N TYR E 284 -6.17 1.50 -42.63
CA TYR E 284 -4.98 2.25 -42.26
C TYR E 284 -3.83 2.03 -43.22
N LEU E 285 -4.08 1.40 -44.37
CA LEU E 285 -3.05 1.14 -45.36
C LEU E 285 -3.27 1.89 -46.67
N VAL E 286 -4.41 2.55 -46.84
CA VAL E 286 -4.69 3.29 -48.06
C VAL E 286 -3.87 4.57 -48.07
N GLY E 287 -3.09 4.77 -49.13
CA GLY E 287 -2.26 5.96 -49.21
C GLY E 287 -3.08 7.21 -49.50
N GLN E 288 -2.55 8.35 -49.07
CA GLN E 288 -3.21 9.63 -49.25
C GLN E 288 -2.57 10.51 -50.32
N GLN E 289 -1.31 10.24 -50.68
CA GLN E 289 -0.61 11.03 -51.68
C GLN E 289 -0.60 10.27 -53.00
N PRO E 290 -1.22 10.80 -54.06
CA PRO E 290 -1.22 10.09 -55.34
C PRO E 290 0.12 10.13 -56.03
N VAL E 291 1.05 9.26 -55.60
CA VAL E 291 2.37 9.22 -56.21
C VAL E 291 2.34 8.44 -57.52
N GLU E 292 1.98 7.15 -57.44
CA GLU E 292 1.90 6.26 -58.60
C GLU E 292 3.24 6.21 -59.34
N ASP E 293 4.26 5.72 -58.63
CA ASP E 293 5.61 5.59 -59.16
C ASP E 293 6.09 4.17 -58.87
N ILE E 294 6.20 3.35 -59.92
CA ILE E 294 6.67 1.97 -59.76
C ILE E 294 8.17 1.87 -59.66
N SER E 295 8.91 2.93 -60.00
CA SER E 295 10.36 2.88 -59.93
C SER E 295 10.86 3.03 -58.49
N SER E 296 10.21 3.88 -57.70
CA SER E 296 10.61 4.08 -56.31
C SER E 296 10.22 2.91 -55.42
N ASN E 297 9.26 2.08 -55.85
CA ASN E 297 8.83 0.93 -55.07
C ASN E 297 9.91 -0.14 -55.12
N ARG E 298 10.72 -0.23 -54.06
CA ARG E 298 11.82 -1.17 -54.04
C ARG E 298 11.36 -2.60 -53.82
N ILE E 299 10.24 -2.82 -53.13
CA ILE E 299 9.77 -4.17 -52.89
C ILE E 299 9.16 -4.79 -54.14
N TYR E 300 8.90 -3.99 -55.17
CA TYR E 300 8.39 -4.54 -56.43
C TYR E 300 9.46 -5.35 -57.15
N LYS E 301 10.73 -5.01 -56.96
CA LYS E 301 11.80 -5.77 -57.59
C LYS E 301 11.85 -7.20 -57.06
N ILE E 302 11.57 -7.38 -55.76
CA ILE E 302 11.54 -8.73 -55.19
C ILE E 302 10.43 -9.55 -55.84
N LEU E 303 9.25 -8.94 -56.02
CA LEU E 303 8.13 -9.65 -56.63
C LEU E 303 8.40 -9.97 -58.08
N GLU E 304 9.05 -9.05 -58.81
CA GLU E 304 9.36 -9.30 -60.21
C GLU E 304 10.51 -10.29 -60.38
N LEU E 305 11.35 -10.45 -59.36
CA LEU E 305 12.44 -11.44 -59.44
C LEU E 305 11.97 -12.82 -59.02
N ASN E 306 11.04 -12.90 -58.06
CA ASN E 306 10.53 -14.20 -57.64
C ASN E 306 9.63 -14.83 -58.68
N GLY E 307 9.15 -14.06 -59.65
CA GLY E 307 8.28 -14.59 -60.68
C GLY E 307 6.81 -14.34 -60.40
N TYR E 308 6.50 -13.16 -59.87
CA TYR E 308 5.13 -12.78 -59.54
C TYR E 308 4.67 -11.66 -60.46
N ASP E 309 3.42 -11.76 -60.92
CA ASP E 309 2.88 -10.72 -61.79
C ASP E 309 2.58 -9.46 -60.98
N PRO E 310 2.89 -8.28 -61.51
CA PRO E 310 2.62 -7.04 -60.77
C PRO E 310 1.14 -6.81 -60.49
N GLN E 311 0.25 -7.37 -61.29
CA GLN E 311 -1.19 -7.23 -61.10
C GLN E 311 -1.82 -8.53 -60.61
N TYR E 312 -1.13 -9.23 -59.72
CA TYR E 312 -1.63 -10.49 -59.18
C TYR E 312 -1.56 -10.50 -57.66
N ALA E 313 -0.33 -10.57 -57.12
CA ALA E 313 -0.16 -10.59 -55.67
C ALA E 313 -0.69 -9.32 -55.03
N ALA E 314 -0.67 -8.20 -55.75
CA ALA E 314 -1.23 -6.96 -55.24
C ALA E 314 -2.71 -7.13 -54.88
N SER E 315 -3.51 -7.53 -55.87
CA SER E 315 -4.92 -7.78 -55.60
C SER E 315 -5.11 -8.95 -54.63
N VAL E 316 -4.16 -9.88 -54.60
CA VAL E 316 -4.25 -11.01 -53.67
C VAL E 316 -4.24 -10.50 -52.24
N PHE E 317 -3.22 -9.72 -51.86
CA PHE E 317 -3.20 -9.20 -50.50
C PHE E 317 -4.20 -8.09 -50.27
N LEU E 318 -4.69 -7.44 -51.34
CA LEU E 318 -5.79 -6.50 -51.19
C LEU E 318 -7.05 -7.22 -50.72
N GLY E 319 -7.40 -8.33 -51.38
CA GLY E 319 -8.53 -9.13 -50.95
C GLY E 319 -8.29 -9.82 -49.63
N TRP E 320 -7.03 -10.14 -49.33
CA TRP E 320 -6.70 -10.76 -48.04
C TRP E 320 -6.90 -9.77 -46.89
N ALA E 321 -6.53 -8.50 -47.09
CA ALA E 321 -6.67 -7.51 -46.04
C ALA E 321 -8.10 -7.03 -45.88
N THR E 322 -8.78 -6.77 -47.00
CA THR E 322 -10.15 -6.27 -46.96
C THR E 322 -11.19 -7.36 -46.77
N LYS E 323 -10.76 -8.61 -46.59
CA LYS E 323 -11.67 -9.75 -46.38
C LYS E 323 -12.66 -9.88 -47.54
N LYS E 324 -12.12 -9.92 -48.76
CA LYS E 324 -12.94 -10.04 -49.96
C LYS E 324 -13.27 -11.48 -50.30
N PHE E 325 -12.28 -12.37 -50.26
CA PHE E 325 -12.52 -13.77 -50.59
C PHE E 325 -13.32 -14.46 -49.49
N GLY E 326 -13.10 -14.11 -48.24
CA GLY E 326 -13.81 -14.72 -47.13
C GLY E 326 -13.20 -15.99 -46.60
N LYS E 327 -13.03 -16.98 -47.46
CA LYS E 327 -12.44 -18.27 -47.08
C LYS E 327 -10.92 -18.27 -47.23
N ARG E 328 -10.41 -17.79 -48.35
CA ARG E 328 -8.96 -17.74 -48.59
C ARG E 328 -8.40 -16.45 -48.00
N ASN E 329 -8.37 -16.41 -46.67
CA ASN E 329 -7.88 -15.25 -45.92
C ASN E 329 -6.52 -15.53 -45.29
N THR E 330 -5.65 -16.26 -45.98
CA THR E 330 -4.34 -16.59 -45.46
C THR E 330 -3.33 -16.61 -46.61
N ILE E 331 -2.17 -15.99 -46.38
CA ILE E 331 -1.09 -15.95 -47.35
C ILE E 331 0.14 -16.58 -46.72
N TRP E 332 0.60 -17.69 -47.29
CA TRP E 332 1.76 -18.42 -46.80
C TRP E 332 2.94 -18.17 -47.72
N LEU E 333 4.08 -17.82 -47.14
CA LEU E 333 5.30 -17.55 -47.90
C LEU E 333 6.27 -18.73 -47.71
N PHE E 334 6.86 -19.17 -48.81
CA PHE E 334 7.79 -20.28 -48.81
C PHE E 334 9.08 -19.87 -49.52
N GLY E 335 10.21 -20.38 -49.03
CA GLY E 335 11.49 -20.07 -49.60
C GLY E 335 12.61 -20.13 -48.58
N PRO E 336 13.82 -19.75 -48.99
CA PRO E 336 14.94 -19.76 -48.06
C PRO E 336 14.84 -18.64 -47.03
N ALA E 337 15.51 -18.86 -45.89
CA ALA E 337 15.49 -17.89 -44.80
C ALA E 337 16.41 -16.70 -45.06
N THR E 338 17.27 -16.77 -46.08
CA THR E 338 18.19 -15.69 -46.40
C THR E 338 17.61 -14.69 -47.40
N THR E 339 16.30 -14.76 -47.67
CA THR E 339 15.69 -13.82 -48.61
C THR E 339 15.48 -12.45 -47.97
N GLY E 340 14.49 -12.33 -47.09
CA GLY E 340 14.22 -11.07 -46.42
C GLY E 340 12.75 -10.84 -46.15
N LYS E 341 11.97 -11.92 -46.13
CA LYS E 341 10.54 -11.79 -45.85
C LYS E 341 10.27 -11.41 -44.41
N THR E 342 11.17 -11.77 -43.49
CA THR E 342 10.99 -11.42 -42.09
C THR E 342 11.06 -9.91 -41.88
N ASN E 343 11.96 -9.23 -42.61
CA ASN E 343 12.05 -7.78 -42.48
C ASN E 343 10.77 -7.10 -42.97
N ILE E 344 10.23 -7.57 -44.11
CA ILE E 344 8.99 -6.99 -44.61
C ILE E 344 7.83 -7.27 -43.66
N ALA E 345 7.80 -8.47 -43.07
CA ALA E 345 6.75 -8.80 -42.11
C ALA E 345 6.84 -7.90 -40.89
N GLU E 346 8.05 -7.69 -40.37
CA GLU E 346 8.22 -6.80 -39.23
C GLU E 346 7.85 -5.37 -39.56
N ALA E 347 8.18 -4.92 -40.77
CA ALA E 347 7.80 -3.57 -41.18
C ALA E 347 6.29 -3.41 -41.26
N ILE E 348 5.61 -4.40 -41.84
CA ILE E 348 4.15 -4.33 -41.94
C ILE E 348 3.52 -4.39 -40.55
N ALA E 349 4.09 -5.19 -39.64
CA ALA E 349 3.57 -5.25 -38.28
C ALA E 349 3.79 -3.93 -37.55
N HIS E 350 4.91 -3.25 -37.81
CA HIS E 350 5.16 -1.96 -37.17
C HIS E 350 4.25 -0.87 -37.73
N THR E 351 3.94 -0.94 -39.03
CA THR E 351 3.04 0.05 -39.62
C THR E 351 1.61 -0.16 -39.16
N VAL E 352 1.25 -1.39 -38.80
CA VAL E 352 -0.10 -1.68 -38.32
C VAL E 352 -0.16 -1.35 -36.83
N PRO E 353 -1.16 -0.57 -36.38
CA PRO E 353 -1.21 -0.21 -34.96
C PRO E 353 -1.51 -1.40 -34.04
N PHE E 354 -2.26 -2.39 -34.51
CA PHE E 354 -2.62 -3.57 -33.73
C PHE E 354 -2.10 -4.80 -34.46
N TYR E 355 -0.85 -5.17 -34.18
CA TYR E 355 -0.22 -6.33 -34.80
C TYR E 355 -0.09 -7.45 -33.77
N GLY E 356 -0.13 -8.69 -34.26
CA GLY E 356 -0.01 -9.85 -33.39
C GLY E 356 1.09 -10.81 -33.84
N CYS E 357 2.05 -11.04 -32.96
CA CYS E 357 3.16 -11.95 -33.23
C CYS E 357 3.03 -13.19 -32.36
N VAL E 358 2.98 -14.36 -32.99
CA VAL E 358 2.86 -15.62 -32.29
C VAL E 358 4.26 -16.05 -31.87
N ASN E 359 4.57 -15.85 -30.59
CA ASN E 359 5.87 -16.21 -30.02
C ASN E 359 5.76 -17.55 -29.32
N TRP E 360 6.48 -18.55 -29.83
CA TRP E 360 6.45 -19.89 -29.27
C TRP E 360 7.23 -19.90 -27.96
N THR E 361 6.53 -19.55 -26.88
CA THR E 361 7.12 -19.51 -25.54
C THR E 361 6.41 -20.44 -24.58
N ASN E 362 5.08 -20.40 -24.53
CA ASN E 362 4.31 -21.25 -23.64
C ASN E 362 3.80 -22.48 -24.38
N GLU E 363 3.51 -23.53 -23.61
CA GLU E 363 3.02 -24.77 -24.22
C GLU E 363 1.52 -24.72 -24.47
N ASN E 364 0.80 -23.88 -23.73
CA ASN E 364 -0.64 -23.73 -23.88
C ASN E 364 -1.06 -22.30 -24.18
N PHE E 365 -0.15 -21.47 -24.64
CA PHE E 365 -0.46 -20.08 -24.97
C PHE E 365 0.56 -19.56 -25.98
N PRO E 366 0.41 -19.95 -27.25
CA PRO E 366 1.35 -19.47 -28.28
C PRO E 366 1.06 -18.05 -28.73
N PHE E 367 -0.21 -17.66 -28.69
CA PHE E 367 -0.62 -16.31 -29.10
C PHE E 367 -0.55 -15.37 -27.89
N ASN E 368 0.69 -15.08 -27.49
CA ASN E 368 0.90 -14.20 -26.35
C ASN E 368 0.63 -12.75 -26.72
N ASP E 369 1.11 -12.32 -27.89
CA ASP E 369 0.91 -10.94 -28.32
C ASP E 369 -0.40 -10.75 -29.09
N CYS E 370 -0.96 -11.82 -29.64
CA CYS E 370 -2.20 -11.73 -30.41
C CYS E 370 -3.37 -11.57 -29.44
N VAL E 371 -3.55 -10.33 -28.99
CA VAL E 371 -4.64 -10.01 -28.06
C VAL E 371 -5.67 -9.13 -28.77
N ASP E 372 -6.48 -9.76 -29.62
CA ASP E 372 -7.52 -9.07 -30.39
C ASP E 372 -6.92 -7.93 -31.22
N LYS E 373 -5.96 -8.29 -32.07
CA LYS E 373 -5.28 -7.35 -32.93
C LYS E 373 -5.92 -7.36 -34.31
N MET E 374 -5.20 -6.87 -35.32
CA MET E 374 -5.69 -6.82 -36.69
C MET E 374 -5.04 -7.87 -37.59
N VAL E 375 -3.73 -8.04 -37.51
CA VAL E 375 -3.00 -9.00 -38.32
C VAL E 375 -2.19 -9.90 -37.40
N ILE E 376 -2.37 -11.20 -37.53
CA ILE E 376 -1.67 -12.20 -36.74
C ILE E 376 -0.52 -12.76 -37.56
N TRP E 377 0.69 -12.72 -37.02
CA TRP E 377 1.88 -13.21 -37.69
C TRP E 377 2.31 -14.52 -37.04
N TRP E 378 2.36 -15.58 -37.85
CA TRP E 378 2.76 -16.90 -37.39
C TRP E 378 4.26 -17.06 -37.62
N GLU E 379 5.02 -17.20 -36.54
CA GLU E 379 6.47 -17.32 -36.61
C GLU E 379 6.85 -18.77 -36.92
N GLU E 380 8.14 -19.08 -36.88
CA GLU E 380 8.60 -20.43 -37.17
C GLU E 380 8.27 -21.37 -36.02
N GLY E 381 7.91 -22.60 -36.35
CA GLY E 381 7.57 -23.60 -35.35
C GLY E 381 6.29 -24.32 -35.70
N LYS E 382 6.22 -25.59 -35.31
CA LYS E 382 5.04 -26.42 -35.55
C LYS E 382 4.10 -26.38 -34.35
N MET E 383 2.81 -26.56 -34.62
CA MET E 383 1.78 -26.53 -33.60
C MET E 383 1.44 -27.95 -33.17
N THR E 384 1.01 -28.08 -31.91
CA THR E 384 0.63 -29.36 -31.36
C THR E 384 -0.82 -29.69 -31.71
N ALA E 385 -1.11 -30.98 -31.77
CA ALA E 385 -2.46 -31.45 -32.10
C ALA E 385 -3.41 -31.26 -30.92
N LYS E 386 -3.61 -30.01 -30.52
CA LYS E 386 -4.49 -29.69 -29.41
C LYS E 386 -5.49 -28.61 -29.81
N VAL E 387 -5.11 -27.82 -30.81
CA VAL E 387 -5.95 -26.73 -31.31
C VAL E 387 -5.78 -26.57 -32.82
N VAL E 388 -5.34 -27.63 -33.47
CA VAL E 388 -5.12 -27.61 -34.92
C VAL E 388 -6.37 -27.16 -35.66
N GLU E 389 -7.44 -27.95 -35.54
CA GLU E 389 -8.70 -27.63 -36.21
C GLU E 389 -9.17 -26.22 -35.84
N SER E 390 -8.93 -25.81 -34.59
CA SER E 390 -9.25 -24.44 -34.21
C SER E 390 -8.42 -23.44 -35.02
N ALA E 391 -7.16 -23.78 -35.32
CA ALA E 391 -6.35 -22.93 -36.18
C ALA E 391 -6.99 -22.76 -37.55
N LYS E 392 -7.79 -23.73 -37.99
CA LYS E 392 -8.53 -23.57 -39.24
C LYS E 392 -9.43 -22.35 -39.18
N ALA E 393 -10.10 -22.12 -38.05
CA ALA E 393 -10.93 -20.94 -37.90
C ALA E 393 -10.10 -19.67 -38.00
N ILE E 394 -8.80 -19.75 -37.67
CA ILE E 394 -7.91 -18.62 -37.85
C ILE E 394 -7.24 -18.62 -39.21
N LEU E 395 -7.26 -19.74 -39.93
CA LEU E 395 -6.66 -19.84 -41.25
C LEU E 395 -7.68 -19.85 -42.38
N GLY E 396 -8.96 -19.72 -42.07
CA GLY E 396 -9.99 -19.72 -43.08
C GLY E 396 -10.95 -18.55 -42.95
N GLY E 397 -10.71 -17.69 -41.98
CA GLY E 397 -11.56 -16.54 -41.76
C GLY E 397 -12.89 -16.88 -41.13
N SER E 398 -12.86 -17.51 -39.96
CA SER E 398 -14.05 -17.91 -39.24
C SER E 398 -13.96 -17.44 -37.79
N LYS E 399 -15.08 -17.56 -37.08
CA LYS E 399 -15.18 -17.16 -35.68
C LYS E 399 -15.37 -18.39 -34.82
N VAL E 400 -14.55 -18.52 -33.78
CA VAL E 400 -14.61 -19.65 -32.86
C VAL E 400 -14.17 -19.18 -31.48
N ARG E 401 -14.55 -19.94 -30.46
CA ARG E 401 -14.21 -19.63 -29.08
C ARG E 401 -13.05 -20.52 -28.64
N VAL E 402 -11.94 -19.89 -28.25
CA VAL E 402 -10.76 -20.61 -27.81
C VAL E 402 -10.56 -20.39 -26.31
N ASP E 403 -9.64 -21.14 -25.73
CA ASP E 403 -9.32 -21.07 -24.32
C ASP E 403 -8.00 -20.34 -24.13
N GLN E 404 -8.00 -19.30 -23.31
CA GLN E 404 -6.79 -18.52 -23.05
C GLN E 404 -5.98 -19.15 -21.92
N LYS E 405 -5.62 -18.34 -20.93
CA LYS E 405 -4.83 -18.83 -19.80
C LYS E 405 -5.71 -19.54 -18.79
N CYS E 406 -5.89 -18.93 -17.61
CA CYS E 406 -6.70 -19.50 -16.55
C CYS E 406 -7.94 -18.62 -16.34
N LYS E 407 -9.11 -19.23 -16.47
CA LYS E 407 -10.40 -18.53 -16.31
C LYS E 407 -10.50 -17.35 -17.27
N SER E 408 -10.31 -17.65 -18.56
CA SER E 408 -10.39 -16.62 -19.59
C SER E 408 -10.75 -17.29 -20.91
N SER E 409 -11.83 -16.83 -21.53
CA SER E 409 -12.29 -17.38 -22.80
C SER E 409 -12.73 -16.23 -23.69
N ALA E 410 -11.96 -15.97 -24.74
CA ALA E 410 -12.25 -14.89 -25.68
C ALA E 410 -12.45 -15.46 -27.07
N GLN E 411 -13.39 -14.87 -27.82
CA GLN E 411 -13.70 -15.32 -29.17
C GLN E 411 -12.74 -14.67 -30.15
N ILE E 412 -12.18 -15.47 -31.06
CA ILE E 412 -11.24 -14.99 -32.07
C ILE E 412 -12.02 -14.53 -33.29
N ASP E 413 -11.89 -13.25 -33.63
CA ASP E 413 -12.58 -12.71 -34.78
C ASP E 413 -11.84 -13.10 -36.07
N PRO E 414 -12.57 -13.23 -37.19
CA PRO E 414 -11.91 -13.56 -38.46
C PRO E 414 -10.92 -12.49 -38.89
N THR E 415 -9.68 -12.60 -38.42
CA THR E 415 -8.62 -11.65 -38.71
C THR E 415 -7.67 -12.19 -39.78
N PRO E 416 -7.15 -11.32 -40.65
CA PRO E 416 -6.19 -11.76 -41.66
C PRO E 416 -4.90 -12.25 -41.01
N VAL E 417 -4.46 -13.45 -41.40
CA VAL E 417 -3.28 -14.08 -40.83
C VAL E 417 -2.32 -14.43 -41.96
N ILE E 418 -1.05 -14.07 -41.80
CA ILE E 418 -0.01 -14.39 -42.75
C ILE E 418 1.05 -15.23 -42.04
N VAL E 419 1.40 -16.37 -42.63
CA VAL E 419 2.39 -17.26 -42.07
C VAL E 419 3.77 -16.81 -42.50
N THR E 420 4.62 -16.47 -41.54
CA THR E 420 5.98 -16.02 -41.80
C THR E 420 7.00 -17.15 -41.76
N SER E 421 6.56 -18.39 -41.60
CA SER E 421 7.48 -19.53 -41.53
C SER E 421 8.01 -19.83 -42.93
N ASN E 422 9.32 -19.64 -43.11
CA ASN E 422 9.93 -19.90 -44.42
C ASN E 422 10.13 -21.39 -44.67
N THR E 423 10.05 -22.22 -43.64
CA THR E 423 10.23 -23.66 -43.79
C THR E 423 8.95 -24.30 -44.33
N ASN E 424 8.95 -25.62 -44.41
CA ASN E 424 7.80 -26.37 -44.90
C ASN E 424 6.71 -26.35 -43.83
N MET E 425 5.73 -25.45 -43.99
CA MET E 425 4.65 -25.36 -43.03
C MET E 425 3.63 -26.47 -43.18
N CYS E 426 3.59 -27.13 -44.34
CA CYS E 426 2.64 -28.21 -44.54
C CYS E 426 2.99 -29.45 -43.70
N ALA E 427 4.27 -29.61 -43.36
CA ALA E 427 4.72 -30.74 -42.55
C ALA E 427 4.54 -30.40 -41.08
N VAL E 428 3.30 -30.55 -40.62
CA VAL E 428 2.95 -30.25 -39.23
C VAL E 428 3.50 -31.38 -38.36
N ILE E 429 4.48 -31.06 -37.51
CA ILE E 429 5.09 -32.04 -36.61
C ILE E 429 4.33 -32.01 -35.29
N ASP E 430 3.71 -33.14 -34.94
CA ASP E 430 2.95 -33.26 -33.70
C ASP E 430 3.92 -33.68 -32.58
N GLY E 431 4.73 -32.72 -32.15
CA GLY E 431 5.70 -32.98 -31.11
C GLY E 431 6.89 -33.79 -31.58
N ASN E 432 6.67 -35.08 -31.82
CA ASN E 432 7.73 -35.96 -32.29
C ASN E 432 7.37 -36.73 -33.55
N SER E 433 6.19 -36.50 -34.12
CA SER E 433 5.75 -37.19 -35.34
C SER E 433 5.18 -36.16 -36.31
N THR E 434 5.57 -36.27 -37.58
CA THR E 434 5.10 -35.35 -38.60
C THR E 434 3.78 -35.86 -39.17
N THR E 435 2.76 -35.01 -39.13
CA THR E 435 1.43 -35.35 -39.63
C THR E 435 1.20 -34.71 -40.99
N PHE E 436 0.25 -35.28 -41.74
CA PHE E 436 -0.08 -34.77 -43.06
C PHE E 436 -1.58 -34.81 -43.35
N GLU E 437 -2.43 -35.09 -42.36
CA GLU E 437 -3.86 -35.15 -42.58
C GLU E 437 -4.52 -33.78 -42.67
N HIS E 438 -3.82 -32.72 -42.26
CA HIS E 438 -4.34 -31.36 -42.33
C HIS E 438 -3.77 -30.57 -43.51
N GLN E 439 -2.91 -31.18 -44.31
CA GLN E 439 -2.32 -30.47 -45.44
C GLN E 439 -3.32 -30.31 -46.59
N GLN E 440 -4.15 -31.31 -46.82
CA GLN E 440 -5.12 -31.24 -47.91
C GLN E 440 -6.16 -30.13 -47.73
N PRO E 441 -6.84 -30.01 -46.57
CA PRO E 441 -7.82 -28.92 -46.44
C PRO E 441 -7.17 -27.54 -46.39
N LEU E 442 -5.98 -27.42 -45.80
CA LEU E 442 -5.31 -26.12 -45.72
C LEU E 442 -4.97 -25.56 -47.10
N GLN E 443 -4.92 -26.40 -48.13
CA GLN E 443 -4.68 -25.90 -49.48
C GLN E 443 -5.88 -25.15 -50.04
N ASP E 444 -7.05 -25.28 -49.41
CA ASP E 444 -8.25 -24.60 -49.85
C ASP E 444 -8.59 -23.37 -49.03
N ARG E 445 -7.76 -23.03 -48.04
CA ARG E 445 -8.00 -21.87 -47.19
C ARG E 445 -6.85 -20.89 -47.15
N MET E 446 -5.66 -21.27 -47.61
CA MET E 446 -4.49 -20.41 -47.61
C MET E 446 -4.02 -20.16 -49.04
N PHE E 447 -2.86 -19.51 -49.17
CA PHE E 447 -2.27 -19.19 -50.46
C PHE E 447 -0.78 -19.48 -50.39
N LYS E 448 -0.32 -20.38 -51.25
CA LYS E 448 1.10 -20.76 -51.27
C LYS E 448 1.87 -19.79 -52.16
N PHE E 449 2.84 -19.09 -51.57
CA PHE E 449 3.69 -18.13 -52.27
C PHE E 449 5.13 -18.58 -52.11
N GLU E 450 5.58 -19.47 -52.99
CA GLU E 450 6.93 -19.98 -52.95
C GLU E 450 7.85 -19.15 -53.85
N LEU E 451 9.14 -19.18 -53.53
CA LEU E 451 10.13 -18.44 -54.30
C LEU E 451 11.50 -19.07 -54.07
N THR E 452 12.33 -19.05 -55.12
CA THR E 452 13.68 -19.61 -55.06
C THR E 452 14.73 -18.56 -55.36
N ARG E 453 14.42 -17.28 -55.19
CA ARG E 453 15.35 -16.19 -55.45
C ARG E 453 15.96 -15.72 -54.14
N ARG E 454 17.28 -15.66 -54.09
CA ARG E 454 18.01 -15.22 -52.91
C ARG E 454 18.39 -13.76 -53.05
N LEU E 455 18.24 -13.01 -51.96
CA LEU E 455 18.55 -11.58 -51.94
C LEU E 455 19.86 -11.34 -51.21
N ASP E 456 20.52 -10.22 -51.56
CA ASP E 456 21.79 -9.87 -50.94
C ASP E 456 21.58 -8.83 -49.84
N HIS E 457 22.53 -7.92 -49.68
CA HIS E 457 22.46 -6.88 -48.67
C HIS E 457 21.90 -5.59 -49.26
N ASP E 458 21.48 -4.69 -48.36
CA ASP E 458 20.92 -3.39 -48.73
C ASP E 458 19.71 -3.56 -49.65
N PHE E 459 18.69 -4.23 -49.12
CA PHE E 459 17.46 -4.48 -49.87
C PHE E 459 16.30 -4.65 -48.89
N GLY E 460 16.17 -3.73 -47.95
CA GLY E 460 15.11 -3.78 -46.98
C GLY E 460 14.72 -2.42 -46.45
N LYS E 461 14.84 -2.23 -45.13
CA LYS E 461 14.47 -1.01 -44.42
C LYS E 461 13.18 -0.38 -44.97
N VAL E 462 12.20 -1.24 -45.22
CA VAL E 462 10.91 -0.77 -45.74
C VAL E 462 10.17 -0.02 -44.64
N THR E 463 9.60 1.14 -45.00
CA THR E 463 8.88 1.96 -44.04
C THR E 463 7.39 1.91 -44.31
N LYS E 464 6.71 3.05 -44.18
CA LYS E 464 5.27 3.13 -44.38
C LYS E 464 4.87 3.80 -45.69
N GLN E 465 5.66 4.76 -46.17
CA GLN E 465 5.29 5.46 -47.41
C GLN E 465 5.32 4.51 -48.60
N GLU E 466 6.31 3.61 -48.65
CA GLU E 466 6.41 2.68 -49.78
C GLU E 466 5.22 1.73 -49.82
N VAL E 467 4.88 1.11 -48.70
CA VAL E 467 3.76 0.18 -48.69
C VAL E 467 2.45 0.92 -48.87
N LYS E 468 2.35 2.17 -48.40
CA LYS E 468 1.15 2.96 -48.63
C LYS E 468 0.96 3.26 -50.11
N ASP E 469 2.04 3.66 -50.79
CA ASP E 469 1.95 3.91 -52.22
C ASP E 469 1.64 2.63 -53.00
N PHE E 470 2.20 1.51 -52.56
CA PHE E 470 1.91 0.24 -53.21
C PHE E 470 0.44 -0.13 -53.05
N PHE E 471 -0.11 0.05 -51.84
CA PHE E 471 -1.52 -0.23 -51.62
C PHE E 471 -2.41 0.70 -52.45
N ARG E 472 -2.03 1.97 -52.56
CA ARG E 472 -2.80 2.92 -53.36
C ARG E 472 -2.79 2.53 -54.83
N TRP E 473 -1.61 2.15 -55.34
CA TRP E 473 -1.51 1.73 -56.74
C TRP E 473 -2.28 0.45 -56.99
N ALA E 474 -2.30 -0.47 -56.03
CA ALA E 474 -3.06 -1.71 -56.19
C ALA E 474 -4.56 -1.45 -56.14
N LYS E 475 -4.98 -0.51 -55.30
CA LYS E 475 -6.40 -0.18 -55.23
C LYS E 475 -6.86 0.60 -56.46
N ASP E 476 -5.97 1.36 -57.08
CA ASP E 476 -6.33 2.12 -58.27
C ASP E 476 -6.59 1.23 -59.47
N HIS E 477 -6.07 -0.01 -59.45
CA HIS E 477 -6.26 -0.95 -60.56
C HIS E 477 -6.77 -2.27 -59.97
N VAL E 478 -8.09 -2.46 -60.02
CA VAL E 478 -8.70 -3.68 -59.48
C VAL E 478 -8.56 -4.80 -60.50
N VAL E 479 -7.97 -5.92 -60.09
CA VAL E 479 -7.76 -7.07 -60.94
C VAL E 479 -8.36 -8.29 -60.25
N GLU E 480 -9.17 -9.06 -60.98
CA GLU E 480 -9.79 -10.24 -60.43
C GLU E 480 -8.75 -11.32 -60.17
N VAL E 481 -8.95 -12.08 -59.10
CA VAL E 481 -8.04 -13.15 -58.69
C VAL E 481 -8.83 -14.45 -58.61
N GLU E 482 -8.34 -15.48 -59.30
CA GLU E 482 -8.98 -16.79 -59.28
C GLU E 482 -8.51 -17.59 -58.08
N HIS E 483 -9.30 -18.61 -57.74
CA HIS E 483 -8.99 -19.48 -56.60
C HIS E 483 -7.92 -20.47 -57.01
N GLU E 484 -6.72 -20.30 -56.48
CA GLU E 484 -5.60 -21.20 -56.79
C GLU E 484 -4.61 -21.15 -55.64
N PHE E 485 -4.22 -22.33 -55.13
CA PHE E 485 -3.27 -22.39 -54.02
C PHE E 485 -1.85 -22.12 -54.50
N TYR E 486 -1.35 -22.96 -55.41
CA TYR E 486 0.01 -22.81 -55.92
C TYR E 486 0.05 -21.65 -56.90
N VAL E 487 0.79 -20.59 -56.56
CA VAL E 487 0.91 -19.42 -57.42
C VAL E 487 1.88 -19.75 -58.55
N LYS E 488 1.44 -19.53 -59.78
CA LYS E 488 2.28 -19.80 -60.94
C LYS E 488 3.42 -18.79 -61.02
N LYS E 489 4.51 -19.20 -61.65
CA LYS E 489 5.70 -18.35 -61.82
C LYS E 489 5.63 -17.63 -63.16
N GLY E 490 4.72 -16.66 -63.22
CA GLY E 490 4.52 -15.88 -64.43
C GLY E 490 4.33 -14.41 -64.10
N GLY E 491 4.99 -13.56 -64.88
CA GLY E 491 4.90 -12.12 -64.69
C GLY E 491 6.01 -11.55 -63.84
N VAL F 216 -2.54 24.31 -29.96
CA VAL F 216 -1.49 24.57 -29.00
C VAL F 216 -1.83 25.80 -28.18
N ILE F 217 -1.45 25.78 -26.89
CA ILE F 217 -1.73 26.92 -26.02
C ILE F 217 -0.54 27.87 -25.98
N ARG F 218 0.68 27.32 -25.83
CA ARG F 218 1.90 28.11 -25.76
C ARG F 218 1.84 29.14 -24.63
N SER F 219 2.11 28.71 -23.40
CA SER F 219 2.06 29.60 -22.26
C SER F 219 3.31 30.45 -22.17
N LYS F 220 3.97 30.44 -21.00
CA LYS F 220 5.18 31.23 -20.80
C LYS F 220 6.26 30.41 -20.12
N THR F 221 6.00 29.99 -18.87
CA THR F 221 6.99 29.22 -18.13
C THR F 221 7.32 27.92 -18.84
N SER F 222 6.30 27.25 -19.39
CA SER F 222 6.54 26.03 -20.16
C SER F 222 7.42 26.30 -21.37
N ALA F 223 7.34 27.50 -21.94
CA ALA F 223 8.23 27.86 -23.04
C ALA F 223 9.68 27.82 -22.60
N ARG F 224 9.95 28.18 -21.34
CA ARG F 224 11.31 28.06 -20.81
C ARG F 224 11.80 26.62 -20.87
N TYR F 225 10.89 25.66 -20.70
CA TYR F 225 11.27 24.25 -20.84
C TYR F 225 11.86 23.98 -22.22
N MET F 226 11.34 24.64 -23.25
CA MET F 226 11.91 24.51 -24.58
C MET F 226 13.38 24.89 -24.59
N GLU F 227 13.75 25.94 -23.86
CA GLU F 227 15.17 26.28 -23.73
C GLU F 227 15.95 25.13 -23.13
N LEU F 228 15.39 24.48 -22.11
CA LEU F 228 16.04 23.30 -21.54
C LEU F 228 16.24 22.22 -22.59
N VAL F 229 15.31 22.12 -23.54
CA VAL F 229 15.47 21.17 -24.65
C VAL F 229 16.79 21.40 -25.36
N GLY F 230 17.15 22.67 -25.56
CA GLY F 230 18.45 22.98 -26.15
C GLY F 230 19.58 22.36 -25.35
N TRP F 231 19.54 22.53 -24.03
CA TRP F 231 20.53 21.86 -23.18
C TRP F 231 20.47 20.36 -23.35
N LEU F 232 19.26 19.81 -23.49
CA LEU F 232 19.11 18.38 -23.71
C LEU F 232 19.75 17.92 -25.02
N VAL F 233 19.96 18.85 -25.96
CA VAL F 233 20.68 18.55 -27.19
C VAL F 233 22.00 19.30 -27.27
N ASP F 234 22.46 19.85 -26.14
CA ASP F 234 23.74 20.57 -26.13
C ASP F 234 24.90 19.60 -25.91
N LYS F 235 24.89 18.89 -24.78
CA LYS F 235 25.94 17.94 -24.45
C LYS F 235 25.42 16.53 -24.25
N GLY F 236 24.11 16.30 -24.34
CA GLY F 236 23.55 14.98 -24.15
C GLY F 236 23.53 14.55 -22.70
N ILE F 237 22.41 14.75 -22.03
CA ILE F 237 22.25 14.41 -20.62
C ILE F 237 21.09 13.44 -20.49
N THR F 238 21.35 12.28 -19.88
CA THR F 238 20.34 11.25 -19.67
C THR F 238 19.93 11.14 -18.21
N SER F 239 20.89 10.88 -17.31
CA SER F 239 20.60 10.75 -15.90
C SER F 239 20.69 12.11 -15.20
N GLU F 240 21.41 12.16 -14.09
CA GLU F 240 21.56 13.40 -13.33
C GLU F 240 23.00 13.76 -12.99
N LYS F 241 23.93 12.80 -13.01
CA LYS F 241 25.32 13.10 -12.69
C LYS F 241 25.93 14.07 -13.70
N GLN F 242 25.65 13.85 -14.99
CA GLN F 242 26.16 14.76 -16.02
C GLN F 242 25.51 16.14 -15.89
N TRP F 243 24.22 16.18 -15.55
CA TRP F 243 23.54 17.45 -15.36
C TRP F 243 24.10 18.23 -14.18
N ILE F 244 24.52 17.53 -13.12
CA ILE F 244 25.14 18.20 -11.99
C ILE F 244 26.55 18.66 -12.34
N GLN F 245 27.30 17.83 -13.07
CA GLN F 245 28.67 18.18 -13.45
C GLN F 245 28.71 19.28 -14.50
N GLU F 246 27.61 19.51 -15.22
CA GLU F 246 27.57 20.57 -16.23
C GLU F 246 27.68 21.94 -15.59
N ASP F 247 26.54 22.49 -15.17
CA ASP F 247 26.51 23.81 -14.56
C ASP F 247 25.37 23.88 -13.56
N GLN F 248 25.53 24.72 -12.55
CA GLN F 248 24.52 24.90 -11.52
C GLN F 248 23.51 25.98 -11.84
N ALA F 249 23.71 26.72 -12.95
CA ALA F 249 22.75 27.75 -13.33
C ALA F 249 21.41 27.14 -13.71
N SER F 250 21.42 25.95 -14.33
CA SER F 250 20.17 25.28 -14.66
C SER F 250 19.39 24.92 -13.40
N TYR F 251 20.09 24.40 -12.39
CA TYR F 251 19.43 24.09 -11.12
C TYR F 251 18.95 25.35 -10.42
N ILE F 252 19.70 26.44 -10.51
CA ILE F 252 19.26 27.70 -9.92
C ILE F 252 17.97 28.17 -10.57
N SER F 253 17.92 28.11 -11.91
CA SER F 253 16.72 28.52 -12.62
C SER F 253 15.54 27.60 -12.30
N PHE F 254 15.79 26.30 -12.17
CA PHE F 254 14.72 25.36 -11.84
C PHE F 254 14.19 25.63 -10.44
N ASN F 255 15.06 25.92 -9.49
CA ASN F 255 14.61 26.22 -8.12
C ASN F 255 13.89 27.56 -8.06
N ALA F 256 14.29 28.52 -8.90
CA ALA F 256 13.59 29.80 -8.93
C ALA F 256 12.23 29.68 -9.60
N ALA F 257 12.08 28.76 -10.55
CA ALA F 257 10.81 28.56 -11.23
C ALA F 257 9.84 27.79 -10.34
N SER F 258 9.77 26.48 -10.54
CA SER F 258 8.87 25.63 -9.75
C SER F 258 9.65 24.56 -9.00
N ASN F 259 9.37 24.42 -7.71
CA ASN F 259 10.05 23.43 -6.88
C ASN F 259 9.30 22.10 -6.88
N SER F 260 9.50 21.32 -7.93
CA SER F 260 8.84 20.02 -8.06
C SER F 260 9.75 19.00 -8.73
N ARG F 261 9.16 17.93 -9.24
CA ARG F 261 9.92 16.88 -9.92
C ARG F 261 9.03 16.11 -10.89
N SER F 262 7.84 16.65 -11.16
CA SER F 262 6.90 16.00 -12.07
C SER F 262 7.17 16.41 -13.51
N GLN F 263 7.38 17.71 -13.74
CA GLN F 263 7.64 18.21 -15.08
C GLN F 263 9.08 17.96 -15.50
N ILE F 264 10.04 18.09 -14.59
CA ILE F 264 11.43 17.87 -14.95
C ILE F 264 11.67 16.38 -15.24
N LYS F 265 11.04 15.49 -14.46
CA LYS F 265 11.17 14.07 -14.74
C LYS F 265 10.53 13.71 -16.07
N ALA F 266 9.38 14.31 -16.37
CA ALA F 266 8.73 14.07 -17.66
C ALA F 266 9.61 14.51 -18.81
N ALA F 267 10.19 15.72 -18.70
CA ALA F 267 11.09 16.20 -19.74
C ALA F 267 12.31 15.31 -19.87
N LEU F 268 12.84 14.82 -18.75
CA LEU F 268 14.01 13.96 -18.79
C LEU F 268 13.72 12.65 -19.50
N ASP F 269 12.61 11.99 -19.15
CA ASP F 269 12.29 10.72 -19.80
C ASP F 269 11.91 10.92 -21.26
N ASN F 270 11.26 12.05 -21.59
CA ASN F 270 10.96 12.32 -22.99
C ASN F 270 12.23 12.52 -23.81
N ALA F 271 13.18 13.29 -23.28
CA ALA F 271 14.45 13.48 -23.97
C ALA F 271 15.21 12.17 -24.10
N GLY F 272 15.17 11.33 -23.06
CA GLY F 272 15.84 10.04 -23.15
C GLY F 272 15.24 9.15 -24.22
N LYS F 273 13.91 9.09 -24.27
CA LYS F 273 13.24 8.29 -25.29
C LYS F 273 13.53 8.84 -26.69
N ILE F 274 13.56 10.16 -26.84
CA ILE F 274 13.84 10.77 -28.13
C ILE F 274 15.27 10.41 -28.57
N MET F 275 16.24 10.55 -27.67
CA MET F 275 17.61 10.22 -27.99
C MET F 275 17.82 8.73 -28.23
N SER F 276 16.99 7.88 -27.64
CA SER F 276 17.15 6.44 -27.85
C SER F 276 16.45 5.97 -29.12
N LEU F 277 15.39 6.65 -29.56
CA LEU F 277 14.63 6.23 -30.72
C LEU F 277 14.96 6.99 -31.99
N THR F 278 15.69 8.10 -31.90
CA THR F 278 16.00 8.90 -33.08
C THR F 278 17.47 9.28 -33.13
N LYS F 279 17.96 9.96 -32.10
CA LYS F 279 19.33 10.43 -32.08
C LYS F 279 20.31 9.26 -32.00
N THR F 280 21.54 9.51 -32.47
CA THR F 280 22.59 8.49 -32.45
C THR F 280 23.74 8.93 -31.56
N ALA F 281 24.93 8.42 -31.84
CA ALA F 281 26.12 8.76 -31.05
C ALA F 281 26.99 9.81 -31.74
N PRO F 282 27.37 9.63 -33.02
CA PRO F 282 28.24 10.65 -33.64
C PRO F 282 27.58 12.02 -33.75
N ASP F 283 26.25 12.08 -33.81
CA ASP F 283 25.55 13.35 -33.82
C ASP F 283 25.81 14.15 -32.55
N TYR F 284 26.17 13.49 -31.45
CA TYR F 284 26.52 14.16 -30.22
C TYR F 284 28.03 14.30 -30.04
N LEU F 285 28.81 14.01 -31.08
CA LEU F 285 30.26 14.11 -31.01
C LEU F 285 30.83 15.19 -31.92
N VAL F 286 30.01 15.80 -32.77
CA VAL F 286 30.49 16.85 -33.66
C VAL F 286 30.73 18.12 -32.87
N GLY F 287 31.95 18.66 -32.97
CA GLY F 287 32.27 19.87 -32.24
C GLY F 287 31.61 21.09 -32.84
N GLN F 288 31.40 22.09 -31.99
CA GLN F 288 30.75 23.34 -32.40
C GLN F 288 31.71 24.52 -32.49
N GLN F 289 32.88 24.44 -31.84
CA GLN F 289 33.86 25.52 -31.86
C GLN F 289 34.96 25.18 -32.84
N PRO F 290 35.14 25.95 -33.92
CA PRO F 290 36.21 25.64 -34.88
C PRO F 290 37.59 25.96 -34.34
N VAL F 291 38.13 25.05 -33.52
CA VAL F 291 39.47 25.26 -32.96
C VAL F 291 40.54 24.89 -33.96
N GLU F 292 40.57 23.61 -34.38
CA GLU F 292 41.53 23.09 -35.34
C GLU F 292 42.96 23.32 -34.86
N ASP F 293 43.28 22.71 -33.71
CA ASP F 293 44.60 22.81 -33.10
C ASP F 293 45.08 21.40 -32.77
N ILE F 294 46.08 20.93 -33.51
CA ILE F 294 46.63 19.58 -33.28
C ILE F 294 47.61 19.54 -32.12
N SER F 295 48.07 20.70 -31.64
CA SER F 295 49.01 20.72 -30.53
C SER F 295 48.32 20.47 -29.20
N SER F 296 47.12 21.03 -29.02
CA SER F 296 46.37 20.83 -27.78
C SER F 296 45.78 19.43 -27.65
N ASN F 297 45.64 18.72 -28.76
CA ASN F 297 45.09 17.37 -28.75
C ASN F 297 46.13 16.42 -28.16
N ARG F 298 45.95 16.07 -26.88
CA ARG F 298 46.93 15.23 -26.20
C ARG F 298 46.82 13.77 -26.61
N ILE F 299 45.63 13.31 -27.02
CA ILE F 299 45.47 11.91 -27.41
C ILE F 299 46.09 11.64 -28.78
N TYR F 300 46.43 12.69 -29.53
CA TYR F 300 47.09 12.50 -30.82
C TYR F 300 48.51 11.99 -30.65
N LYS F 301 49.16 12.34 -29.53
CA LYS F 301 50.51 11.84 -29.27
C LYS F 301 50.52 10.33 -29.11
N ILE F 302 49.49 9.77 -28.49
CA ILE F 302 49.40 8.32 -28.35
C ILE F 302 49.29 7.66 -29.72
N LEU F 303 48.48 8.23 -30.60
CA LEU F 303 48.31 7.65 -31.94
C LEU F 303 49.59 7.78 -32.76
N GLU F 304 50.31 8.90 -32.62
CA GLU F 304 51.55 9.08 -33.35
C GLU F 304 52.69 8.26 -32.78
N LEU F 305 52.59 7.84 -31.51
CA LEU F 305 53.63 7.00 -30.92
C LEU F 305 53.36 5.52 -31.20
N ASN F 306 52.09 5.12 -31.26
CA ASN F 306 51.76 3.73 -31.55
C ASN F 306 52.04 3.37 -33.01
N GLY F 307 52.19 4.36 -33.88
CA GLY F 307 52.45 4.10 -35.28
C GLY F 307 51.20 4.18 -36.13
N TYR F 308 50.33 5.13 -35.83
CA TYR F 308 49.08 5.33 -36.56
C TYR F 308 49.13 6.64 -37.33
N ASP F 309 48.63 6.61 -38.56
CA ASP F 309 48.60 7.81 -39.38
C ASP F 309 47.53 8.78 -38.85
N PRO F 310 47.83 10.08 -38.81
CA PRO F 310 46.81 11.04 -38.31
C PRO F 310 45.57 11.09 -39.18
N GLN F 311 45.65 10.73 -40.45
CA GLN F 311 44.51 10.74 -41.36
C GLN F 311 44.07 9.32 -41.71
N TYR F 312 44.09 8.43 -40.72
CA TYR F 312 43.69 7.03 -40.93
C TYR F 312 42.69 6.59 -39.87
N ALA F 313 43.16 6.44 -38.63
CA ALA F 313 42.28 6.02 -37.54
C ALA F 313 41.16 7.02 -37.31
N ALA F 314 41.39 8.30 -37.60
CA ALA F 314 40.35 9.31 -37.47
C ALA F 314 39.15 8.96 -38.35
N SER F 315 39.38 8.82 -39.65
CA SER F 315 38.30 8.42 -40.56
C SER F 315 37.80 7.02 -40.23
N VAL F 316 38.65 6.17 -39.67
CA VAL F 316 38.23 4.83 -39.29
C VAL F 316 37.11 4.90 -38.25
N PHE F 317 37.35 5.60 -37.13
CA PHE F 317 36.29 5.69 -36.13
C PHE F 317 35.17 6.64 -36.55
N LEU F 318 35.43 7.53 -37.51
CA LEU F 318 34.34 8.32 -38.07
C LEU F 318 33.35 7.44 -38.81
N GLY F 319 33.85 6.55 -39.67
CA GLY F 319 32.98 5.60 -40.33
C GLY F 319 32.39 4.56 -39.39
N TRP F 320 33.12 4.25 -38.31
CA TRP F 320 32.60 3.31 -37.32
C TRP F 320 31.42 3.90 -36.56
N ALA F 321 31.50 5.19 -36.23
CA ALA F 321 30.43 5.83 -35.46
C ALA F 321 29.23 6.17 -36.35
N THR F 322 29.48 6.70 -37.55
CA THR F 322 28.40 7.09 -38.45
C THR F 322 27.84 5.94 -39.26
N LYS F 323 28.31 4.71 -39.02
CA LYS F 323 27.83 3.51 -39.72
C LYS F 323 28.00 3.67 -41.24
N LYS F 324 29.22 4.01 -41.65
CA LYS F 324 29.52 4.20 -43.06
C LYS F 324 29.90 2.90 -43.75
N PHE F 325 30.76 2.09 -43.13
CA PHE F 325 31.18 0.83 -43.75
C PHE F 325 30.04 -0.19 -43.73
N GLY F 326 29.24 -0.19 -42.68
CA GLY F 326 28.14 -1.13 -42.56
C GLY F 326 28.49 -2.48 -41.95
N LYS F 327 29.47 -3.17 -42.55
CA LYS F 327 29.92 -4.47 -42.08
C LYS F 327 31.05 -4.35 -41.05
N ARG F 328 32.05 -3.53 -41.34
CA ARG F 328 33.18 -3.34 -40.44
C ARG F 328 32.84 -2.24 -39.43
N ASN F 329 31.92 -2.58 -38.53
CA ASN F 329 31.44 -1.67 -37.49
C ASN F 329 31.99 -2.03 -36.12
N THR F 330 33.24 -2.49 -36.05
CA THR F 330 33.86 -2.88 -34.80
C THR F 330 35.34 -2.51 -34.81
N ILE F 331 35.81 -1.93 -33.72
CA ILE F 331 37.20 -1.55 -33.56
C ILE F 331 37.75 -2.26 -32.34
N TRP F 332 38.73 -3.13 -32.56
CA TRP F 332 39.36 -3.90 -31.48
C TRP F 332 40.74 -3.34 -31.20
N LEU F 333 41.02 -3.10 -29.92
CA LEU F 333 42.31 -2.57 -29.47
C LEU F 333 43.13 -3.69 -28.84
N PHE F 334 44.40 -3.76 -29.19
CA PHE F 334 45.30 -4.78 -28.68
C PHE F 334 46.56 -4.11 -28.14
N GLY F 335 47.11 -4.68 -27.07
CA GLY F 335 48.30 -4.15 -26.45
C GLY F 335 48.36 -4.43 -24.97
N PRO F 336 49.37 -3.87 -24.29
CA PRO F 336 49.49 -4.09 -22.85
C PRO F 336 48.43 -3.33 -22.08
N ALA F 337 48.15 -3.82 -20.87
CA ALA F 337 47.14 -3.21 -20.00
C ALA F 337 47.65 -1.95 -19.31
N THR F 338 48.95 -1.67 -19.37
CA THR F 338 49.52 -0.49 -18.74
C THR F 338 49.58 0.71 -19.66
N THR F 339 48.90 0.66 -20.82
CA THR F 339 48.90 1.78 -21.75
C THR F 339 47.98 2.90 -21.25
N GLY F 340 46.67 2.71 -21.38
CA GLY F 340 45.72 3.70 -20.95
C GLY F 340 44.47 3.76 -21.81
N LYS F 341 44.20 2.68 -22.54
CA LYS F 341 43.01 2.65 -23.39
C LYS F 341 41.73 2.58 -22.56
N THR F 342 41.79 2.02 -21.35
CA THR F 342 40.61 1.95 -20.51
C THR F 342 40.14 3.33 -20.09
N ASN F 343 41.08 4.24 -19.80
CA ASN F 343 40.71 5.59 -19.43
C ASN F 343 40.01 6.32 -20.58
N ILE F 344 40.54 6.17 -21.79
CA ILE F 344 39.92 6.80 -22.96
C ILE F 344 38.54 6.19 -23.22
N ALA F 345 38.41 4.88 -23.04
CA ALA F 345 37.11 4.23 -23.23
C ALA F 345 36.09 4.74 -22.21
N GLU F 346 36.51 4.87 -20.95
CA GLU F 346 35.60 5.39 -19.93
C GLU F 346 35.23 6.84 -20.20
N ALA F 347 36.19 7.64 -20.70
CA ALA F 347 35.88 9.02 -21.02
C ALA F 347 34.88 9.11 -22.17
N ILE F 348 35.06 8.29 -23.20
CA ILE F 348 34.12 8.30 -24.33
C ILE F 348 32.74 7.81 -23.88
N ALA F 349 32.71 6.82 -22.99
CA ALA F 349 31.43 6.34 -22.47
C ALA F 349 30.73 7.40 -21.62
N HIS F 350 31.51 8.19 -20.88
CA HIS F 350 30.91 9.25 -20.07
C HIS F 350 30.41 10.40 -20.95
N THR F 351 31.13 10.70 -22.03
CA THR F 351 30.68 11.77 -22.93
C THR F 351 29.45 11.34 -23.71
N VAL F 352 29.27 10.05 -23.94
CA VAL F 352 28.09 9.56 -24.66
C VAL F 352 26.93 9.44 -23.68
N PRO F 353 25.76 9.99 -24.01
CA PRO F 353 24.64 9.93 -23.05
C PRO F 353 24.10 8.53 -22.84
N PHE F 354 24.13 7.67 -23.86
CA PHE F 354 23.64 6.30 -23.78
C PHE F 354 24.81 5.36 -24.06
N TYR F 355 25.55 5.00 -23.03
CA TYR F 355 26.69 4.11 -23.13
C TYR F 355 26.35 2.75 -22.51
N GLY F 356 26.97 1.71 -23.06
CA GLY F 356 26.74 0.36 -22.58
C GLY F 356 28.02 -0.37 -22.22
N CYS F 357 28.13 -0.81 -20.97
CA CYS F 357 29.31 -1.53 -20.49
C CYS F 357 28.91 -2.97 -20.21
N VAL F 358 29.62 -3.91 -20.84
CA VAL F 358 29.35 -5.33 -20.66
C VAL F 358 30.12 -5.78 -19.42
N ASN F 359 29.39 -5.95 -18.31
CA ASN F 359 29.98 -6.37 -17.05
C ASN F 359 29.74 -7.86 -16.88
N TRP F 360 30.83 -8.64 -16.84
CA TRP F 360 30.75 -10.09 -16.70
C TRP F 360 30.37 -10.42 -15.25
N THR F 361 29.07 -10.44 -15.00
CA THR F 361 28.52 -10.76 -13.68
C THR F 361 27.60 -11.96 -13.70
N ASN F 362 26.66 -12.01 -14.64
CA ASN F 362 25.73 -13.12 -14.75
C ASN F 362 26.20 -14.10 -15.80
N GLU F 363 25.73 -15.36 -15.68
CA GLU F 363 26.13 -16.39 -16.62
C GLU F 363 25.27 -16.35 -17.89
N ASN F 364 24.07 -15.80 -17.79
CA ASN F 364 23.16 -15.71 -18.93
C ASN F 364 22.73 -14.27 -19.22
N PHE F 365 23.47 -13.29 -18.71
CA PHE F 365 23.14 -11.87 -18.94
C PHE F 365 24.40 -11.04 -18.79
N PRO F 366 25.28 -11.05 -19.81
CA PRO F 366 26.50 -10.25 -19.72
C PRO F 366 26.27 -8.78 -20.00
N PHE F 367 25.28 -8.49 -20.85
CA PHE F 367 24.95 -7.10 -21.21
C PHE F 367 23.93 -6.55 -20.21
N ASN F 368 24.42 -6.32 -19.00
CA ASN F 368 23.55 -5.80 -17.94
C ASN F 368 23.27 -4.31 -18.16
N ASP F 369 24.29 -3.54 -18.51
CA ASP F 369 24.12 -2.11 -18.73
C ASP F 369 23.72 -1.78 -20.16
N CYS F 370 23.99 -2.66 -21.11
CA CYS F 370 23.66 -2.44 -22.52
C CYS F 370 22.16 -2.62 -22.71
N VAL F 371 21.40 -1.58 -22.35
CA VAL F 371 19.96 -1.60 -22.49
C VAL F 371 19.54 -0.62 -23.58
N ASP F 372 19.74 -1.01 -24.84
CA ASP F 372 19.39 -0.19 -25.99
C ASP F 372 20.08 1.16 -25.94
N LYS F 373 21.40 1.12 -25.85
CA LYS F 373 22.23 2.31 -25.77
C LYS F 373 22.78 2.65 -27.17
N MET F 374 23.84 3.46 -27.23
CA MET F 374 24.45 3.86 -28.49
C MET F 374 25.76 3.17 -28.77
N VAL F 375 26.64 3.05 -27.77
CA VAL F 375 27.94 2.41 -27.91
C VAL F 375 28.06 1.33 -26.85
N ILE F 376 28.36 0.10 -27.28
CA ILE F 376 28.53 -1.03 -26.38
C ILE F 376 30.02 -1.27 -26.18
N TRP F 377 30.44 -1.33 -24.92
CA TRP F 377 31.84 -1.53 -24.56
C TRP F 377 32.01 -2.95 -24.02
N TRP F 378 32.86 -3.72 -24.69
CA TRP F 378 33.14 -5.10 -24.29
C TRP F 378 34.35 -5.10 -23.37
N GLU F 379 34.15 -5.51 -22.11
CA GLU F 379 35.22 -5.53 -21.12
C GLU F 379 36.05 -6.80 -21.29
N GLU F 380 36.97 -7.03 -20.35
CA GLU F 380 37.82 -8.22 -20.41
C GLU F 380 37.03 -9.45 -20.04
N GLY F 381 37.32 -10.56 -20.72
CA GLY F 381 36.65 -11.83 -20.47
C GLY F 381 36.19 -12.49 -21.75
N LYS F 382 36.18 -13.82 -21.75
CA LYS F 382 35.76 -14.61 -22.89
C LYS F 382 34.29 -14.96 -22.78
N MET F 383 33.65 -15.13 -23.93
CA MET F 383 32.24 -15.46 -24.01
C MET F 383 32.06 -16.95 -24.20
N THR F 384 30.92 -17.46 -23.70
CA THR F 384 30.62 -18.89 -23.81
C THR F 384 30.03 -19.23 -25.17
N ALA F 385 30.01 -20.52 -25.50
CA ALA F 385 29.49 -20.98 -26.77
C ALA F 385 27.98 -21.19 -26.71
N LYS F 386 27.23 -20.10 -26.60
CA LYS F 386 25.78 -20.16 -26.53
C LYS F 386 25.15 -19.02 -27.30
N VAL F 387 25.93 -17.96 -27.54
CA VAL F 387 25.46 -16.80 -28.27
C VAL F 387 26.58 -16.19 -29.09
N VAL F 388 27.61 -16.98 -29.35
CA VAL F 388 28.76 -16.51 -30.12
C VAL F 388 28.33 -15.93 -31.46
N GLU F 389 27.69 -16.76 -32.29
CA GLU F 389 27.22 -16.34 -33.60
C GLU F 389 26.30 -15.13 -33.48
N SER F 390 25.49 -15.07 -32.43
CA SER F 390 24.67 -13.89 -32.18
C SER F 390 25.54 -12.66 -31.96
N ALA F 391 26.69 -12.83 -31.29
CA ALA F 391 27.63 -11.72 -31.13
C ALA F 391 28.10 -11.19 -32.47
N LYS F 392 28.10 -12.05 -33.51
CA LYS F 392 28.43 -11.59 -34.85
C LYS F 392 27.48 -10.47 -35.29
N ALA F 393 26.19 -10.63 -35.00
CA ALA F 393 25.23 -9.58 -35.31
C ALA F 393 25.54 -8.29 -34.57
N ILE F 394 26.22 -8.39 -33.42
CA ILE F 394 26.66 -7.21 -32.70
C ILE F 394 28.06 -6.78 -33.11
N LEU F 395 28.82 -7.65 -33.78
CA LEU F 395 30.18 -7.33 -34.22
C LEU F 395 30.27 -7.08 -35.72
N GLY F 396 29.14 -7.11 -36.43
CA GLY F 396 29.16 -6.88 -37.87
C GLY F 396 28.13 -5.84 -38.30
N GLY F 397 27.39 -5.29 -37.34
CA GLY F 397 26.39 -4.29 -37.64
C GLY F 397 25.14 -4.89 -38.26
N SER F 398 24.50 -5.82 -37.55
CA SER F 398 23.30 -6.48 -38.02
C SER F 398 22.24 -6.42 -36.92
N LYS F 399 21.02 -6.81 -37.28
CA LYS F 399 19.89 -6.83 -36.38
C LYS F 399 19.45 -8.27 -36.14
N VAL F 400 19.32 -8.65 -34.87
CA VAL F 400 18.92 -10.00 -34.49
C VAL F 400 18.15 -9.92 -33.18
N ARG F 401 17.37 -10.96 -32.90
CA ARG F 401 16.57 -11.05 -31.69
C ARG F 401 17.28 -11.95 -30.68
N VAL F 402 17.59 -11.41 -29.51
CA VAL F 402 18.27 -12.15 -28.46
C VAL F 402 17.31 -12.36 -27.30
N ASP F 403 17.72 -13.20 -26.36
CA ASP F 403 16.93 -13.51 -25.17
C ASP F 403 17.52 -12.80 -23.97
N GLN F 404 16.69 -12.03 -23.27
CA GLN F 404 17.13 -11.30 -22.08
C GLN F 404 17.06 -12.17 -20.83
N LYS F 405 16.41 -11.67 -19.79
CA LYS F 405 16.28 -12.41 -18.54
C LYS F 405 15.16 -13.43 -18.64
N CYS F 406 14.07 -13.21 -17.90
CA CYS F 406 12.93 -14.10 -17.88
C CYS F 406 11.74 -13.39 -18.51
N LYS F 407 11.17 -13.99 -19.55
CA LYS F 407 10.03 -13.45 -20.28
C LYS F 407 10.33 -12.05 -20.81
N SER F 408 11.41 -11.94 -21.57
CA SER F 408 11.83 -10.68 -22.14
C SER F 408 12.66 -10.95 -23.38
N SER F 409 12.25 -10.39 -24.52
CA SER F 409 12.95 -10.59 -25.79
C SER F 409 12.99 -9.25 -26.51
N ALA F 410 14.18 -8.65 -26.60
CA ALA F 410 14.37 -7.37 -27.26
C ALA F 410 15.33 -7.53 -28.42
N GLN F 411 15.07 -6.81 -29.51
CA GLN F 411 15.91 -6.86 -30.70
C GLN F 411 17.09 -5.90 -30.54
N ILE F 412 18.28 -6.38 -30.87
CA ILE F 412 19.50 -5.58 -30.76
C ILE F 412 19.70 -4.84 -32.08
N ASP F 413 19.71 -3.51 -32.01
CA ASP F 413 19.92 -2.69 -33.19
C ASP F 413 21.40 -2.66 -33.55
N PRO F 414 21.72 -2.51 -34.85
CA PRO F 414 23.13 -2.42 -35.26
C PRO F 414 23.83 -1.21 -34.66
N THR F 415 24.38 -1.39 -33.44
CA THR F 415 25.06 -0.33 -32.71
C THR F 415 26.58 -0.49 -32.81
N PRO F 416 27.31 0.62 -32.87
CA PRO F 416 28.78 0.54 -32.90
C PRO F 416 29.32 -0.04 -31.59
N VAL F 417 30.17 -1.05 -31.72
CA VAL F 417 30.74 -1.76 -30.57
C VAL F 417 32.26 -1.71 -30.67
N ILE F 418 32.91 -1.35 -29.57
CA ILE F 418 34.36 -1.31 -29.49
C ILE F 418 34.79 -2.26 -28.37
N VAL F 419 35.72 -3.16 -28.68
CA VAL F 419 36.22 -4.13 -27.71
C VAL F 419 37.34 -3.49 -26.92
N THR F 420 37.17 -3.39 -25.60
CA THR F 420 38.17 -2.81 -24.71
C THR F 420 39.10 -3.85 -24.10
N SER F 421 39.00 -5.11 -24.52
CA SER F 421 39.85 -6.16 -23.99
C SER F 421 41.26 -6.02 -24.56
N ASN F 422 42.23 -5.71 -23.70
CA ASN F 422 43.61 -5.56 -24.15
C ASN F 422 44.29 -6.89 -24.41
N THR F 423 43.72 -7.99 -23.90
CA THR F 423 44.31 -9.31 -24.11
C THR F 423 43.97 -9.83 -25.49
N ASN F 424 44.35 -11.08 -25.75
CA ASN F 424 44.09 -11.71 -27.04
C ASN F 424 42.62 -12.08 -27.14
N MET F 425 41.85 -11.22 -27.81
CA MET F 425 40.41 -11.46 -27.95
C MET F 425 40.11 -12.55 -28.97
N CYS F 426 41.05 -12.85 -29.88
CA CYS F 426 40.81 -13.88 -30.87
C CYS F 426 40.78 -15.27 -30.25
N ALA F 427 41.45 -15.46 -29.12
CA ALA F 427 41.48 -16.75 -28.43
C ALA F 427 40.25 -16.84 -27.54
N VAL F 428 39.11 -17.19 -28.17
CA VAL F 428 37.85 -17.33 -27.44
C VAL F 428 37.89 -18.63 -26.65
N ILE F 429 37.89 -18.51 -25.32
CA ILE F 429 37.92 -19.67 -24.43
C ILE F 429 36.49 -20.06 -24.12
N ASP F 430 36.10 -21.28 -24.51
CA ASP F 430 34.75 -21.79 -24.26
C ASP F 430 34.74 -22.46 -22.89
N GLY F 431 34.76 -21.62 -21.86
CA GLY F 431 34.76 -22.11 -20.49
C GLY F 431 36.08 -22.68 -20.05
N ASN F 432 36.43 -23.86 -20.58
CA ASN F 432 37.68 -24.52 -20.25
C ASN F 432 38.51 -24.91 -21.47
N SER F 433 38.05 -24.59 -22.68
CA SER F 433 38.77 -24.92 -23.90
C SER F 433 38.80 -23.69 -24.80
N THR F 434 39.97 -23.41 -25.38
CA THR F 434 40.13 -22.27 -26.26
C THR F 434 39.75 -22.66 -27.69
N THR F 435 38.82 -21.92 -28.28
CA THR F 435 38.36 -22.18 -29.63
C THR F 435 38.99 -21.18 -30.60
N PHE F 436 39.00 -21.56 -31.88
CA PHE F 436 39.57 -20.72 -32.91
C PHE F 436 38.78 -20.76 -34.21
N GLU F 437 37.58 -21.36 -34.22
CA GLU F 437 36.77 -21.43 -35.43
C GLU F 437 36.06 -20.13 -35.76
N HIS F 438 35.98 -19.20 -34.81
CA HIS F 438 35.34 -17.91 -35.03
C HIS F 438 36.35 -16.78 -35.27
N GLN F 439 37.64 -17.09 -35.26
CA GLN F 439 38.65 -16.05 -35.46
C GLN F 439 38.73 -15.62 -36.92
N GLN F 440 38.57 -16.56 -37.85
CA GLN F 440 38.66 -16.23 -39.27
C GLN F 440 37.54 -15.28 -39.74
N PRO F 441 36.26 -15.53 -39.45
CA PRO F 441 35.24 -14.58 -39.92
C PRO F 441 35.30 -13.25 -39.19
N LEU F 442 35.67 -13.23 -37.91
CA LEU F 442 35.74 -11.97 -37.16
C LEU F 442 36.78 -11.02 -37.73
N GLN F 443 37.74 -11.52 -38.51
CA GLN F 443 38.72 -10.65 -39.16
C GLN F 443 38.10 -9.84 -40.28
N ASP F 444 36.91 -10.21 -40.75
CA ASP F 444 36.24 -9.50 -41.82
C ASP F 444 35.14 -8.57 -41.33
N ARG F 445 34.92 -8.49 -40.02
CA ARG F 445 33.88 -7.64 -39.45
C ARG F 445 34.40 -6.65 -38.42
N MET F 446 35.61 -6.81 -37.92
CA MET F 446 36.19 -5.92 -36.91
C MET F 446 37.44 -5.25 -37.48
N PHE F 447 38.14 -4.53 -36.62
CA PHE F 447 39.36 -3.82 -36.98
C PHE F 447 40.40 -4.03 -35.89
N LYS F 448 41.53 -4.62 -36.26
CA LYS F 448 42.60 -4.89 -35.30
C LYS F 448 43.49 -3.67 -35.16
N PHE F 449 43.57 -3.12 -33.95
CA PHE F 449 44.40 -1.95 -33.65
C PHE F 449 45.37 -2.34 -32.54
N GLU F 450 46.49 -2.92 -32.94
CA GLU F 450 47.52 -3.35 -31.99
C GLU F 450 48.55 -2.24 -31.79
N LEU F 451 49.22 -2.29 -30.64
CA LEU F 451 50.24 -1.31 -30.30
C LEU F 451 51.15 -1.90 -29.24
N THR F 452 52.44 -1.54 -29.32
CA THR F 452 53.45 -2.01 -28.39
C THR F 452 54.12 -0.86 -27.64
N ARG F 453 53.47 0.29 -27.56
CA ARG F 453 54.01 1.46 -26.89
C ARG F 453 53.39 1.58 -25.50
N ARG F 454 54.24 1.69 -24.48
CA ARG F 454 53.80 1.81 -23.10
C ARG F 454 53.79 3.28 -22.69
N LEU F 455 52.75 3.67 -21.96
CA LEU F 455 52.59 5.04 -21.50
C LEU F 455 52.92 5.14 -20.01
N ASP F 456 53.32 6.33 -19.58
CA ASP F 456 53.67 6.58 -18.19
C ASP F 456 52.51 7.23 -17.45
N HIS F 457 52.82 8.12 -16.51
CA HIS F 457 51.81 8.81 -15.73
C HIS F 457 51.52 10.19 -16.33
N ASP F 458 50.40 10.77 -15.91
CA ASP F 458 49.95 12.09 -16.36
C ASP F 458 49.81 12.12 -17.88
N PHE F 459 48.91 11.27 -18.38
CA PHE F 459 48.67 11.18 -19.81
C PHE F 459 47.25 10.67 -20.06
N GLY F 460 46.27 11.28 -19.38
CA GLY F 460 44.89 10.89 -19.52
C GLY F 460 43.92 12.01 -19.25
N LYS F 461 43.04 11.81 -18.27
CA LYS F 461 42.00 12.77 -17.87
C LYS F 461 41.36 13.45 -19.09
N VAL F 462 41.07 12.66 -20.11
CA VAL F 462 40.46 13.18 -21.32
C VAL F 462 39.01 13.53 -21.03
N THR F 463 38.59 14.72 -21.49
CA THR F 463 37.22 15.19 -21.26
C THR F 463 36.40 15.12 -22.54
N LYS F 464 35.58 16.15 -22.78
CA LYS F 464 34.72 16.21 -23.96
C LYS F 464 35.20 17.19 -25.00
N GLN F 465 35.83 18.29 -24.60
CA GLN F 465 36.26 19.29 -25.58
C GLN F 465 37.35 18.74 -26.50
N GLU F 466 38.27 17.94 -25.94
CA GLU F 466 39.35 17.39 -26.75
C GLU F 466 38.82 16.43 -27.81
N VAL F 467 37.96 15.49 -27.40
CA VAL F 467 37.42 14.54 -28.37
C VAL F 467 36.48 15.22 -29.35
N LYS F 468 35.78 16.28 -28.90
CA LYS F 468 34.93 17.03 -29.82
C LYS F 468 35.74 17.73 -30.89
N ASP F 469 36.86 18.37 -30.49
CA ASP F 469 37.73 19.02 -31.46
C ASP F 469 38.37 18.00 -32.38
N PHE F 470 38.73 16.82 -31.86
CA PHE F 470 39.29 15.79 -32.71
C PHE F 470 38.27 15.30 -33.74
N PHE F 471 37.02 15.10 -33.32
CA PHE F 471 35.98 14.69 -34.25
C PHE F 471 35.72 15.77 -35.30
N ARG F 472 35.74 17.03 -34.89
CA ARG F 472 35.54 18.12 -35.85
C ARG F 472 36.67 18.18 -36.87
N TRP F 473 37.92 18.02 -36.41
CA TRP F 473 39.05 18.03 -37.32
C TRP F 473 39.02 16.83 -38.26
N ALA F 474 38.56 15.68 -37.77
CA ALA F 474 38.48 14.50 -38.63
C ALA F 474 37.36 14.64 -39.65
N LYS F 475 36.26 15.29 -39.27
CA LYS F 475 35.17 15.50 -40.22
C LYS F 475 35.51 16.57 -41.24
N ASP F 476 36.36 17.54 -40.87
CA ASP F 476 36.76 18.58 -41.81
C ASP F 476 37.64 18.05 -42.93
N HIS F 477 38.28 16.90 -42.74
CA HIS F 477 39.15 16.29 -43.74
C HIS F 477 38.72 14.85 -43.94
N VAL F 478 37.92 14.60 -44.97
CA VAL F 478 37.43 13.26 -45.26
C VAL F 478 38.51 12.48 -46.00
N VAL F 479 38.89 11.33 -45.46
CA VAL F 479 39.91 10.47 -46.06
C VAL F 479 39.32 9.08 -46.23
N GLU F 480 39.48 8.51 -47.42
CA GLU F 480 38.97 7.18 -47.71
C GLU F 480 39.77 6.13 -46.94
N VAL F 481 39.07 5.09 -46.48
CA VAL F 481 39.68 4.00 -45.71
C VAL F 481 39.40 2.70 -46.45
N GLU F 482 40.46 1.93 -46.71
CA GLU F 482 40.34 0.65 -47.37
C GLU F 482 40.02 -0.45 -46.36
N HIS F 483 39.50 -1.57 -46.86
CA HIS F 483 39.14 -2.70 -46.03
C HIS F 483 40.40 -3.48 -45.67
N GLU F 484 40.80 -3.40 -44.40
CA GLU F 484 41.99 -4.10 -43.92
C GLU F 484 41.86 -4.33 -42.43
N PHE F 485 42.06 -5.58 -41.99
CA PHE F 485 41.95 -5.91 -40.58
C PHE F 485 43.17 -5.44 -39.81
N TYR F 486 44.34 -5.95 -40.16
CA TYR F 486 45.59 -5.59 -39.48
C TYR F 486 46.01 -4.19 -39.93
N VAL F 487 46.00 -3.24 -38.99
CA VAL F 487 46.40 -1.87 -39.30
C VAL F 487 47.92 -1.79 -39.38
N LYS F 488 48.42 -1.27 -40.48
CA LYS F 488 49.86 -1.14 -40.67
C LYS F 488 50.44 -0.09 -39.73
N LYS F 489 51.72 -0.24 -39.41
CA LYS F 489 52.42 0.68 -38.52
C LYS F 489 53.12 1.76 -39.34
N GLY F 490 52.32 2.65 -39.89
CA GLY F 490 52.83 3.74 -40.71
C GLY F 490 52.10 5.03 -40.41
N GLY F 491 52.89 6.11 -40.31
CA GLY F 491 52.33 7.42 -40.03
C GLY F 491 52.36 7.79 -38.56
N VAL G 216 14.39 31.81 -17.11
CA VAL G 216 14.35 31.88 -15.66
C VAL G 216 13.22 32.80 -15.21
N ILE G 217 12.62 32.48 -14.08
CA ILE G 217 11.52 33.28 -13.54
C ILE G 217 11.99 34.24 -12.46
N ARG G 218 12.75 33.73 -11.49
CA ARG G 218 13.25 34.55 -10.40
C ARG G 218 12.11 35.28 -9.69
N SER G 219 11.48 34.59 -8.74
CA SER G 219 10.36 35.18 -7.99
C SER G 219 10.87 36.02 -6.83
N LYS G 220 10.57 35.57 -5.62
CA LYS G 220 11.00 36.28 -4.41
C LYS G 220 11.27 35.32 -3.27
N THR G 221 10.38 34.34 -3.10
CA THR G 221 10.53 33.34 -2.04
C THR G 221 11.63 32.35 -2.38
N SER G 222 11.84 32.13 -3.67
CA SER G 222 12.87 31.20 -4.14
C SER G 222 14.25 31.83 -4.03
N ALA G 223 14.30 33.15 -4.05
CA ALA G 223 15.55 33.89 -3.96
C ALA G 223 16.22 33.63 -2.60
N ARG G 224 15.41 33.58 -1.55
CA ARG G 224 15.93 33.34 -0.21
C ARG G 224 16.75 32.06 -0.17
N TYR G 225 16.26 31.02 -0.82
CA TYR G 225 16.95 29.74 -0.87
C TYR G 225 18.39 29.92 -1.33
N MET G 226 18.63 30.85 -2.25
CA MET G 226 19.99 31.15 -2.67
C MET G 226 20.87 31.53 -1.48
N GLU G 227 20.31 32.33 -0.57
CA GLU G 227 21.04 32.66 0.65
C GLU G 227 21.40 31.40 1.43
N LEU G 228 20.46 30.45 1.52
CA LEU G 228 20.74 29.17 2.15
C LEU G 228 21.90 28.46 1.46
N VAL G 229 22.02 28.63 0.13
CA VAL G 229 23.14 28.06 -0.60
C VAL G 229 24.46 28.52 0.00
N GLY G 230 24.54 29.79 0.40
CA GLY G 230 25.73 30.27 1.08
C GLY G 230 26.03 29.46 2.32
N TRP G 231 25.01 29.21 3.15
CA TRP G 231 25.19 28.34 4.31
C TRP G 231 25.63 26.95 3.86
N LEU G 232 25.09 26.46 2.75
CA LEU G 232 25.48 25.15 2.23
C LEU G 232 26.93 25.13 1.80
N VAL G 233 27.55 26.29 1.57
CA VAL G 233 28.97 26.37 1.29
C VAL G 233 29.72 27.12 2.40
N ASP G 234 29.08 27.30 3.56
CA ASP G 234 29.73 27.97 4.68
C ASP G 234 30.51 26.99 5.54
N LYS G 235 29.83 25.99 6.11
CA LYS G 235 30.47 25.00 6.95
C LYS G 235 30.28 23.57 6.44
N GLY G 236 29.55 23.38 5.35
CA GLY G 236 29.33 22.05 4.81
C GLY G 236 28.35 21.24 5.63
N ILE G 237 27.08 21.21 5.20
CA ILE G 237 26.03 20.49 5.90
C ILE G 237 25.42 19.50 4.92
N THR G 238 25.42 18.22 5.30
CA THR G 238 24.85 17.16 4.48
C THR G 238 23.57 16.59 5.08
N SER G 239 23.62 16.13 6.33
CA SER G 239 22.44 15.57 6.98
C SER G 239 21.67 16.65 7.73
N GLU G 240 21.31 16.38 8.97
CA GLU G 240 20.56 17.34 9.79
C GLU G 240 21.17 17.60 11.15
N LYS G 241 22.02 16.71 11.68
CA LYS G 241 22.62 16.94 12.98
C LYS G 241 23.52 18.17 12.98
N GLN G 242 24.32 18.30 11.92
CA GLN G 242 25.23 19.44 11.79
C GLN G 242 24.45 20.74 11.63
N TRP G 243 23.30 20.67 10.95
CA TRP G 243 22.46 21.83 10.72
C TRP G 243 21.81 22.29 12.03
N ILE G 244 21.48 21.34 12.89
CA ILE G 244 20.87 21.65 14.17
C ILE G 244 21.91 22.12 15.19
N GLN G 245 23.17 21.75 14.95
CA GLN G 245 24.25 22.14 15.84
C GLN G 245 24.83 23.49 15.46
N GLU G 246 24.48 23.96 14.26
CA GLU G 246 24.96 25.24 13.77
C GLU G 246 24.23 26.40 14.44
N ASP G 247 23.08 26.78 13.88
CA ASP G 247 22.29 27.86 14.42
C ASP G 247 20.80 27.55 14.34
N GLN G 248 20.02 28.17 15.23
CA GLN G 248 18.57 27.95 15.26
C GLN G 248 17.83 29.01 14.44
N ALA G 249 18.58 30.01 13.96
CA ALA G 249 17.99 31.07 13.17
C ALA G 249 17.53 30.58 11.81
N SER G 250 18.26 29.63 11.22
CA SER G 250 17.84 29.05 9.95
C SER G 250 16.51 28.33 10.09
N TYR G 251 16.36 27.55 11.16
CA TYR G 251 15.09 26.86 11.40
C TYR G 251 13.97 27.86 11.70
N ILE G 252 14.27 28.95 12.41
CA ILE G 252 13.26 29.96 12.67
C ILE G 252 12.79 30.58 11.36
N SER G 253 13.74 30.91 10.49
CA SER G 253 13.41 31.50 9.20
C SER G 253 12.61 30.53 8.34
N PHE G 254 12.95 29.25 8.40
CA PHE G 254 12.26 28.22 7.63
C PHE G 254 10.82 28.05 8.11
N ASN G 255 10.64 28.08 9.42
CA ASN G 255 9.31 27.93 10.00
C ASN G 255 8.45 29.16 9.75
N ALA G 256 9.11 30.32 9.67
CA ALA G 256 8.41 31.58 9.42
C ALA G 256 7.99 31.69 7.96
N ALA G 257 8.72 31.03 7.09
CA ALA G 257 8.43 31.05 5.66
C ALA G 257 7.36 30.02 5.30
N SER G 258 7.78 28.81 4.97
CA SER G 258 6.87 27.74 4.61
C SER G 258 7.10 26.50 5.45
N ASN G 259 6.02 25.93 5.99
CA ASN G 259 6.11 24.74 6.81
C ASN G 259 5.82 23.48 6.00
N SER G 260 6.87 22.88 5.44
CA SER G 260 6.72 21.67 4.63
C SER G 260 7.98 20.82 4.71
N ARG G 261 8.13 19.92 3.73
CA ARG G 261 9.29 19.03 3.69
C ARG G 261 9.49 18.47 2.29
N SER G 262 9.30 19.32 1.28
CA SER G 262 9.45 18.91 -0.11
C SER G 262 10.50 19.76 -0.82
N GLN G 263 10.58 21.03 -0.42
CA GLN G 263 11.54 21.96 -1.00
C GLN G 263 12.86 21.90 -0.25
N ILE G 264 12.76 21.79 1.07
CA ILE G 264 13.95 21.73 1.91
C ILE G 264 14.73 20.46 1.62
N LYS G 265 14.01 19.36 1.40
CA LYS G 265 14.63 18.08 1.10
C LYS G 265 15.29 18.14 -0.29
N ALA G 266 14.63 18.85 -1.20
CA ALA G 266 15.15 18.99 -2.57
C ALA G 266 16.48 19.72 -2.55
N ALA G 267 16.51 20.86 -1.84
CA ALA G 267 17.72 21.66 -1.73
C ALA G 267 18.84 20.87 -1.04
N LEU G 268 18.49 20.11 0.00
CA LEU G 268 19.48 19.33 0.73
C LEU G 268 20.12 18.28 -0.16
N ASP G 269 19.30 17.50 -0.88
CA ASP G 269 19.87 16.47 -1.74
C ASP G 269 20.63 17.06 -2.91
N ASN G 270 20.19 18.21 -3.43
CA ASN G 270 20.93 18.87 -4.50
C ASN G 270 22.30 19.34 -4.02
N ALA G 271 22.34 19.96 -2.83
CA ALA G 271 23.62 20.38 -2.28
C ALA G 271 24.53 19.20 -1.99
N GLY G 272 23.96 18.09 -1.50
CA GLY G 272 24.76 16.90 -1.26
C GLY G 272 25.35 16.34 -2.54
N LYS G 273 24.53 16.25 -3.59
CA LYS G 273 25.03 15.76 -4.88
C LYS G 273 26.09 16.69 -5.44
N ILE G 274 25.90 18.01 -5.29
CA ILE G 274 26.89 18.96 -5.79
C ILE G 274 28.21 18.79 -5.05
N MET G 275 28.15 18.70 -3.72
CA MET G 275 29.37 18.52 -2.92
C MET G 275 30.04 17.18 -3.18
N SER G 276 29.27 16.16 -3.56
CA SER G 276 29.85 14.85 -3.84
C SER G 276 30.42 14.72 -5.24
N LEU G 277 29.89 15.48 -6.21
CA LEU G 277 30.33 15.37 -7.59
C LEU G 277 31.28 16.49 -8.02
N THR G 278 31.41 17.56 -7.24
CA THR G 278 32.27 18.67 -7.63
C THR G 278 33.18 19.09 -6.49
N LYS G 279 32.60 19.45 -5.34
CA LYS G 279 33.38 19.94 -4.22
C LYS G 279 34.24 18.82 -3.64
N THR G 280 35.33 19.23 -2.97
CA THR G 280 36.25 18.29 -2.35
C THR G 280 36.26 18.47 -0.84
N ALA G 281 37.36 18.09 -0.19
CA ALA G 281 37.49 18.22 1.25
C ALA G 281 38.30 19.45 1.65
N PRO G 282 39.52 19.66 1.10
CA PRO G 282 40.29 20.84 1.53
C PRO G 282 39.61 22.15 1.19
N ASP G 283 38.77 22.18 0.16
CA ASP G 283 38.02 23.40 -0.16
C ASP G 283 37.08 23.80 0.97
N TYR G 284 36.69 22.86 1.83
CA TYR G 284 35.87 23.14 3.00
C TYR G 284 36.69 23.26 4.27
N LEU G 285 38.02 23.30 4.16
CA LEU G 285 38.90 23.42 5.30
C LEU G 285 39.68 24.74 5.35
N VAL G 286 39.61 25.54 4.30
CA VAL G 286 40.32 26.82 4.27
C VAL G 286 39.60 27.80 5.17
N GLY G 287 40.34 28.38 6.12
CA GLY G 287 39.74 29.33 7.02
C GLY G 287 39.45 30.66 6.35
N GLN G 288 38.45 31.37 6.88
CA GLN G 288 38.05 32.66 6.36
C GLN G 288 38.46 33.83 7.22
N GLN G 289 38.77 33.61 8.50
CA GLN G 289 39.17 34.67 9.41
C GLN G 289 40.68 34.66 9.57
N PRO G 290 41.40 35.71 9.17
CA PRO G 290 42.85 35.72 9.31
C PRO G 290 43.30 35.90 10.75
N VAL G 291 43.27 34.81 11.52
CA VAL G 291 43.68 34.88 12.92
C VAL G 291 45.20 34.84 13.04
N GLU G 292 45.81 33.75 12.58
CA GLU G 292 47.26 33.55 12.61
C GLU G 292 47.79 33.67 14.05
N ASP G 293 47.32 32.76 14.90
CA ASP G 293 47.71 32.71 16.30
C ASP G 293 48.11 31.28 16.64
N ILE G 294 49.42 31.06 16.85
CA ILE G 294 49.92 29.73 17.18
C ILE G 294 49.74 29.37 18.64
N SER G 295 49.43 30.35 19.49
CA SER G 295 49.24 30.07 20.91
C SER G 295 47.88 29.43 21.18
N SER G 296 46.83 29.88 20.48
CA SER G 296 45.50 29.32 20.66
C SER G 296 45.36 27.93 20.05
N ASN G 297 46.23 27.57 19.12
CA ASN G 297 46.18 26.24 18.49
C ASN G 297 46.65 25.20 19.49
N ARG G 298 45.71 24.49 20.10
CA ARG G 298 46.05 23.51 21.12
C ARG G 298 46.62 22.23 20.53
N ILE G 299 46.24 21.88 19.30
CA ILE G 299 46.75 20.66 18.69
C ILE G 299 48.20 20.81 18.24
N TYR G 300 48.72 22.04 18.21
CA TYR G 300 50.12 22.24 17.86
C TYR G 300 51.04 21.75 18.97
N LYS G 301 50.58 21.77 20.22
CA LYS G 301 51.39 21.25 21.32
C LYS G 301 51.64 19.76 21.17
N ILE G 302 50.65 19.02 20.68
CA ILE G 302 50.83 17.59 20.46
C ILE G 302 51.91 17.35 19.41
N LEU G 303 51.88 18.12 18.33
CA LEU G 303 52.87 17.96 17.26
C LEU G 303 54.26 18.36 17.74
N GLU G 304 54.36 19.41 18.56
CA GLU G 304 55.66 19.82 19.07
C GLU G 304 56.19 18.90 20.15
N LEU G 305 55.30 18.13 20.81
CA LEU G 305 55.75 17.18 21.81
C LEU G 305 56.13 15.85 21.19
N ASN G 306 55.44 15.44 20.12
CA ASN G 306 55.76 14.19 19.45
C ASN G 306 57.07 14.27 18.67
N GLY G 307 57.57 15.48 18.42
CA GLY G 307 58.81 15.64 17.69
C GLY G 307 58.59 15.93 16.21
N TYR G 308 57.58 16.74 15.90
CA TYR G 308 57.24 17.09 14.54
C TYR G 308 57.52 18.58 14.31
N ASP G 309 58.08 18.89 13.15
CA ASP G 309 58.38 20.28 12.82
C ASP G 309 57.08 21.02 12.50
N PRO G 310 56.93 22.26 12.98
CA PRO G 310 55.69 23.01 12.68
C PRO G 310 55.48 23.28 11.20
N GLN G 311 56.54 23.31 10.40
CA GLN G 311 56.45 23.55 8.96
C GLN G 311 56.75 22.27 8.17
N TYR G 312 56.25 21.14 8.66
CA TYR G 312 56.47 19.86 7.98
C TYR G 312 55.16 19.10 7.82
N ALA G 313 54.61 18.61 8.93
CA ALA G 313 53.34 17.87 8.88
C ALA G 313 52.20 18.73 8.34
N ALA G 314 52.27 20.05 8.56
CA ALA G 314 51.27 20.95 8.02
C ALA G 314 51.20 20.84 6.50
N SER G 315 52.32 21.09 5.83
CA SER G 315 52.36 20.94 4.37
C SER G 315 52.13 19.49 3.96
N VAL G 316 52.48 18.53 4.82
CA VAL G 316 52.24 17.13 4.50
C VAL G 316 50.75 16.86 4.32
N PHE G 317 49.94 17.21 5.33
CA PHE G 317 48.50 16.99 5.17
C PHE G 317 47.85 17.99 4.23
N LEU G 318 48.50 19.14 3.97
CA LEU G 318 48.01 20.03 2.93
C LEU G 318 48.10 19.36 1.55
N GLY G 319 49.26 18.78 1.24
CA GLY G 319 49.38 18.04 0.00
C GLY G 319 48.57 16.76 -0.02
N TRP G 320 48.34 16.16 1.15
CA TRP G 320 47.52 14.96 1.22
C TRP G 320 46.06 15.27 0.92
N ALA G 321 45.56 16.42 1.39
CA ALA G 321 44.17 16.79 1.17
C ALA G 321 43.95 17.34 -0.23
N THR G 322 44.86 18.20 -0.71
CA THR G 322 44.72 18.81 -2.02
C THR G 322 45.21 17.93 -3.15
N LYS G 323 45.63 16.69 -2.86
CA LYS G 323 46.12 15.75 -3.87
C LYS G 323 47.29 16.34 -4.65
N LYS G 324 48.29 16.83 -3.92
CA LYS G 324 49.46 17.43 -4.56
C LYS G 324 50.50 16.38 -4.93
N PHE G 325 50.79 15.45 -4.03
CA PHE G 325 51.77 14.41 -4.31
C PHE G 325 51.24 13.40 -5.32
N GLY G 326 49.96 13.07 -5.23
CA GLY G 326 49.35 12.10 -6.14
C GLY G 326 49.48 10.66 -5.72
N LYS G 327 50.73 10.19 -5.54
CA LYS G 327 50.99 8.83 -5.12
C LYS G 327 50.99 8.66 -3.60
N ARG G 328 51.65 9.58 -2.88
CA ARG G 328 51.69 9.53 -1.42
C ARG G 328 50.48 10.26 -0.85
N ASN G 329 49.31 9.67 -1.06
CA ASN G 329 48.04 10.22 -0.60
C ASN G 329 47.50 9.48 0.61
N THR G 330 48.37 9.08 1.53
CA THR G 330 47.97 8.34 2.72
C THR G 330 48.86 8.75 3.88
N ILE G 331 48.25 8.99 5.04
CA ILE G 331 48.95 9.35 6.26
C ILE G 331 48.60 8.32 7.33
N TRP G 332 49.60 7.58 7.79
CA TRP G 332 49.43 6.55 8.79
C TRP G 332 49.98 7.03 10.12
N LEU G 333 49.19 6.90 11.17
CA LEU G 333 49.58 7.32 12.52
C LEU G 333 49.92 6.08 13.35
N PHE G 334 51.03 6.15 14.08
CA PHE G 334 51.48 5.05 14.92
C PHE G 334 51.76 5.56 16.32
N GLY G 335 51.48 4.73 17.31
CA GLY G 335 51.69 5.09 18.70
C GLY G 335 50.73 4.39 19.63
N PRO G 336 50.76 4.75 20.92
CA PRO G 336 49.86 4.12 21.88
C PRO G 336 48.43 4.61 21.69
N ALA G 337 47.49 3.78 22.15
CA ALA G 337 46.07 4.08 22.05
C ALA G 337 45.60 5.10 23.08
N THR G 338 46.43 5.42 24.08
CA THR G 338 46.07 6.38 25.11
C THR G 338 46.49 7.81 24.77
N THR G 339 46.88 8.07 23.52
CA THR G 339 47.30 9.41 23.13
C THR G 339 46.08 10.32 22.93
N GLY G 340 45.36 10.14 21.83
CA GLY G 340 44.19 10.94 21.55
C GLY G 340 43.99 11.21 20.08
N LYS G 341 44.58 10.38 19.22
CA LYS G 341 44.42 10.56 17.78
C LYS G 341 43.01 10.24 17.32
N THR G 342 42.32 9.34 18.03
CA THR G 342 40.95 9.00 17.66
C THR G 342 40.02 10.19 17.81
N ASN G 343 40.22 11.00 18.85
CA ASN G 343 39.38 12.18 19.03
C ASN G 343 39.58 13.18 17.91
N ILE G 344 40.84 13.41 17.51
CA ILE G 344 41.11 14.33 16.42
C ILE G 344 40.55 13.79 15.11
N ALA G 345 40.65 12.48 14.90
CA ALA G 345 40.09 11.88 13.69
C ALA G 345 38.57 12.04 13.65
N GLU G 346 37.90 11.81 14.78
CA GLU G 346 36.46 11.99 14.83
C GLU G 346 36.07 13.45 14.62
N ALA G 347 36.86 14.38 15.17
CA ALA G 347 36.57 15.80 14.96
C ALA G 347 36.71 16.19 13.50
N ILE G 348 37.77 15.70 12.84
CA ILE G 348 37.97 16.01 11.43
C ILE G 348 36.86 15.39 10.59
N ALA G 349 36.42 14.18 10.95
CA ALA G 349 35.33 13.53 10.21
C ALA G 349 34.02 14.29 10.41
N HIS G 350 33.80 14.84 11.60
CA HIS G 350 32.58 15.60 11.85
C HIS G 350 32.62 16.94 11.11
N THR G 351 33.79 17.57 11.03
CA THR G 351 33.89 18.84 10.30
C THR G 351 33.75 18.64 8.80
N VAL G 352 34.09 17.45 8.29
CA VAL G 352 33.95 17.16 6.87
C VAL G 352 32.52 16.74 6.59
N PRO G 353 31.85 17.33 5.60
CA PRO G 353 30.44 16.96 5.35
C PRO G 353 30.28 15.54 4.82
N PHE G 354 31.25 15.03 4.08
CA PHE G 354 31.19 13.67 3.52
C PHE G 354 32.38 12.89 4.05
N TYR G 355 32.21 12.26 5.21
CA TYR G 355 33.25 11.46 5.84
C TYR G 355 32.91 9.98 5.74
N GLY G 356 33.95 9.16 5.68
CA GLY G 356 33.77 7.72 5.58
C GLY G 356 34.53 6.95 6.65
N CYS G 357 33.80 6.17 7.45
CA CYS G 357 34.38 5.38 8.52
C CYS G 357 34.26 3.91 8.16
N VAL G 358 35.40 3.20 8.13
CA VAL G 358 35.43 1.79 7.81
C VAL G 358 35.13 1.02 9.09
N ASN G 359 33.90 0.53 9.21
CA ASN G 359 33.47 -0.23 10.37
C ASN G 359 33.55 -1.72 10.04
N TRP G 360 34.41 -2.44 10.76
CA TRP G 360 34.61 -3.88 10.55
C TRP G 360 33.40 -4.63 11.11
N THR G 361 32.36 -4.75 10.27
CA THR G 361 31.14 -5.45 10.65
C THR G 361 30.83 -6.61 9.73
N ASN G 362 30.91 -6.42 8.42
CA ASN G 362 30.64 -7.47 7.44
C ASN G 362 31.94 -8.10 6.98
N GLU G 363 31.84 -9.33 6.49
CA GLU G 363 33.02 -10.04 6.02
C GLU G 363 33.37 -9.66 4.59
N ASN G 364 32.38 -9.20 3.82
CA ASN G 364 32.59 -8.80 2.43
C ASN G 364 32.18 -7.35 2.16
N PHE G 365 32.06 -6.54 3.20
CA PHE G 365 31.68 -5.13 3.06
C PHE G 365 32.20 -4.34 4.25
N PRO G 366 33.50 -4.03 4.28
CA PRO G 366 34.05 -3.26 5.40
C PRO G 366 33.75 -1.78 5.28
N PHE G 367 33.65 -1.28 4.05
CA PHE G 367 33.37 0.14 3.82
C PHE G 367 31.86 0.36 3.76
N ASN G 368 31.25 0.23 4.94
CA ASN G 368 29.80 0.41 5.05
C ASN G 368 29.41 1.89 4.95
N ASP G 369 30.16 2.75 5.62
CA ASP G 369 29.87 4.18 5.60
C ASP G 369 30.56 4.90 4.45
N CYS G 370 31.64 4.33 3.90
CA CYS G 370 32.37 4.95 2.81
C CYS G 370 31.58 4.80 1.51
N VAL G 371 30.58 5.67 1.35
CA VAL G 371 29.73 5.65 0.16
C VAL G 371 30.01 6.89 -0.67
N ASP G 372 31.15 6.88 -1.38
CA ASP G 372 31.56 8.00 -2.24
C ASP G 372 31.65 9.30 -1.43
N LYS G 373 32.46 9.26 -0.38
CA LYS G 373 32.66 10.40 0.49
C LYS G 373 33.94 11.15 0.08
N MET G 374 34.48 11.96 0.99
CA MET G 374 35.69 12.73 0.73
C MET G 374 36.92 12.17 1.43
N VAL G 375 36.80 11.79 2.69
CA VAL G 375 37.91 11.25 3.47
C VAL G 375 37.48 9.91 4.05
N ILE G 376 38.27 8.88 3.80
CA ILE G 376 38.00 7.53 4.30
C ILE G 376 38.89 7.29 5.52
N TRP G 377 38.26 6.88 6.62
CA TRP G 377 38.96 6.62 7.87
C TRP G 377 39.02 5.11 8.10
N TRP G 378 40.24 4.58 8.19
CA TRP G 378 40.46 3.15 8.42
C TRP G 378 40.59 2.92 9.92
N GLU G 379 39.65 2.17 10.49
CA GLU G 379 39.64 1.89 11.91
C GLU G 379 40.59 0.73 12.22
N GLU G 380 40.57 0.27 13.47
CA GLU G 380 41.46 -0.83 13.88
C GLU G 380 40.96 -2.15 13.30
N GLY G 381 41.90 -3.00 12.90
CA GLY G 381 41.58 -4.29 12.34
C GLY G 381 42.36 -4.57 11.06
N LYS G 382 42.67 -5.84 10.84
CA LYS G 382 43.41 -6.27 9.67
C LYS G 382 42.45 -6.69 8.56
N MET G 383 42.91 -6.52 7.33
CA MET G 383 42.11 -6.85 6.14
C MET G 383 42.47 -8.24 5.63
N THR G 384 41.50 -8.90 5.00
CA THR G 384 41.70 -10.22 4.44
C THR G 384 42.31 -10.12 3.05
N ALA G 385 43.04 -11.17 2.67
CA ALA G 385 43.69 -11.22 1.36
C ALA G 385 42.69 -11.53 0.25
N LYS G 386 41.89 -10.53 -0.12
CA LYS G 386 40.89 -10.69 -1.18
C LYS G 386 40.82 -9.44 -2.04
N VAL G 387 41.20 -8.30 -1.46
CA VAL G 387 41.19 -7.03 -2.16
C VAL G 387 42.32 -6.15 -1.67
N VAL G 388 43.31 -6.80 -1.04
CA VAL G 388 44.47 -6.09 -0.50
C VAL G 388 45.13 -5.23 -1.58
N GLU G 389 45.41 -5.83 -2.74
CA GLU G 389 45.95 -5.04 -3.85
C GLU G 389 44.98 -3.94 -4.27
N SER G 390 43.67 -4.22 -4.20
CA SER G 390 42.69 -3.18 -4.46
C SER G 390 42.80 -2.04 -3.46
N ALA G 391 43.11 -2.37 -2.20
CA ALA G 391 43.35 -1.34 -1.20
C ALA G 391 44.50 -0.44 -1.59
N LYS G 392 45.44 -0.94 -2.40
CA LYS G 392 46.51 -0.11 -2.91
C LYS G 392 45.96 1.06 -3.71
N ALA G 393 44.93 0.80 -4.53
CA ALA G 393 44.29 1.86 -5.29
C ALA G 393 43.65 2.90 -4.36
N ILE G 394 43.30 2.48 -3.14
CA ILE G 394 42.79 3.42 -2.15
C ILE G 394 43.89 3.98 -1.27
N LEU G 395 45.07 3.36 -1.27
CA LEU G 395 46.20 3.83 -0.47
C LEU G 395 47.28 4.51 -1.30
N GLY G 396 47.08 4.65 -2.61
CA GLY G 396 48.04 5.29 -3.46
C GLY G 396 47.45 6.37 -4.34
N GLY G 397 46.15 6.61 -4.19
CA GLY G 397 45.48 7.63 -4.98
C GLY G 397 45.25 7.20 -6.41
N SER G 398 44.55 6.09 -6.61
CA SER G 398 44.24 5.57 -7.93
C SER G 398 42.75 5.27 -8.03
N LYS G 399 42.31 4.97 -9.25
CA LYS G 399 40.92 4.67 -9.53
C LYS G 399 40.81 3.20 -9.96
N VAL G 400 39.90 2.47 -9.32
CA VAL G 400 39.68 1.06 -9.62
C VAL G 400 38.21 0.74 -9.35
N ARG G 401 37.75 -0.35 -9.95
CA ARG G 401 36.37 -0.81 -9.81
C ARG G 401 36.33 -1.95 -8.80
N VAL G 402 35.56 -1.76 -7.72
CA VAL G 402 35.42 -2.76 -6.68
C VAL G 402 34.00 -3.32 -6.71
N ASP G 403 33.79 -4.39 -5.94
CA ASP G 403 32.50 -5.05 -5.85
C ASP G 403 31.85 -4.70 -4.52
N GLN G 404 30.61 -4.20 -4.58
CA GLN G 404 29.89 -3.82 -3.37
C GLN G 404 29.15 -5.02 -2.80
N LYS G 405 27.85 -4.85 -2.54
CA LYS G 405 27.05 -5.94 -1.98
C LYS G 405 26.61 -6.91 -3.06
N CYS G 406 25.32 -6.94 -3.37
CA CYS G 406 24.76 -7.82 -4.39
C CYS G 406 24.29 -6.99 -5.56
N LYS G 407 24.81 -7.28 -6.75
CA LYS G 407 24.46 -6.58 -7.98
C LYS G 407 24.70 -5.08 -7.85
N SER G 408 25.93 -4.74 -7.48
CA SER G 408 26.32 -3.34 -7.31
C SER G 408 27.82 -3.23 -7.52
N SER G 409 28.24 -2.38 -8.44
CA SER G 409 29.66 -2.17 -8.75
C SER G 409 29.88 -0.68 -8.94
N ALA G 410 30.58 -0.06 -8.01
CA ALA G 410 30.88 1.36 -8.05
C ALA G 410 32.39 1.57 -8.08
N GLN G 411 32.83 2.57 -8.84
CA GLN G 411 34.25 2.90 -8.97
C GLN G 411 34.67 3.80 -7.82
N ILE G 412 35.80 3.46 -7.20
CA ILE G 412 36.33 4.22 -6.08
C ILE G 412 37.24 5.32 -6.62
N ASP G 413 36.88 6.57 -6.35
CA ASP G 413 37.67 7.70 -6.79
C ASP G 413 38.89 7.88 -5.90
N PRO G 414 40.00 8.41 -6.45
CA PRO G 414 41.20 8.65 -5.62
C PRO G 414 40.93 9.64 -4.50
N THR G 415 40.47 9.14 -3.35
CA THR G 415 40.13 9.95 -2.20
C THR G 415 41.23 9.87 -1.14
N PRO G 416 41.49 10.96 -0.42
CA PRO G 416 42.49 10.93 0.65
C PRO G 416 42.04 10.02 1.78
N VAL G 417 42.92 9.11 2.19
CA VAL G 417 42.63 8.12 3.20
C VAL G 417 43.68 8.23 4.31
N ILE G 418 43.24 8.28 5.56
CA ILE G 418 44.11 8.31 6.72
C ILE G 418 43.81 7.10 7.58
N VAL G 419 44.85 6.36 7.94
CA VAL G 419 44.70 5.16 8.76
C VAL G 419 44.73 5.57 10.22
N THR G 420 43.64 5.27 10.93
CA THR G 420 43.51 5.60 12.35
C THR G 420 43.92 4.45 13.26
N SER G 421 44.45 3.37 12.71
CA SER G 421 44.88 2.23 13.51
C SER G 421 46.17 2.56 14.24
N ASN G 422 46.11 2.63 15.57
CA ASN G 422 47.30 2.95 16.35
C ASN G 422 48.24 1.77 16.49
N THR G 423 47.77 0.56 16.18
CA THR G 423 48.61 -0.64 16.28
C THR G 423 49.51 -0.75 15.05
N ASN G 424 50.24 -1.86 14.97
CA ASN G 424 51.16 -2.10 13.85
C ASN G 424 50.34 -2.45 12.62
N MET G 425 50.11 -1.45 11.75
CA MET G 425 49.34 -1.68 10.53
C MET G 425 50.14 -2.43 9.47
N CYS G 426 51.47 -2.43 9.57
CA CYS G 426 52.28 -3.13 8.58
C CYS G 426 52.14 -4.65 8.71
N ALA G 427 51.80 -5.14 9.90
CA ALA G 427 51.63 -6.58 10.14
C ALA G 427 50.20 -6.96 9.74
N VAL G 428 50.00 -7.14 8.43
CA VAL G 428 48.70 -7.51 7.90
C VAL G 428 48.45 -8.98 8.22
N ILE G 429 47.46 -9.25 9.07
CA ILE G 429 47.12 -10.61 9.46
C ILE G 429 46.05 -11.12 8.50
N ASP G 430 46.37 -12.19 7.77
CA ASP G 430 45.42 -12.78 6.81
C ASP G 430 44.58 -13.82 7.54
N GLY G 431 43.66 -13.31 8.37
CA GLY G 431 42.78 -14.17 9.14
C GLY G 431 43.48 -14.82 10.32
N ASN G 432 44.35 -15.79 10.05
CA ASN G 432 45.09 -16.48 11.09
C ASN G 432 46.60 -16.48 10.88
N SER G 433 47.09 -15.83 9.83
CA SER G 433 48.52 -15.77 9.54
C SER G 433 48.90 -14.34 9.20
N THR G 434 50.01 -13.88 9.78
CA THR G 434 50.48 -12.52 9.54
C THR G 434 51.35 -12.49 8.30
N THR G 435 51.00 -11.64 7.34
CA THR G 435 51.73 -11.50 6.09
C THR G 435 52.61 -10.25 6.12
N PHE G 436 53.63 -10.25 5.26
CA PHE G 436 54.54 -9.11 5.18
C PHE G 436 54.97 -8.81 3.75
N GLU G 437 54.34 -9.41 2.74
CA GLU G 437 54.70 -9.14 1.36
C GLU G 437 54.16 -7.83 0.84
N HIS G 438 53.21 -7.21 1.53
CA HIS G 438 52.64 -5.93 1.12
C HIS G 438 53.21 -4.76 1.93
N GLN G 439 54.12 -5.01 2.87
CA GLN G 439 54.69 -3.94 3.68
C GLN G 439 55.68 -3.11 2.89
N GLN G 440 56.47 -3.74 2.01
CA GLN G 440 57.47 -3.00 1.25
C GLN G 440 56.86 -2.00 0.28
N PRO G 441 55.87 -2.35 -0.56
CA PRO G 441 55.31 -1.33 -1.46
C PRO G 441 54.52 -0.25 -0.74
N LEU G 442 53.83 -0.61 0.36
CA LEU G 442 53.05 0.38 1.10
C LEU G 442 53.91 1.48 1.69
N GLN G 443 55.22 1.25 1.84
CA GLN G 443 56.11 2.29 2.32
C GLN G 443 56.34 3.38 1.28
N ASP G 444 55.98 3.13 0.03
CA ASP G 444 56.14 4.11 -1.05
C ASP G 444 54.85 4.82 -1.41
N ARG G 445 53.74 4.51 -0.73
CA ARG G 445 52.46 5.13 -1.01
C ARG G 445 51.82 5.80 0.19
N MET G 446 52.30 5.53 1.41
CA MET G 446 51.74 6.11 2.62
C MET G 446 52.80 6.95 3.32
N PHE G 447 52.46 7.41 4.53
CA PHE G 447 53.37 8.22 5.35
C PHE G 447 53.29 7.72 6.78
N LYS G 448 54.44 7.30 7.31
CA LYS G 448 54.51 6.78 8.67
C LYS G 448 54.71 7.94 9.65
N PHE G 449 53.75 8.11 10.57
CA PHE G 449 53.81 9.17 11.57
C PHE G 449 53.73 8.50 12.95
N GLU G 450 54.90 8.10 13.45
CA GLU G 450 54.97 7.44 14.75
C GLU G 450 55.25 8.46 15.84
N LEU G 451 54.86 8.10 17.07
CA LEU G 451 55.05 8.96 18.22
C LEU G 451 55.03 8.11 19.48
N THR G 452 55.84 8.52 20.46
CA THR G 452 55.94 7.82 21.74
C THR G 452 55.57 8.73 22.92
N ARG G 453 54.81 9.79 22.67
CA ARG G 453 54.41 10.72 23.71
C ARG G 453 52.97 10.41 24.13
N ARG G 454 52.77 10.25 25.43
CA ARG G 454 51.44 9.96 25.97
C ARG G 454 50.78 11.23 26.50
N LEU G 455 49.50 11.39 26.22
CA LEU G 455 48.75 12.56 26.66
C LEU G 455 47.89 12.25 27.88
N ASP G 456 47.58 13.28 28.66
CA ASP G 456 46.77 13.13 29.85
C ASP G 456 45.31 13.45 29.57
N HIS G 457 44.66 14.14 30.51
CA HIS G 457 43.27 14.52 30.37
C HIS G 457 43.12 15.99 29.99
N ASP G 458 41.95 16.35 29.48
CA ASP G 458 41.67 17.73 29.08
C ASP G 458 42.67 18.21 28.02
N PHE G 459 42.64 17.51 26.88
CA PHE G 459 43.54 17.82 25.77
C PHE G 459 42.91 17.37 24.46
N GLY G 460 41.64 17.74 24.25
CA GLY G 460 40.93 17.37 23.05
C GLY G 460 39.84 18.35 22.68
N LYS G 461 38.61 17.86 22.58
CA LYS G 461 37.47 18.69 22.23
C LYS G 461 37.79 19.65 21.09
N VAL G 462 38.42 19.12 20.04
CA VAL G 462 38.78 19.91 18.88
C VAL G 462 37.55 20.27 18.06
N THR G 463 37.35 21.56 17.82
CA THR G 463 36.21 22.03 17.05
C THR G 463 36.55 22.15 15.57
N LYS G 464 36.03 23.19 14.92
CA LYS G 464 36.27 23.42 13.50
C LYS G 464 37.09 24.70 13.27
N GLN G 465 36.93 25.65 14.18
CA GLN G 465 37.66 26.92 14.08
C GLN G 465 39.15 26.72 14.29
N GLU G 466 39.52 25.77 15.15
CA GLU G 466 40.91 25.49 15.43
C GLU G 466 41.61 24.91 14.22
N VAL G 467 41.00 23.88 13.62
CA VAL G 467 41.57 23.24 12.44
C VAL G 467 41.49 24.15 11.24
N LYS G 468 40.47 25.02 11.16
CA LYS G 468 40.40 25.97 10.05
C LYS G 468 41.54 26.98 10.13
N ASP G 469 41.82 27.50 11.33
CA ASP G 469 42.94 28.43 11.49
C ASP G 469 44.26 27.74 11.21
N PHE G 470 44.39 26.47 11.61
CA PHE G 470 45.62 25.74 11.33
C PHE G 470 45.82 25.55 9.83
N PHE G 471 44.74 25.20 9.11
CA PHE G 471 44.82 25.05 7.66
C PHE G 471 45.16 26.38 6.99
N ARG G 472 44.58 27.48 7.49
CA ARG G 472 44.88 28.79 6.91
C ARG G 472 46.34 29.16 7.13
N TRP G 473 46.85 28.91 8.34
CA TRP G 473 48.26 29.22 8.63
C TRP G 473 49.20 28.34 7.81
N ALA G 474 48.82 27.09 7.57
CA ALA G 474 49.65 26.20 6.77
C ALA G 474 49.63 26.61 5.29
N LYS G 475 48.48 27.09 4.81
CA LYS G 475 48.40 27.53 3.43
C LYS G 475 49.12 28.87 3.23
N ASP G 476 49.17 29.70 4.27
CA ASP G 476 49.86 30.99 4.15
C ASP G 476 51.37 30.82 4.02
N HIS G 477 51.92 29.68 4.43
CA HIS G 477 53.36 29.42 4.35
C HIS G 477 53.55 28.07 3.66
N VAL G 478 53.83 28.11 2.36
CA VAL G 478 54.03 26.91 1.58
C VAL G 478 55.46 26.40 1.80
N VAL G 479 55.59 25.15 2.22
CA VAL G 479 56.89 24.53 2.48
C VAL G 479 56.96 23.24 1.69
N GLU G 480 58.05 23.05 0.96
CA GLU G 480 58.23 21.85 0.17
C GLU G 480 58.45 20.63 1.07
N VAL G 481 57.92 19.49 0.66
CA VAL G 481 58.01 18.24 1.41
C VAL G 481 58.67 17.20 0.52
N GLU G 482 59.72 16.57 1.03
CA GLU G 482 60.43 15.52 0.30
C GLU G 482 59.74 14.17 0.52
N HIS G 483 60.04 13.24 -0.39
CA HIS G 483 59.46 11.91 -0.33
C HIS G 483 60.21 11.08 0.72
N GLU G 484 59.54 10.81 1.84
CA GLU G 484 60.14 10.03 2.91
C GLU G 484 59.03 9.37 3.72
N PHE G 485 59.14 8.06 3.92
CA PHE G 485 58.13 7.33 4.68
C PHE G 485 58.26 7.59 6.18
N TYR G 486 59.41 7.23 6.75
CA TYR G 486 59.64 7.41 8.18
C TYR G 486 59.91 8.89 8.45
N VAL G 487 59.01 9.53 9.20
CA VAL G 487 59.16 10.93 9.54
C VAL G 487 60.18 11.07 10.66
N LYS G 488 61.19 11.91 10.44
CA LYS G 488 62.24 12.12 11.43
C LYS G 488 61.69 12.87 12.64
N LYS G 489 62.33 12.66 13.79
CA LYS G 489 61.92 13.31 15.04
C LYS G 489 62.72 14.59 15.23
N GLY G 490 62.38 15.59 14.43
CA GLY G 490 63.05 16.88 14.48
C GLY G 490 62.07 18.02 14.34
N GLY G 491 62.24 19.03 15.18
CA GLY G 491 61.37 20.20 15.16
C GLY G 491 60.25 20.11 16.17
#